data_1DTL
# 
_entry.id   1DTL 
# 
_audit_conform.dict_name       mmcif_pdbx.dic 
_audit_conform.dict_version    5.375 
_audit_conform.dict_location   http://mmcif.pdb.org/dictionaries/ascii/mmcif_pdbx.dic 
# 
loop_
_database_2.database_id 
_database_2.database_code 
_database_2.pdbx_database_accession 
_database_2.pdbx_DOI 
PDB   1DTL         pdb_00001dtl 10.2210/pdb1dtl/pdb 
RCSB  RCSB010355   ?            ?                   
WWPDB D_1000010355 ?            ?                   
# 
_pdbx_database_status.status_code                     REL 
_pdbx_database_status.entry_id                        1DTL 
_pdbx_database_status.recvd_initial_deposition_date   2000-01-12 
_pdbx_database_status.deposit_site                    RCSB 
_pdbx_database_status.process_site                    RCSB 
_pdbx_database_status.SG_entry                        . 
_pdbx_database_status.pdb_format_compatible           Y 
_pdbx_database_status.status_code_mr                  ? 
_pdbx_database_status.status_code_sf                  ? 
_pdbx_database_status.status_code_cs                  ? 
_pdbx_database_status.status_code_nmr_data            ? 
_pdbx_database_status.methods_development_category    ? 
# 
loop_
_audit_author.name 
_audit_author.pdbx_ordinal 
'Li, Y.'       1 
'Love, M.L.'   2 
'Putkey, J.A.' 3 
'Cohen, C.'    4 
# 
_citation.id                        primary 
_citation.title                     'Bepridil opens the regulatory N-terminal lobe of cardiac troponin C.' 
_citation.journal_abbrev            Proc.Natl.Acad.Sci.USA 
_citation.journal_volume            97 
_citation.page_first                5140 
_citation.page_last                 5145 
_citation.year                      2000 
_citation.journal_id_ASTM           PNASA6 
_citation.country                   US 
_citation.journal_id_ISSN           0027-8424 
_citation.journal_id_CSD            0040 
_citation.book_publisher            ? 
_citation.pdbx_database_id_PubMed   10792039 
_citation.pdbx_database_id_DOI      10.1073/pnas.090098997 
# 
loop_
_citation_author.citation_id 
_citation_author.name 
_citation_author.ordinal 
_citation_author.identifier_ORCID 
primary 'Li, Y.'       1 ? 
primary 'Love, M.L.'   2 ? 
primary 'Putkey, J.A.' 3 ? 
primary 'Cohen, C.'    4 ? 
# 
_cell.entry_id           1DTL 
_cell.length_a           36.270 
_cell.length_b           62.040 
_cell.length_c           62.040 
_cell.angle_alpha        90.00 
_cell.angle_beta         90.00 
_cell.angle_gamma        90.00 
_cell.Z_PDB              4 
_cell.pdbx_unique_axis   ? 
# 
_symmetry.entry_id                         1DTL 
_symmetry.space_group_name_H-M             'P 21 21 21' 
_symmetry.pdbx_full_space_group_name_H-M   ? 
_symmetry.cell_setting                     ? 
_symmetry.Int_Tables_number                19 
# 
loop_
_entity.id 
_entity.type 
_entity.src_method 
_entity.pdbx_description 
_entity.formula_weight 
_entity.pdbx_number_of_molecules 
_entity.pdbx_ec 
_entity.pdbx_mutation 
_entity.pdbx_fragment 
_entity.details 
1 polymer     man 'CARDIAC TROPONIN C'                                   18401.377 1   ? 'C35S, C84S' ? ? 
2 non-polymer syn 'CALCIUM ION'                                          40.078    3   ? ?            ? ? 
3 non-polymer syn '1-ISOBUTOXY-2-PYRROLIDINO-3[N-BENZYLANILINO] PROPANE' 366.540   3   ? ?            ? ? 
4 water       nat water                                                  18.015    123 ? ?            ? ? 
# 
_entity_poly.entity_id                      1 
_entity_poly.type                           'polypeptide(L)' 
_entity_poly.nstd_linkage                   no 
_entity_poly.nstd_monomer                   no 
_entity_poly.pdbx_seq_one_letter_code       
;MDDIYKAAVEQLTEEQKNEFKAAFDIFVLGAEDGSISTKELGKVMRMLGQNPTPEELQEMIDEVDEDGSGTVDFDEFLVM
MVRSMKDDSKGKSEEELSDLFRMFDKNADGYIDLEELKIMLQATGETITEDDIEELMKDGDKNNDGRIDYDEFLEFMKGV
E
;
_entity_poly.pdbx_seq_one_letter_code_can   
;MDDIYKAAVEQLTEEQKNEFKAAFDIFVLGAEDGSISTKELGKVMRMLGQNPTPEELQEMIDEVDEDGSGTVDFDEFLVM
MVRSMKDDSKGKSEEELSDLFRMFDKNADGYIDLEELKIMLQATGETITEDDIEELMKDGDKNNDGRIDYDEFLEFMKGV
E
;
_entity_poly.pdbx_strand_id                 A 
_entity_poly.pdbx_target_identifier         ? 
# 
loop_
_entity_poly_seq.entity_id 
_entity_poly_seq.num 
_entity_poly_seq.mon_id 
_entity_poly_seq.hetero 
1 1   MET n 
1 2   ASP n 
1 3   ASP n 
1 4   ILE n 
1 5   TYR n 
1 6   LYS n 
1 7   ALA n 
1 8   ALA n 
1 9   VAL n 
1 10  GLU n 
1 11  GLN n 
1 12  LEU n 
1 13  THR n 
1 14  GLU n 
1 15  GLU n 
1 16  GLN n 
1 17  LYS n 
1 18  ASN n 
1 19  GLU n 
1 20  PHE n 
1 21  LYS n 
1 22  ALA n 
1 23  ALA n 
1 24  PHE n 
1 25  ASP n 
1 26  ILE n 
1 27  PHE n 
1 28  VAL n 
1 29  LEU n 
1 30  GLY n 
1 31  ALA n 
1 32  GLU n 
1 33  ASP n 
1 34  GLY n 
1 35  SER n 
1 36  ILE n 
1 37  SER n 
1 38  THR n 
1 39  LYS n 
1 40  GLU n 
1 41  LEU n 
1 42  GLY n 
1 43  LYS n 
1 44  VAL n 
1 45  MET n 
1 46  ARG n 
1 47  MET n 
1 48  LEU n 
1 49  GLY n 
1 50  GLN n 
1 51  ASN n 
1 52  PRO n 
1 53  THR n 
1 54  PRO n 
1 55  GLU n 
1 56  GLU n 
1 57  LEU n 
1 58  GLN n 
1 59  GLU n 
1 60  MET n 
1 61  ILE n 
1 62  ASP n 
1 63  GLU n 
1 64  VAL n 
1 65  ASP n 
1 66  GLU n 
1 67  ASP n 
1 68  GLY n 
1 69  SER n 
1 70  GLY n 
1 71  THR n 
1 72  VAL n 
1 73  ASP n 
1 74  PHE n 
1 75  ASP n 
1 76  GLU n 
1 77  PHE n 
1 78  LEU n 
1 79  VAL n 
1 80  MET n 
1 81  MET n 
1 82  VAL n 
1 83  ARG n 
1 84  SER n 
1 85  MET n 
1 86  LYS n 
1 87  ASP n 
1 88  ASP n 
1 89  SER n 
1 90  LYS n 
1 91  GLY n 
1 92  LYS n 
1 93  SER n 
1 94  GLU n 
1 95  GLU n 
1 96  GLU n 
1 97  LEU n 
1 98  SER n 
1 99  ASP n 
1 100 LEU n 
1 101 PHE n 
1 102 ARG n 
1 103 MET n 
1 104 PHE n 
1 105 ASP n 
1 106 LYS n 
1 107 ASN n 
1 108 ALA n 
1 109 ASP n 
1 110 GLY n 
1 111 TYR n 
1 112 ILE n 
1 113 ASP n 
1 114 LEU n 
1 115 GLU n 
1 116 GLU n 
1 117 LEU n 
1 118 LYS n 
1 119 ILE n 
1 120 MET n 
1 121 LEU n 
1 122 GLN n 
1 123 ALA n 
1 124 THR n 
1 125 GLY n 
1 126 GLU n 
1 127 THR n 
1 128 ILE n 
1 129 THR n 
1 130 GLU n 
1 131 ASP n 
1 132 ASP n 
1 133 ILE n 
1 134 GLU n 
1 135 GLU n 
1 136 LEU n 
1 137 MET n 
1 138 LYS n 
1 139 ASP n 
1 140 GLY n 
1 141 ASP n 
1 142 LYS n 
1 143 ASN n 
1 144 ASN n 
1 145 ASP n 
1 146 GLY n 
1 147 ARG n 
1 148 ILE n 
1 149 ASP n 
1 150 TYR n 
1 151 ASP n 
1 152 GLU n 
1 153 PHE n 
1 154 LEU n 
1 155 GLU n 
1 156 PHE n 
1 157 MET n 
1 158 LYS n 
1 159 GLY n 
1 160 VAL n 
1 161 GLU n 
# 
_entity_src_gen.entity_id                          1 
_entity_src_gen.pdbx_src_id                        1 
_entity_src_gen.pdbx_alt_source_flag               sample 
_entity_src_gen.pdbx_seq_type                      ? 
_entity_src_gen.pdbx_beg_seq_num                   ? 
_entity_src_gen.pdbx_end_seq_num                   ? 
_entity_src_gen.gene_src_common_name               chicken 
_entity_src_gen.gene_src_genus                     Gallus 
_entity_src_gen.pdbx_gene_src_gene                 ? 
_entity_src_gen.gene_src_species                   ? 
_entity_src_gen.gene_src_strain                    ? 
_entity_src_gen.gene_src_tissue                    ? 
_entity_src_gen.gene_src_tissue_fraction           ? 
_entity_src_gen.gene_src_details                   ? 
_entity_src_gen.pdbx_gene_src_fragment             ? 
_entity_src_gen.pdbx_gene_src_scientific_name      'Gallus gallus' 
_entity_src_gen.pdbx_gene_src_ncbi_taxonomy_id     9031 
_entity_src_gen.pdbx_gene_src_variant              ? 
_entity_src_gen.pdbx_gene_src_cell_line            ? 
_entity_src_gen.pdbx_gene_src_atcc                 ? 
_entity_src_gen.pdbx_gene_src_organ                HEART 
_entity_src_gen.pdbx_gene_src_organelle            ? 
_entity_src_gen.pdbx_gene_src_cell                 ? 
_entity_src_gen.pdbx_gene_src_cellular_location    ? 
_entity_src_gen.host_org_common_name               ? 
_entity_src_gen.pdbx_host_org_scientific_name      'Escherichia coli' 
_entity_src_gen.pdbx_host_org_ncbi_taxonomy_id     562 
_entity_src_gen.host_org_genus                     Escherichia 
_entity_src_gen.pdbx_host_org_gene                 ? 
_entity_src_gen.pdbx_host_org_organ                ? 
_entity_src_gen.host_org_species                   ? 
_entity_src_gen.pdbx_host_org_tissue               ? 
_entity_src_gen.pdbx_host_org_tissue_fraction      ? 
_entity_src_gen.pdbx_host_org_strain               ? 
_entity_src_gen.pdbx_host_org_variant              ? 
_entity_src_gen.pdbx_host_org_cell_line            ? 
_entity_src_gen.pdbx_host_org_atcc                 ? 
_entity_src_gen.pdbx_host_org_culture_collection   ? 
_entity_src_gen.pdbx_host_org_cell                 ? 
_entity_src_gen.pdbx_host_org_organelle            ? 
_entity_src_gen.pdbx_host_org_cellular_location    ? 
_entity_src_gen.pdbx_host_org_vector_type          ? 
_entity_src_gen.pdbx_host_org_vector               'BL21(DE3)PLYSS' 
_entity_src_gen.host_org_details                   ? 
_entity_src_gen.expression_system_id               ? 
_entity_src_gen.plasmid_name                       ? 
_entity_src_gen.plasmid_details                    ? 
_entity_src_gen.pdbx_description                   ? 
# 
_struct_ref.id                         1 
_struct_ref.db_name                    UNP 
_struct_ref.db_code                    TNNC1_CHICK 
_struct_ref.entity_id                  1 
_struct_ref.pdbx_db_accession          P09860 
_struct_ref.pdbx_align_begin           ? 
_struct_ref.pdbx_seq_one_letter_code   ? 
_struct_ref.pdbx_db_isoform            ? 
# 
_struct_ref_seq.align_id                      1 
_struct_ref_seq.ref_id                        1 
_struct_ref_seq.pdbx_PDB_id_code              1DTL 
_struct_ref_seq.pdbx_strand_id                A 
_struct_ref_seq.seq_align_beg                 1 
_struct_ref_seq.pdbx_seq_align_beg_ins_code   ? 
_struct_ref_seq.seq_align_end                 161 
_struct_ref_seq.pdbx_seq_align_end_ins_code   ? 
_struct_ref_seq.pdbx_db_accession             P09860 
_struct_ref_seq.db_align_beg                  1 
_struct_ref_seq.pdbx_db_align_beg_ins_code    ? 
_struct_ref_seq.db_align_end                  161 
_struct_ref_seq.pdbx_db_align_end_ins_code    ? 
_struct_ref_seq.pdbx_auth_seq_align_beg       1 
_struct_ref_seq.pdbx_auth_seq_align_end       161 
# 
loop_
_struct_ref_seq_dif.align_id 
_struct_ref_seq_dif.pdbx_pdb_id_code 
_struct_ref_seq_dif.mon_id 
_struct_ref_seq_dif.pdbx_pdb_strand_id 
_struct_ref_seq_dif.seq_num 
_struct_ref_seq_dif.pdbx_pdb_ins_code 
_struct_ref_seq_dif.pdbx_seq_db_name 
_struct_ref_seq_dif.pdbx_seq_db_accession_code 
_struct_ref_seq_dif.db_mon_id 
_struct_ref_seq_dif.pdbx_seq_db_seq_num 
_struct_ref_seq_dif.details 
_struct_ref_seq_dif.pdbx_auth_seq_num 
_struct_ref_seq_dif.pdbx_ordinal 
1 1DTL SER A 35 ? UNP P09860 CYS 35 'engineered mutation' 35 1 
1 1DTL SER A 84 ? UNP P09860 CYS 84 'engineered mutation' 84 2 
1 1DTL SER A 93 ? UNP P09860 THR 93 conflict              93 3 
# 
loop_
_chem_comp.id 
_chem_comp.type 
_chem_comp.mon_nstd_flag 
_chem_comp.name 
_chem_comp.pdbx_synonyms 
_chem_comp.formula 
_chem_comp.formula_weight 
ALA 'L-peptide linking' y ALANINE                                                ?        'C3 H7 N O2'     89.093  
ARG 'L-peptide linking' y ARGININE                                               ?        'C6 H15 N4 O2 1' 175.209 
ASN 'L-peptide linking' y ASPARAGINE                                             ?        'C4 H8 N2 O3'    132.118 
ASP 'L-peptide linking' y 'ASPARTIC ACID'                                        ?        'C4 H7 N O4'     133.103 
BEP non-polymer         . '1-ISOBUTOXY-2-PYRROLIDINO-3[N-BENZYLANILINO] PROPANE' BEPRIDIL 'C24 H34 N2 O'   366.540 
CA  non-polymer         . 'CALCIUM ION'                                          ?        'Ca 2'           40.078  
CYS 'L-peptide linking' y CYSTEINE                                               ?        'C3 H7 N O2 S'   121.158 
GLN 'L-peptide linking' y GLUTAMINE                                              ?        'C5 H10 N2 O3'   146.144 
GLU 'L-peptide linking' y 'GLUTAMIC ACID'                                        ?        'C5 H9 N O4'     147.129 
GLY 'peptide linking'   y GLYCINE                                                ?        'C2 H5 N O2'     75.067  
HOH non-polymer         . WATER                                                  ?        'H2 O'           18.015  
ILE 'L-peptide linking' y ISOLEUCINE                                             ?        'C6 H13 N O2'    131.173 
LEU 'L-peptide linking' y LEUCINE                                                ?        'C6 H13 N O2'    131.173 
LYS 'L-peptide linking' y LYSINE                                                 ?        'C6 H15 N2 O2 1' 147.195 
MET 'L-peptide linking' y METHIONINE                                             ?        'C5 H11 N O2 S'  149.211 
PHE 'L-peptide linking' y PHENYLALANINE                                          ?        'C9 H11 N O2'    165.189 
PRO 'L-peptide linking' y PROLINE                                                ?        'C5 H9 N O2'     115.130 
SER 'L-peptide linking' y SERINE                                                 ?        'C3 H7 N O3'     105.093 
THR 'L-peptide linking' y THREONINE                                              ?        'C4 H9 N O3'     119.119 
TYR 'L-peptide linking' y TYROSINE                                               ?        'C9 H11 N O3'    181.189 
VAL 'L-peptide linking' y VALINE                                                 ?        'C5 H11 N O2'    117.146 
# 
_exptl.entry_id          1DTL 
_exptl.method            'X-RAY DIFFRACTION' 
_exptl.crystals_number   1 
# 
_exptl_crystal.id                    1 
_exptl_crystal.density_meas          ? 
_exptl_crystal.density_Matthews      1.90 
_exptl_crystal.density_percent_sol   35.14 
_exptl_crystal.description           ? 
# 
_exptl_crystal_grow.crystal_id      1 
_exptl_crystal_grow.method          'VAPOR DIFFUSION, HANGING DROP' 
_exptl_crystal_grow.temp            277 
_exptl_crystal_grow.temp_details    ? 
_exptl_crystal_grow.pH              7.2 
_exptl_crystal_grow.pdbx_details    
;PEG3350 monodisperse, magnesium chloride, calcium chloride, HEPES, bepridil, HCl, pH 7.2, VAPOR DIFFUSION, HANGING DROP, temperature 277K
;
_exptl_crystal_grow.pdbx_pH_range   . 
# 
_diffrn.id                     1 
_diffrn.ambient_temp           95 
_diffrn.ambient_temp_details   ? 
_diffrn.crystal_id             1 
# 
_diffrn_detector.diffrn_id              1 
_diffrn_detector.detector               CCD 
_diffrn_detector.type                   CUSTOM-MADE 
_diffrn_detector.pdbx_collection_date   1998-09-20 
_diffrn_detector.details                ? 
# 
_diffrn_radiation.diffrn_id                        1 
_diffrn_radiation.wavelength_id                    1 
_diffrn_radiation.pdbx_monochromatic_or_laue_m_l   M 
_diffrn_radiation.monochromator                    ? 
_diffrn_radiation.pdbx_diffrn_protocol             'SINGLE WAVELENGTH' 
_diffrn_radiation.pdbx_scattering_type             x-ray 
# 
_diffrn_radiation_wavelength.id           1 
_diffrn_radiation_wavelength.wavelength   0.935 
_diffrn_radiation_wavelength.wt           1.0 
# 
_diffrn_source.diffrn_id                   1 
_diffrn_source.source                      SYNCHROTRON 
_diffrn_source.type                        'CHESS BEAMLINE A1' 
_diffrn_source.pdbx_synchrotron_site       CHESS 
_diffrn_source.pdbx_synchrotron_beamline   A1 
_diffrn_source.pdbx_wavelength             0.935 
_diffrn_source.pdbx_wavelength_list        ? 
# 
_reflns.entry_id                     1DTL 
_reflns.observed_criterion_sigma_I   0.0 
_reflns.observed_criterion_sigma_F   0.0 
_reflns.d_resolution_low             50.0 
_reflns.d_resolution_high            2.15 
_reflns.number_obs                   7998 
_reflns.number_all                   8025 
_reflns.percent_possible_obs         99.7 
_reflns.pdbx_Rmerge_I_obs            0.0660000 
_reflns.pdbx_Rsym_value              ? 
_reflns.pdbx_netI_over_sigmaI        34.2 
_reflns.B_iso_Wilson_estimate        21.63 
_reflns.pdbx_redundancy              6.83 
_reflns.R_free_details               ? 
_reflns.limit_h_max                  ? 
_reflns.limit_h_min                  ? 
_reflns.limit_k_max                  ? 
_reflns.limit_k_min                  ? 
_reflns.limit_l_max                  ? 
_reflns.limit_l_min                  ? 
_reflns.observed_criterion_F_max     ? 
_reflns.observed_criterion_F_min     ? 
_reflns.pdbx_diffrn_id               1 
_reflns.pdbx_ordinal                 1 
# 
_reflns_shell.d_res_high             2.15 
_reflns_shell.d_res_low              2.23 
_reflns_shell.percent_possible_all   99.2 
_reflns_shell.Rmerge_I_obs           0.1260000 
_reflns_shell.pdbx_Rsym_value        ? 
_reflns_shell.meanI_over_sigI_obs    ? 
_reflns_shell.pdbx_redundancy        3.12 
_reflns_shell.percent_possible_obs   ? 
_reflns_shell.number_unique_all      764 
_reflns_shell.pdbx_diffrn_id         ? 
_reflns_shell.pdbx_ordinal           1 
# 
_refine.entry_id                                 1DTL 
_refine.ls_number_reflns_obs                     7829 
_refine.ls_number_reflns_all                     8045 
_refine.pdbx_ls_sigma_I                          0.0 
_refine.pdbx_ls_sigma_F                          0.0 
_refine.pdbx_data_cutoff_high_absF               ? 
_refine.pdbx_data_cutoff_low_absF                ? 
_refine.ls_d_res_low                             500.0 
_refine.ls_d_res_high                            2.15 
_refine.ls_percent_reflns_obs                    97.3 
_refine.ls_R_factor_obs                          0.2160000 
_refine.ls_R_factor_all                          0.2160000 
_refine.ls_R_factor_R_work                       0.2133000 
_refine.ls_R_factor_R_free                       0.2763000 
_refine.ls_R_factor_R_free_error                 ? 
_refine.ls_R_factor_R_free_error_details         ? 
_refine.ls_percent_reflns_R_free                 5.0 
_refine.ls_number_reflns_R_free                  405 
_refine.ls_number_parameters                     ? 
_refine.ls_number_restraints                     ? 
_refine.occupancy_min                            ? 
_refine.occupancy_max                            ? 
_refine.B_iso_mean                               ? 
_refine.aniso_B[1][1]                            -2.193 
_refine.aniso_B[2][2]                            1.097 
_refine.aniso_B[3][3]                            1.097 
_refine.aniso_B[1][2]                            0.000 
_refine.aniso_B[1][3]                            0.000 
_refine.aniso_B[2][3]                            0.000 
_refine.solvent_model_details                    ? 
_refine.solvent_model_param_ksol                 ? 
_refine.solvent_model_param_bsol                 ? 
_refine.pdbx_ls_cross_valid_method               ? 
_refine.details                                  ? 
_refine.pdbx_starting_model                      'PDB ENTRIES 1AVS AND 1TN4' 
_refine.pdbx_method_to_determine_struct          'MOLECULAR REPLACEMENT' 
_refine.pdbx_isotropic_thermal_model             ? 
_refine.pdbx_stereochemistry_target_values       'Engh & Huber' 
_refine.pdbx_stereochem_target_val_spec_case     ? 
_refine.pdbx_R_Free_selection_details            random 
_refine.pdbx_overall_ESU_R_Free                  ? 
_refine.overall_SU_B                             ? 
_refine.ls_redundancy_reflns_obs                 ? 
_refine.overall_SU_ML                            ? 
_refine.pdbx_overall_ESU_R                       ? 
_refine.pdbx_data_cutoff_high_rms_absF           ? 
_refine.B_iso_min                                ? 
_refine.B_iso_max                                ? 
_refine.pdbx_refine_id                           'X-RAY DIFFRACTION' 
_refine.pdbx_diffrn_id                           1 
_refine.pdbx_TLS_residual_ADP_flag               ? 
_refine.correlation_coeff_Fo_to_Fc               ? 
_refine.correlation_coeff_Fo_to_Fc_free          ? 
_refine.pdbx_solvent_vdw_probe_radii             ? 
_refine.pdbx_solvent_ion_probe_radii             ? 
_refine.pdbx_solvent_shrinkage_radii             ? 
_refine.pdbx_overall_phase_error                 ? 
_refine.overall_SU_R_Cruickshank_DPI             ? 
_refine.pdbx_overall_SU_R_free_Cruickshank_DPI   ? 
_refine.pdbx_overall_SU_R_Blow_DPI               ? 
_refine.pdbx_overall_SU_R_free_Blow_DPI          ? 
# 
_refine_hist.pdbx_refine_id                   'X-RAY DIFFRACTION' 
_refine_hist.cycle_id                         LAST 
_refine_hist.pdbx_number_atoms_protein        1181 
_refine_hist.pdbx_number_atoms_nucleic_acid   0 
_refine_hist.pdbx_number_atoms_ligand         84 
_refine_hist.number_atoms_solvent             123 
_refine_hist.number_atoms_total               1388 
_refine_hist.d_res_high                       2.15 
_refine_hist.d_res_low                        500.0 
# 
loop_
_refine_ls_restr.type 
_refine_ls_restr.dev_ideal 
_refine_ls_restr.dev_ideal_target 
_refine_ls_restr.weight 
_refine_ls_restr.number 
_refine_ls_restr.pdbx_refine_id 
_refine_ls_restr.pdbx_restraint_function 
c_bond_d    0.017 ? ? ? 'X-RAY DIFFRACTION' ? 
c_angle_deg 1.45  ? ? ? 'X-RAY DIFFRACTION' ? 
# 
_refine_ls_shell.pdbx_total_number_of_bins_used   8 
_refine_ls_shell.d_res_high                       2.15 
_refine_ls_shell.d_res_low                        2.25 
_refine_ls_shell.number_reflns_R_work             846 
_refine_ls_shell.R_factor_R_work                  0.2550000 
_refine_ls_shell.percent_reflns_obs               ? 
_refine_ls_shell.R_factor_R_free                  0.3560000 
_refine_ls_shell.R_factor_R_free_error            ? 
_refine_ls_shell.percent_reflns_R_free            4.0 
_refine_ls_shell.number_reflns_R_free             34 
_refine_ls_shell.redundancy_reflns_obs            ? 
_refine_ls_shell.number_reflns_all                34 
_refine_ls_shell.number_reflns_obs                ? 
_refine_ls_shell.pdbx_refine_id                   'X-RAY DIFFRACTION' 
_refine_ls_shell.R_factor_all                     ? 
# 
loop_
_pdbx_xplor_file.serial_no 
_pdbx_xplor_file.param_file 
_pdbx_xplor_file.topol_file 
_pdbx_xplor_file.pdbx_refine_id 
1 PROTEIN_REP.PARAM ? 'X-RAY DIFFRACTION' 
2 WATER_REP.PARAM   ? 'X-RAY DIFFRACTION' 
3 ION.PARAM         ? 'X-RAY DIFFRACTION' 
4 BEPRIDIL.PAR2     ? 'X-RAY DIFFRACTION' 
# 
_struct.entry_id                  1DTL 
_struct.title                     
;CRYSTAL STRUCTURE OF CALCIUM-SATURATED (3CA2+) CARDIAC TROPONIN C COMPLEXED WITH THE CALCIUM SENSITIZER BEPRIDIL AT 2.15 A RESOLUTION
;
_struct.pdbx_model_details        ? 
_struct.pdbx_CASP_flag            ? 
_struct.pdbx_model_type_details   ? 
# 
_struct_keywords.entry_id        1DTL 
_struct_keywords.pdbx_keywords   'STRUCTURAL PROTEIN' 
_struct_keywords.text            'helix-turn-helix, STRUCTURAL PROTEIN' 
# 
loop_
_struct_asym.id 
_struct_asym.pdbx_blank_PDB_chainid_flag 
_struct_asym.pdbx_modified 
_struct_asym.entity_id 
_struct_asym.details 
A N N 1 ? 
B N N 2 ? 
C N N 2 ? 
D N N 2 ? 
E N N 3 ? 
F N N 3 ? 
G N N 3 ? 
H N N 4 ? 
# 
_struct_biol.id   1 
# 
loop_
_struct_conf.conf_type_id 
_struct_conf.id 
_struct_conf.pdbx_PDB_helix_id 
_struct_conf.beg_label_comp_id 
_struct_conf.beg_label_asym_id 
_struct_conf.beg_label_seq_id 
_struct_conf.pdbx_beg_PDB_ins_code 
_struct_conf.end_label_comp_id 
_struct_conf.end_label_asym_id 
_struct_conf.end_label_seq_id 
_struct_conf.pdbx_end_PDB_ins_code 
_struct_conf.beg_auth_comp_id 
_struct_conf.beg_auth_asym_id 
_struct_conf.beg_auth_seq_id 
_struct_conf.end_auth_comp_id 
_struct_conf.end_auth_asym_id 
_struct_conf.end_auth_seq_id 
_struct_conf.pdbx_PDB_helix_class 
_struct_conf.details 
_struct_conf.pdbx_PDB_helix_length 
HELX_P HELX_P1  1  ALA A 7   ? LEU A 12  ? ALA A 7   LEU A 12  5 ? 6  
HELX_P HELX_P2  2  THR A 13  ? VAL A 28  ? THR A 13  VAL A 28  1 ? 16 
HELX_P HELX_P3  3  ALA A 31  ? SER A 35  ? ALA A 31  SER A 35  5 ? 5  
HELX_P HELX_P4  4  SER A 37  ? LEU A 48  ? SER A 37  LEU A 48  1 ? 12 
HELX_P HELX_P5  5  THR A 53  ? ASP A 65  ? THR A 53  ASP A 65  1 ? 13 
HELX_P HELX_P6  6  ASP A 73  ? LYS A 86  ? ASP A 73  LYS A 86  1 ? 14 
HELX_P HELX_P7  7  LYS A 92  ? ASP A 105 ? LYS A 92  ASP A 105 1 ? 14 
HELX_P HELX_P8  8  LEU A 114 ? LYS A 118 ? LEU A 114 LYS A 118 1 ? 5  
HELX_P HELX_P9  9  ILE A 119 ? GLN A 122 ? ILE A 119 GLN A 122 5 ? 4  
HELX_P HELX_P10 10 THR A 129 ? ASP A 141 ? THR A 129 ASP A 141 1 ? 13 
HELX_P HELX_P11 11 TYR A 150 ? GLY A 159 ? TYR A 150 GLY A 159 1 ? 10 
# 
_struct_conf_type.id          HELX_P 
_struct_conf_type.criteria    ? 
_struct_conf_type.reference   ? 
# 
loop_
_struct_conn.id 
_struct_conn.conn_type_id 
_struct_conn.pdbx_leaving_atom_flag 
_struct_conn.pdbx_PDB_id 
_struct_conn.ptnr1_label_asym_id 
_struct_conn.ptnr1_label_comp_id 
_struct_conn.ptnr1_label_seq_id 
_struct_conn.ptnr1_label_atom_id 
_struct_conn.pdbx_ptnr1_label_alt_id 
_struct_conn.pdbx_ptnr1_PDB_ins_code 
_struct_conn.pdbx_ptnr1_standard_comp_id 
_struct_conn.ptnr1_symmetry 
_struct_conn.ptnr2_label_asym_id 
_struct_conn.ptnr2_label_comp_id 
_struct_conn.ptnr2_label_seq_id 
_struct_conn.ptnr2_label_atom_id 
_struct_conn.pdbx_ptnr2_label_alt_id 
_struct_conn.pdbx_ptnr2_PDB_ins_code 
_struct_conn.ptnr1_auth_asym_id 
_struct_conn.ptnr1_auth_comp_id 
_struct_conn.ptnr1_auth_seq_id 
_struct_conn.ptnr2_auth_asym_id 
_struct_conn.ptnr2_auth_comp_id 
_struct_conn.ptnr2_auth_seq_id 
_struct_conn.ptnr2_symmetry 
_struct_conn.pdbx_ptnr3_label_atom_id 
_struct_conn.pdbx_ptnr3_label_seq_id 
_struct_conn.pdbx_ptnr3_label_comp_id 
_struct_conn.pdbx_ptnr3_label_asym_id 
_struct_conn.pdbx_ptnr3_label_alt_id 
_struct_conn.pdbx_ptnr3_PDB_ins_code 
_struct_conn.details 
_struct_conn.pdbx_dist_value 
_struct_conn.pdbx_value_order 
_struct_conn.pdbx_role 
metalc1  metalc ? ? A ASP 65  OD2 ? ? ? 1_555 B CA  . CA ? ? A ASP 65  A CA  201 1_555 ? ? ? ? ? ? ? 2.323 ? ? 
metalc2  metalc ? ? A ASP 67  OD1 ? ? ? 1_555 B CA  . CA ? ? A ASP 67  A CA  201 1_555 ? ? ? ? ? ? ? 2.336 ? ? 
metalc3  metalc ? ? A SER 69  OG  ? ? ? 1_555 B CA  . CA ? ? A SER 69  A CA  201 1_555 ? ? ? ? ? ? ? 2.304 ? ? 
metalc4  metalc ? ? A THR 71  O   ? ? ? 1_555 B CA  . CA ? ? A THR 71  A CA  201 1_555 ? ? ? ? ? ? ? 2.313 ? ? 
metalc5  metalc ? ? A GLU 76  OE1 ? ? ? 1_555 B CA  . CA ? ? A GLU 76  A CA  201 1_555 ? ? ? ? ? ? ? 2.593 ? ? 
metalc6  metalc ? ? A GLU 76  OE2 ? ? ? 1_555 B CA  . CA ? ? A GLU 76  A CA  201 1_555 ? ? ? ? ? ? ? 2.459 ? ? 
metalc7  metalc ? ? A ASP 105 OD1 ? ? ? 1_555 C CA  . CA ? ? A ASP 105 A CA  202 1_555 ? ? ? ? ? ? ? 2.289 ? ? 
metalc8  metalc ? ? A ASN 107 OD1 ? ? ? 1_555 C CA  . CA ? ? A ASN 107 A CA  202 1_555 ? ? ? ? ? ? ? 2.306 ? ? 
metalc9  metalc ? ? A ASP 109 OD1 ? ? ? 1_555 C CA  . CA ? ? A ASP 109 A CA  202 1_555 ? ? ? ? ? ? ? 2.585 ? ? 
metalc10 metalc ? ? A TYR 111 O   ? ? ? 1_555 C CA  . CA ? ? A TYR 111 A CA  202 1_555 ? ? ? ? ? ? ? 2.436 ? ? 
metalc11 metalc ? ? A GLU 116 OE1 ? ? ? 1_555 C CA  . CA ? ? A GLU 116 A CA  202 1_555 ? ? ? ? ? ? ? 2.695 ? ? 
metalc12 metalc ? ? A GLU 116 OE2 ? ? ? 1_555 C CA  . CA ? ? A GLU 116 A CA  202 1_555 ? ? ? ? ? ? ? 2.558 ? ? 
metalc13 metalc ? ? A ASP 141 OD2 ? ? ? 1_555 D CA  . CA ? ? A ASP 141 A CA  203 1_555 ? ? ? ? ? ? ? 2.507 ? ? 
metalc14 metalc ? ? A ASN 143 OD1 ? ? ? 1_555 D CA  . CA ? ? A ASN 143 A CA  203 1_555 ? ? ? ? ? ? ? 2.481 ? ? 
metalc15 metalc ? ? A ASP 145 OD1 ? ? ? 1_555 D CA  . CA ? ? A ASP 145 A CA  203 1_555 ? ? ? ? ? ? ? 2.532 ? ? 
metalc16 metalc ? ? A ARG 147 O   ? ? ? 1_555 D CA  . CA ? ? A ARG 147 A CA  203 1_555 ? ? ? ? ? ? ? 2.285 ? ? 
metalc17 metalc ? ? A GLU 152 OE1 ? ? ? 1_555 D CA  . CA ? ? A GLU 152 A CA  203 1_555 ? ? ? ? ? ? ? 2.509 ? ? 
metalc18 metalc ? ? A GLU 152 OE2 ? ? ? 1_555 D CA  . CA ? ? A GLU 152 A CA  203 1_555 ? ? ? ? ? ? ? 2.685 ? ? 
metalc19 metalc ? ? B CA  .   CA  ? ? ? 1_555 H HOH . O  ? ? A CA  201 A HOH 414 1_555 ? ? ? ? ? ? ? 2.258 ? ? 
metalc20 metalc ? ? C CA  .   CA  ? ? ? 1_555 H HOH . O  ? ? A CA  202 A HOH 408 1_555 ? ? ? ? ? ? ? 2.571 ? ? 
metalc21 metalc ? ? D CA  .   CA  ? ? ? 1_555 H HOH . O  ? ? A CA  203 A HOH 413 1_555 ? ? ? ? ? ? ? 2.370 ? ? 
# 
_struct_conn_type.id          metalc 
_struct_conn_type.criteria    ? 
_struct_conn_type.reference   ? 
# 
_struct_sheet.id               A 
_struct_sheet.type             ? 
_struct_sheet.number_strands   2 
_struct_sheet.details          ? 
# 
_struct_sheet_order.sheet_id     A 
_struct_sheet_order.range_id_1   1 
_struct_sheet_order.range_id_2   2 
_struct_sheet_order.offset       ? 
_struct_sheet_order.sense        anti-parallel 
# 
loop_
_struct_sheet_range.sheet_id 
_struct_sheet_range.id 
_struct_sheet_range.beg_label_comp_id 
_struct_sheet_range.beg_label_asym_id 
_struct_sheet_range.beg_label_seq_id 
_struct_sheet_range.pdbx_beg_PDB_ins_code 
_struct_sheet_range.end_label_comp_id 
_struct_sheet_range.end_label_asym_id 
_struct_sheet_range.end_label_seq_id 
_struct_sheet_range.pdbx_end_PDB_ins_code 
_struct_sheet_range.beg_auth_comp_id 
_struct_sheet_range.beg_auth_asym_id 
_struct_sheet_range.beg_auth_seq_id 
_struct_sheet_range.end_auth_comp_id 
_struct_sheet_range.end_auth_asym_id 
_struct_sheet_range.end_auth_seq_id 
A 1 TYR A 111 ? ASP A 113 ? TYR A 111 ASP A 113 
A 2 ARG A 147 ? ASP A 149 ? ARG A 147 ASP A 149 
# 
_pdbx_struct_sheet_hbond.sheet_id                A 
_pdbx_struct_sheet_hbond.range_id_1              1 
_pdbx_struct_sheet_hbond.range_id_2              2 
_pdbx_struct_sheet_hbond.range_1_label_atom_id   O 
_pdbx_struct_sheet_hbond.range_1_label_comp_id   ILE 
_pdbx_struct_sheet_hbond.range_1_label_asym_id   A 
_pdbx_struct_sheet_hbond.range_1_label_seq_id    112 
_pdbx_struct_sheet_hbond.range_1_PDB_ins_code    ? 
_pdbx_struct_sheet_hbond.range_1_auth_atom_id    O 
_pdbx_struct_sheet_hbond.range_1_auth_comp_id    ILE 
_pdbx_struct_sheet_hbond.range_1_auth_asym_id    A 
_pdbx_struct_sheet_hbond.range_1_auth_seq_id     112 
_pdbx_struct_sheet_hbond.range_2_label_atom_id   N 
_pdbx_struct_sheet_hbond.range_2_label_comp_id   ILE 
_pdbx_struct_sheet_hbond.range_2_label_asym_id   A 
_pdbx_struct_sheet_hbond.range_2_label_seq_id    148 
_pdbx_struct_sheet_hbond.range_2_PDB_ins_code    ? 
_pdbx_struct_sheet_hbond.range_2_auth_atom_id    N 
_pdbx_struct_sheet_hbond.range_2_auth_comp_id    ILE 
_pdbx_struct_sheet_hbond.range_2_auth_asym_id    A 
_pdbx_struct_sheet_hbond.range_2_auth_seq_id     148 
# 
loop_
_struct_site.id 
_struct_site.pdbx_evidence_code 
_struct_site.pdbx_auth_asym_id 
_struct_site.pdbx_auth_comp_id 
_struct_site.pdbx_auth_seq_id 
_struct_site.pdbx_auth_ins_code 
_struct_site.pdbx_num_residues 
_struct_site.details 
AC1 Software A CA  201 ? 6  'BINDING SITE FOR RESIDUE CA A 201'  
AC2 Software A CA  202 ? 6  'BINDING SITE FOR RESIDUE CA A 202'  
AC3 Software A CA  203 ? 6  'BINDING SITE FOR RESIDUE CA A 203'  
AC4 Software A BEP 204 ? 7  'BINDING SITE FOR RESIDUE BEP A 204' 
AC5 Software A BEP 205 ? 10 'BINDING SITE FOR RESIDUE BEP A 205' 
AC6 Software A BEP 206 ? 8  'BINDING SITE FOR RESIDUE BEP A 206' 
# 
loop_
_struct_site_gen.id 
_struct_site_gen.site_id 
_struct_site_gen.pdbx_num_res 
_struct_site_gen.label_comp_id 
_struct_site_gen.label_asym_id 
_struct_site_gen.label_seq_id 
_struct_site_gen.pdbx_auth_ins_code 
_struct_site_gen.auth_comp_id 
_struct_site_gen.auth_asym_id 
_struct_site_gen.auth_seq_id 
_struct_site_gen.label_atom_id 
_struct_site_gen.label_alt_id 
_struct_site_gen.symmetry 
_struct_site_gen.details 
1  AC1 6  ASP A 65  ? ASP A 65  . ? 1_555 ? 
2  AC1 6  ASP A 67  ? ASP A 67  . ? 1_555 ? 
3  AC1 6  SER A 69  ? SER A 69  . ? 1_555 ? 
4  AC1 6  THR A 71  ? THR A 71  . ? 1_555 ? 
5  AC1 6  GLU A 76  ? GLU A 76  . ? 1_555 ? 
6  AC1 6  HOH H .   ? HOH A 414 . ? 1_555 ? 
7  AC2 6  ASP A 105 ? ASP A 105 . ? 1_555 ? 
8  AC2 6  ASN A 107 ? ASN A 107 . ? 1_555 ? 
9  AC2 6  ASP A 109 ? ASP A 109 . ? 1_555 ? 
10 AC2 6  TYR A 111 ? TYR A 111 . ? 1_555 ? 
11 AC2 6  GLU A 116 ? GLU A 116 . ? 1_555 ? 
12 AC2 6  HOH H .   ? HOH A 408 . ? 1_555 ? 
13 AC3 6  ASP A 141 ? ASP A 141 . ? 1_555 ? 
14 AC3 6  ASN A 143 ? ASN A 143 . ? 1_555 ? 
15 AC3 6  ASP A 145 ? ASP A 145 . ? 1_555 ? 
16 AC3 6  ARG A 147 ? ARG A 147 . ? 1_555 ? 
17 AC3 6  GLU A 152 ? GLU A 152 . ? 1_555 ? 
18 AC3 6  HOH H .   ? HOH A 413 . ? 1_555 ? 
19 AC4 7  PHE A 27  ? PHE A 27  . ? 1_555 ? 
20 AC4 7  LEU A 41  ? LEU A 41  . ? 1_555 ? 
21 AC4 7  MET A 45  ? MET A 45  . ? 1_555 ? 
22 AC4 7  MET A 60  ? MET A 60  . ? 1_555 ? 
23 AC4 7  MET A 80  ? MET A 80  . ? 1_555 ? 
24 AC4 7  GLU A 96  ? GLU A 96  . ? 1_555 ? 
25 AC4 7  BEP F .   ? BEP A 205 . ? 1_555 ? 
26 AC5 10 PHE A 20  ? PHE A 20  . ? 1_555 ? 
27 AC5 10 ALA A 23  ? ALA A 23  . ? 1_555 ? 
28 AC5 10 MET A 81  ? MET A 81  . ? 1_555 ? 
29 AC5 10 LEU A 100 ? LEU A 100 . ? 1_555 ? 
30 AC5 10 PHE A 104 ? PHE A 104 . ? 1_555 ? 
31 AC5 10 LEU A 117 ? LEU A 117 . ? 1_555 ? 
32 AC5 10 MET A 120 ? MET A 120 . ? 1_555 ? 
33 AC5 10 PHE A 156 ? PHE A 156 . ? 1_555 ? 
34 AC5 10 MET A 157 ? MET A 157 . ? 1_555 ? 
35 AC5 10 BEP E .   ? BEP A 204 . ? 1_555 ? 
36 AC6 8  GLU A 14  ? GLU A 14  . ? 2_554 ? 
37 AC6 8  MET A 45  ? MET A 45  . ? 1_555 ? 
38 AC6 8  GLN A 50  ? GLN A 50  . ? 1_555 ? 
39 AC6 8  PRO A 52  ? PRO A 52  . ? 1_555 ? 
40 AC6 8  GLU A 56  ? GLU A 56  . ? 1_555 ? 
41 AC6 8  GLU A 96  ? GLU A 96  . ? 1_555 ? 
42 AC6 8  ASP A 99  ? ASP A 99  . ? 1_555 ? 
43 AC6 8  MET A 103 ? MET A 103 . ? 1_555 ? 
# 
_atom_sites.entry_id                    1DTL 
_atom_sites.fract_transf_matrix[1][1]   -0.00285360 
_atom_sites.fract_transf_matrix[1][2]   -0.00531964 
_atom_sites.fract_transf_matrix[1][3]   -0.02690201 
_atom_sites.fract_transf_matrix[2][1]   0.00768624 
_atom_sites.fract_transf_matrix[2][2]   -0.01403226 
_atom_sites.fract_transf_matrix[2][3]   0.00195945 
_atom_sites.fract_transf_matrix[3][1]   -0.01406985 
_atom_sites.fract_transf_matrix[3][2]   -0.00729694 
_atom_sites.fract_transf_matrix[3][3]   0.00293535 
_atom_sites.fract_transf_vector[1]      0.113509 
_atom_sites.fract_transf_vector[2]      0.063624 
_atom_sites.fract_transf_vector[3]      0.126413 
# 
loop_
_atom_type.symbol 
C  
CA 
N  
O  
S  
# 
loop_
_atom_site.group_PDB 
_atom_site.id 
_atom_site.type_symbol 
_atom_site.label_atom_id 
_atom_site.label_alt_id 
_atom_site.label_comp_id 
_atom_site.label_asym_id 
_atom_site.label_entity_id 
_atom_site.label_seq_id 
_atom_site.pdbx_PDB_ins_code 
_atom_site.Cartn_x 
_atom_site.Cartn_y 
_atom_site.Cartn_z 
_atom_site.occupancy 
_atom_site.B_iso_or_equiv 
_atom_site.pdbx_formal_charge 
_atom_site.auth_seq_id 
_atom_site.auth_comp_id 
_atom_site.auth_asym_id 
_atom_site.auth_atom_id 
_atom_site.pdbx_PDB_model_num 
ATOM   1    N  N   . TYR A 1 5   ? -2.679  10.810  -13.878 1.00 41.77  ? 5   TYR A N   1 
ATOM   2    C  CA  . TYR A 1 5   ? -3.248  12.204  -13.926 1.00 42.13  ? 5   TYR A CA  1 
ATOM   3    C  C   . TYR A 1 5   ? -4.590  12.370  -13.194 1.00 41.62  ? 5   TYR A C   1 
ATOM   4    O  O   . TYR A 1 5   ? -5.329  11.403  -12.968 1.00 41.33  ? 5   TYR A O   1 
ATOM   5    C  CB  . TYR A 1 5   ? -3.390  12.687  -15.375 1.00 54.00  ? 5   TYR A CB  1 
ATOM   6    C  CG  . TYR A 1 5   ? -2.382  13.747  -15.732 1.00 56.45  ? 5   TYR A CG  1 
ATOM   7    C  CD1 . TYR A 1 5   ? -2.221  14.885  -14.934 1.00 57.61  ? 5   TYR A CD1 1 
ATOM   8    C  CD2 . TYR A 1 5   ? -1.596  13.619  -16.862 1.00 57.88  ? 5   TYR A CD2 1 
ATOM   9    C  CE1 . TYR A 1 5   ? -1.301  15.863  -15.260 1.00 59.55  ? 5   TYR A CE1 1 
ATOM   10   C  CE2 . TYR A 1 5   ? -0.675  14.589  -17.199 1.00 60.05  ? 5   TYR A CE2 1 
ATOM   11   C  CZ  . TYR A 1 5   ? -0.528  15.715  -16.398 1.00 60.72  ? 5   TYR A CZ  1 
ATOM   12   O  OH  . TYR A 1 5   ? 0.375   16.702  -16.742 1.00 62.68  ? 5   TYR A OH  1 
ATOM   13   N  N   . LYS A 1 6   ? -4.893  13.608  -12.830 1.00 39.40  ? 6   LYS A N   1 
ATOM   14   C  CA  . LYS A 1 6   ? -6.103  13.900  -12.089 1.00 38.68  ? 6   LYS A CA  1 
ATOM   15   C  C   . LYS A 1 6   ? -7.349  13.307  -12.696 1.00 37.49  ? 6   LYS A C   1 
ATOM   16   O  O   . LYS A 1 6   ? -8.178  12.728  -11.978 1.00 36.25  ? 6   LYS A O   1 
ATOM   17   C  CB  . LYS A 1 6   ? -6.267  15.409  -11.926 1.00 82.36  ? 6   LYS A CB  1 
ATOM   18   C  CG  . LYS A 1 6   ? -7.567  15.841  -11.249 1.00 82.36  ? 6   LYS A CG  1 
ATOM   19   C  CD  . LYS A 1 6   ? -8.461  16.579  -12.232 1.00 82.36  ? 6   LYS A CD  1 
ATOM   20   C  CE  . LYS A 1 6   ? -9.757  17.027  -11.575 1.00 82.36  ? 6   LYS A CE  1 
ATOM   21   N  NZ  . LYS A 1 6   ? -10.620 17.780  -12.536 1.00 82.36  ? 6   LYS A NZ  1 
ATOM   22   N  N   . ALA A 1 7   ? -7.482  13.460  -14.007 1.00 41.54  ? 7   ALA A N   1 
ATOM   23   C  CA  . ALA A 1 7   ? -8.639  12.931  -14.708 1.00 40.69  ? 7   ALA A CA  1 
ATOM   24   C  C   . ALA A 1 7   ? -8.689  11.409  -14.630 1.00 39.56  ? 7   ALA A C   1 
ATOM   25   O  O   . ALA A 1 7   ? -9.747  10.841  -14.304 1.00 37.44  ? 7   ALA A O   1 
ATOM   26   C  CB  . ALA A 1 7   ? -8.618  13.367  -16.148 1.00 36.42  ? 7   ALA A CB  1 
ATOM   27   N  N   . ALA A 1 8   ? -7.564  10.755  -14.947 1.00 33.96  ? 8   ALA A N   1 
ATOM   28   C  CA  . ALA A 1 8   ? -7.478  9.289   -14.905 1.00 31.54  ? 8   ALA A CA  1 
ATOM   29   C  C   . ALA A 1 8   ? -8.008  8.722   -13.577 1.00 31.21  ? 8   ALA A C   1 
ATOM   30   O  O   . ALA A 1 8   ? -8.523  7.606   -13.528 1.00 30.63  ? 8   ALA A O   1 
ATOM   31   C  CB  . ALA A 1 8   ? -6.048  8.843   -15.142 1.00 35.10  ? 8   ALA A CB  1 
ATOM   32   N  N   . VAL A 1 9   ? -7.896  9.488   -12.495 1.00 18.01  ? 9   VAL A N   1 
ATOM   33   C  CA  . VAL A 1 9   ? -8.424  9.027   -11.221 1.00 18.15  ? 9   VAL A CA  1 
ATOM   34   C  C   . VAL A 1 9   ? -9.907  8.648   -11.332 1.00 17.32  ? 9   VAL A C   1 
ATOM   35   O  O   . VAL A 1 9   ? -10.420 7.755   -10.630 1.00 15.01  ? 9   VAL A O   1 
ATOM   36   C  CB  . VAL A 1 9   ? -8.260  10.100  -10.115 1.00 23.55  ? 9   VAL A CB  1 
ATOM   37   C  CG1 . VAL A 1 9   ? -9.071  9.702   -8.919  1.00 24.76  ? 9   VAL A CG1 1 
ATOM   38   C  CG2 . VAL A 1 9   ? -6.782  10.202  -9.702  1.00 22.59  ? 9   VAL A CG2 1 
ATOM   39   N  N   . GLU A 1 10  ? -10.609 9.346   -12.212 1.00 28.03  ? 10  GLU A N   1 
ATOM   40   C  CA  . GLU A 1 10  ? -12.032 9.080   -12.406 1.00 29.30  ? 10  GLU A CA  1 
ATOM   41   C  C   . GLU A 1 10  ? -12.318 7.839   -13.248 1.00 28.09  ? 10  GLU A C   1 
ATOM   42   O  O   . GLU A 1 10  ? -13.470 7.555   -13.530 1.00 28.22  ? 10  GLU A O   1 
ATOM   43   C  CB  . GLU A 1 10  ? -12.721 10.304  -13.015 1.00 34.82  ? 10  GLU A CB  1 
ATOM   44   C  CG  . GLU A 1 10  ? -12.706 11.493  -12.083 1.00 38.87  ? 10  GLU A CG  1 
ATOM   45   C  CD  . GLU A 1 10  ? -13.559 11.245  -10.840 1.00 42.28  ? 10  GLU A CD  1 
ATOM   46   O  OE1 . GLU A 1 10  ? -13.451 12.034  -9.881  1.00 47.42  ? 10  GLU A OE1 1 
ATOM   47   O  OE2 . GLU A 1 10  ? -14.347 10.266  -10.819 1.00 43.28  ? 10  GLU A OE2 1 
ATOM   48   N  N   . GLN A 1 11  ? -11.271 7.108   -13.648 1.00 37.59  ? 11  GLN A N   1 
ATOM   49   C  CA  . GLN A 1 11  ? -11.421 5.848   -14.398 1.00 37.32  ? 11  GLN A CA  1 
ATOM   50   C  C   . GLN A 1 11  ? -11.534 4.707   -13.378 1.00 37.21  ? 11  GLN A C   1 
ATOM   51   O  O   . GLN A 1 11  ? -12.026 3.628   -13.696 1.00 38.06  ? 11  GLN A O   1 
ATOM   52   C  CB  . GLN A 1 11  ? -10.221 5.581   -15.316 1.00 23.74  ? 11  GLN A CB  1 
ATOM   53   C  CG  . GLN A 1 11  ? -10.075 6.591   -16.395 1.00 25.47  ? 11  GLN A CG  1 
ATOM   54   C  CD  . GLN A 1 11  ? -8.992  6.220   -17.390 1.00 25.20  ? 11  GLN A CD  1 
ATOM   55   O  OE1 . GLN A 1 11  ? -8.548  7.057   -18.204 1.00 26.63  ? 11  GLN A OE1 1 
ATOM   56   N  NE2 . GLN A 1 11  ? -8.553  4.955   -17.336 1.00 26.51  ? 11  GLN A NE2 1 
ATOM   57   N  N   . LEU A 1 12  ? -11.074 4.949   -12.156 1.00 30.29  ? 12  LEU A N   1 
ATOM   58   C  CA  . LEU A 1 12  ? -11.145 3.936   -11.101 1.00 29.54  ? 12  LEU A CA  1 
ATOM   59   C  C   . LEU A 1 12  ? -12.583 3.644   -10.786 1.00 30.60  ? 12  LEU A C   1 
ATOM   60   O  O   . LEU A 1 12  ? -13.393 4.533   -10.804 1.00 30.92  ? 12  LEU A O   1 
ATOM   61   C  CB  . LEU A 1 12  ? -10.462 4.428   -9.829  1.00 23.96  ? 12  LEU A CB  1 
ATOM   62   C  CG  . LEU A 1 12  ? -8.944  4.617   -9.880  1.00 21.46  ? 12  LEU A CG  1 
ATOM   63   C  CD1 . LEU A 1 12  ? -8.482  5.271   -8.579  1.00 21.03  ? 12  LEU A CD1 1 
ATOM   64   C  CD2 . LEU A 1 12  ? -8.250  3.238   -10.094 1.00 18.93  ? 12  LEU A CD2 1 
ATOM   65   N  N   . THR A 1 13  ? -12.920 2.387   -10.519 1.00 27.39  ? 13  THR A N   1 
ATOM   66   C  CA  . THR A 1 13  ? -14.295 2.060   -10.185 1.00 28.38  ? 13  THR A CA  1 
ATOM   67   C  C   . THR A 1 13  ? -14.471 2.597   -8.777  1.00 29.77  ? 13  THR A C   1 
ATOM   68   O  O   . THR A 1 13  ? -13.493 2.976   -8.125  1.00 29.73  ? 13  THR A O   1 
ATOM   69   C  CB  . THR A 1 13  ? -14.529 0.527   -10.179 1.00 30.24  ? 13  THR A CB  1 
ATOM   70   O  OG1 . THR A 1 13  ? -13.720 -0.077  -9.163  1.00 28.26  ? 13  THR A OG1 1 
ATOM   71   C  CG2 . THR A 1 13  ? -14.125 -0.086  -11.545 1.00 30.26  ? 13  THR A CG2 1 
ATOM   72   N  N   . GLU A 1 14  ? -15.705 2.627   -8.304  1.00 30.43  ? 14  GLU A N   1 
ATOM   73   C  CA  . GLU A 1 14  ? -15.969 3.113   -6.962  1.00 32.02  ? 14  GLU A CA  1 
ATOM   74   C  C   . GLU A 1 14  ? -15.384 2.123   -5.926  1.00 31.37  ? 14  GLU A C   1 
ATOM   75   O  O   . GLU A 1 14  ? -14.984 2.513   -4.833  1.00 29.99  ? 14  GLU A O   1 
ATOM   76   C  CB  . GLU A 1 14  ? -17.479 3.267   -6.755  1.00 100.00 ? 14  GLU A CB  1 
ATOM   77   C  CG  . GLU A 1 14  ? -17.828 3.958   -5.457  1.00 81.83  ? 14  GLU A CG  1 
ATOM   78   C  CD  . GLU A 1 14  ? -19.183 3.544   -4.945  1.00 81.83  ? 14  GLU A CD  1 
ATOM   79   O  OE1 . GLU A 1 14  ? -19.701 2.566   -5.511  1.00 81.83  ? 14  GLU A OE1 1 
ATOM   80   O  OE2 . GLU A 1 14  ? -19.735 4.150   -3.992  1.00 81.83  ? 14  GLU A OE2 1 
ATOM   81   N  N   . GLU A 1 15  ? -15.306 0.846   -6.284  1.00 23.11  ? 15  GLU A N   1 
ATOM   82   C  CA  . GLU A 1 15  ? -14.814 -0.156  -5.365  1.00 23.07  ? 15  GLU A CA  1 
ATOM   83   C  C   . GLU A 1 15  ? -13.309 -0.023  -5.259  1.00 20.82  ? 15  GLU A C   1 
ATOM   84   O  O   . GLU A 1 15  ? -12.741 -0.261  -4.204  1.00 20.88  ? 15  GLU A O   1 
ATOM   85   C  CB  . GLU A 1 15  ? -15.190 -1.536  -5.867  1.00 57.61  ? 15  GLU A CB  1 
ATOM   86   C  CG  . GLU A 1 15  ? -16.035 -2.327  -4.919  1.00 64.17  ? 15  GLU A CG  1 
ATOM   87   C  CD  . GLU A 1 15  ? -15.404 -2.466  -3.543  1.00 66.79  ? 15  GLU A CD  1 
ATOM   88   O  OE1 . GLU A 1 15  ? -15.499 -1.517  -2.739  1.00 70.54  ? 15  GLU A OE1 1 
ATOM   89   O  OE2 . GLU A 1 15  ? -14.807 -3.529  -3.262  1.00 70.19  ? 15  GLU A OE2 1 
ATOM   90   N  N   . GLN A 1 16  ? -12.641 0.297   -6.351  1.00 21.40  ? 16  GLN A N   1 
ATOM   91   C  CA  . GLN A 1 16  ? -11.200 0.487   -6.246  1.00 20.07  ? 16  GLN A CA  1 
ATOM   92   C  C   . GLN A 1 16  ? -10.841 1.681   -5.299  1.00 19.38  ? 16  GLN A C   1 
ATOM   93   O  O   . GLN A 1 16  ? -9.905  1.606   -4.474  1.00 15.97  ? 16  GLN A O   1 
ATOM   94   C  CB  . GLN A 1 16  ? -10.634 0.723   -7.640  1.00 34.08  ? 16  GLN A CB  1 
ATOM   95   C  CG  . GLN A 1 16  ? -10.635 -0.504  -8.496  1.00 36.59  ? 16  GLN A CG  1 
ATOM   96   C  CD  . GLN A 1 16  ? -10.206 -0.219  -9.939  1.00 39.31  ? 16  GLN A CD  1 
ATOM   97   O  OE1 . GLN A 1 16  ? -10.928 0.448   -10.695 1.00 37.71  ? 16  GLN A OE1 1 
ATOM   98   N  NE2 . GLN A 1 16  ? -9.025  -0.725  -10.321 1.00 38.29  ? 16  GLN A NE2 1 
ATOM   99   N  N   . LYS A 1 17  ? -11.583 2.772   -5.429  1.00 20.74  ? 17  LYS A N   1 
ATOM   100  C  CA  . LYS A 1 17  ? -11.320 3.942   -4.612  1.00 22.88  ? 17  LYS A CA  1 
ATOM   101  C  C   . LYS A 1 17  ? -11.487 3.591   -3.140  1.00 21.28  ? 17  LYS A C   1 
ATOM   102  O  O   . LYS A 1 17  ? -10.687 4.005   -2.310  1.00 19.75  ? 17  LYS A O   1 
ATOM   103  C  CB  . LYS A 1 17  ? -12.263 5.082   -5.002  1.00 100.00 ? 17  LYS A CB  1 
ATOM   104  C  CG  . LYS A 1 17  ? -12.080 5.561   -6.412  1.00 76.21  ? 17  LYS A CG  1 
ATOM   105  C  CD  . LYS A 1 17  ? -12.883 6.815   -6.701  1.00 76.21  ? 17  LYS A CD  1 
ATOM   106  C  CE  . LYS A 1 17  ? -12.684 7.261   -8.157  1.00 76.21  ? 17  LYS A CE  1 
ATOM   107  N  NZ  . LYS A 1 17  ? -13.409 8.527   -8.429  1.00 76.21  ? 17  LYS A NZ  1 
ATOM   108  N  N   . ASN A 1 18  ? -12.506 2.805   -2.827  1.00 20.73  ? 18  ASN A N   1 
ATOM   109  C  CA  . ASN A 1 18  ? -12.770 2.432   -1.445  1.00 21.38  ? 18  ASN A CA  1 
ATOM   110  C  C   . ASN A 1 18  ? -11.627 1.569   -0.912  1.00 21.38  ? 18  ASN A C   1 
ATOM   111  O  O   . ASN A 1 18  ? -11.157 1.727   0.238   1.00 22.36  ? 18  ASN A O   1 
ATOM   112  C  CB  . ASN A 1 18  ? -14.106 1.690   -1.352  1.00 68.46  ? 18  ASN A CB  1 
ATOM   113  C  CG  . ASN A 1 18  ? -14.164 0.771   -0.166  1.00 70.67  ? 18  ASN A CG  1 
ATOM   114  O  OD1 . ASN A 1 18  ? -13.779 -0.399  -0.259  1.00 73.21  ? 18  ASN A OD1 1 
ATOM   115  N  ND2 . ASN A 1 18  ? -14.606 1.297   0.977   1.00 69.44  ? 18  ASN A ND2 1 
ATOM   116  N  N   . GLU A 1 19  ? -11.172 0.664   -1.756  1.00 20.20  ? 19  GLU A N   1 
ATOM   117  C  CA  . GLU A 1 19  ? -10.073 -0.212  -1.352  1.00 20.08  ? 19  GLU A CA  1 
ATOM   118  C  C   . GLU A 1 19  ? -8.829  0.641   -1.110  1.00 17.11  ? 19  GLU A C   1 
ATOM   119  O  O   . GLU A 1 19  ? -8.090  0.430   -0.140  1.00 14.97  ? 19  GLU A O   1 
ATOM   120  C  CB  . GLU A 1 19  ? -9.784  -1.278  -2.415  1.00 67.91  ? 19  GLU A CB  1 
ATOM   121  C  CG  . GLU A 1 19  ? -10.910 -2.282  -2.568  1.00 76.51  ? 19  GLU A CG  1 
ATOM   122  C  CD  . GLU A 1 19  ? -10.792 -3.133  -3.825  1.00 80.20  ? 19  GLU A CD  1 
ATOM   123  O  OE1 . GLU A 1 19  ? -10.406 -2.583  -4.890  1.00 84.11  ? 19  GLU A OE1 1 
ATOM   124  O  OE2 . GLU A 1 19  ? -11.101 -4.346  -3.743  1.00 85.31  ? 19  GLU A OE2 1 
ATOM   125  N  N   . PHE A 1 20  ? -8.577  1.600   -2.000  1.00 21.11  ? 20  PHE A N   1 
ATOM   126  C  CA  . PHE A 1 20  ? -7.417  2.457   -1.807  1.00 20.40  ? 20  PHE A CA  1 
ATOM   127  C  C   . PHE A 1 20  ? -7.614  3.275   -0.546  1.00 17.48  ? 20  PHE A C   1 
ATOM   128  O  O   . PHE A 1 20  ? -6.663  3.552   0.133   1.00 16.14  ? 20  PHE A O   1 
ATOM   129  C  CB  . PHE A 1 20  ? -7.186  3.381   -3.004  1.00 23.87  ? 20  PHE A CB  1 
ATOM   130  C  CG  . PHE A 1 20  ? -6.563  2.695   -4.181  1.00 23.33  ? 20  PHE A CG  1 
ATOM   131  C  CD1 . PHE A 1 20  ? -5.503  1.821   -4.010  1.00 27.22  ? 20  PHE A CD1 1 
ATOM   132  C  CD2 . PHE A 1 20  ? -6.975  2.989   -5.477  1.00 25.04  ? 20  PHE A CD2 1 
ATOM   133  C  CE1 . PHE A 1 20  ? -4.846  1.240   -5.133  1.00 26.85  ? 20  PHE A CE1 1 
ATOM   134  C  CE2 . PHE A 1 20  ? -6.323  2.411   -6.599  1.00 23.54  ? 20  PHE A CE2 1 
ATOM   135  C  CZ  . PHE A 1 20  ? -5.253  1.538   -6.411  1.00 25.70  ? 20  PHE A CZ  1 
ATOM   136  N  N   . LYS A 1 21  ? -8.854  3.616   -0.224  1.00 14.19  ? 21  LYS A N   1 
ATOM   137  C  CA  . LYS A 1 21  ? -9.188  4.377   0.975   1.00 14.45  ? 21  LYS A CA  1 
ATOM   138  C  C   . LYS A 1 21  ? -8.848  3.566   2.228   1.00 14.93  ? 21  LYS A C   1 
ATOM   139  O  O   . LYS A 1 21  ? -8.314  4.089   3.233   1.00 14.05  ? 21  LYS A O   1 
ATOM   140  C  CB  . LYS A 1 21  ? -10.682 4.694   0.960   1.00 24.65  ? 21  LYS A CB  1 
ATOM   141  C  CG  . LYS A 1 21  ? -11.142 5.574   2.133   1.00 29.03  ? 21  LYS A CG  1 
ATOM   142  C  CD  . LYS A 1 21  ? -10.330 6.860   2.233   1.00 29.70  ? 21  LYS A CD  1 
ATOM   143  C  CE  . LYS A 1 21  ? -10.832 7.733   3.368   1.00 32.48  ? 21  LYS A CE  1 
ATOM   144  N  NZ  . LYS A 1 21  ? -10.861 6.980   4.662   1.00 29.38  ? 21  LYS A NZ  1 
ATOM   145  N  N   . ALA A 1 22  ? -9.148  2.270   2.166   1.00 18.01  ? 22  ALA A N   1 
ATOM   146  C  CA  . ALA A 1 22  ? -8.864  1.407   3.304   1.00 16.79  ? 22  ALA A CA  1 
ATOM   147  C  C   . ALA A 1 22  ? -7.348  1.388   3.531   1.00 17.20  ? 22  ALA A C   1 
ATOM   148  O  O   . ALA A 1 22  ? -6.857  1.316   4.664   1.00 17.90  ? 22  ALA A O   1 
ATOM   149  C  CB  . ALA A 1 22  ? -9.387  -0.050  3.037   1.00 17.46  ? 22  ALA A CB  1 
ATOM   150  N  N   . ALA A 1 23  ? -6.592  1.408   2.436   1.00 16.49  ? 23  ALA A N   1 
ATOM   151  C  CA  . ALA A 1 23  ? -5.147  1.375   2.568   1.00 14.74  ? 23  ALA A CA  1 
ATOM   152  C  C   . ALA A 1 23  ? -4.690  2.714   3.126   1.00 16.21  ? 23  ALA A C   1 
ATOM   153  O  O   . ALA A 1 23  ? -3.793  2.748   3.984   1.00 15.35  ? 23  ALA A O   1 
ATOM   154  C  CB  . ALA A 1 23  ? -4.478  1.141   1.219   1.00 9.04   ? 23  ALA A CB  1 
ATOM   155  N  N   . PHE A 1 24  ? -5.249  3.805   2.598   1.00 11.06  ? 24  PHE A N   1 
ATOM   156  C  CA  . PHE A 1 24  ? -4.883  5.161   3.064   1.00 9.77   ? 24  PHE A CA  1 
ATOM   157  C  C   . PHE A 1 24  ? -5.132  5.299   4.584   1.00 9.68   ? 24  PHE A C   1 
ATOM   158  O  O   . PHE A 1 24  ? -4.277  5.825   5.328   1.00 7.93   ? 24  PHE A O   1 
ATOM   159  C  CB  . PHE A 1 24  ? -5.695  6.206   2.294   1.00 14.12  ? 24  PHE A CB  1 
ATOM   160  C  CG  . PHE A 1 24  ? -5.453  7.620   2.736   1.00 14.66  ? 24  PHE A CG  1 
ATOM   161  C  CD1 . PHE A 1 24  ? -4.364  8.340   2.230   1.00 13.93  ? 24  PHE A CD1 1 
ATOM   162  C  CD2 . PHE A 1 24  ? -6.339  8.254   3.619   1.00 14.72  ? 24  PHE A CD2 1 
ATOM   163  C  CE1 . PHE A 1 24  ? -4.131  9.688   2.579   1.00 16.50  ? 24  PHE A CE1 1 
ATOM   164  C  CE2 . PHE A 1 24  ? -6.124  9.628   3.999   1.00 16.70  ? 24  PHE A CE2 1 
ATOM   165  C  CZ  . PHE A 1 24  ? -5.012  10.338  3.469   1.00 15.53  ? 24  PHE A CZ  1 
ATOM   166  N  N   . ASP A 1 25  ? -6.274  4.764   5.050   1.00 10.86  ? 25  ASP A N   1 
ATOM   167  C  CA  . ASP A 1 25  ? -6.621  4.837   6.467   1.00 13.02  ? 25  ASP A CA  1 
ATOM   168  C  C   . ASP A 1 25  ? -5.548  4.260   7.367   1.00 13.18  ? 25  ASP A C   1 
ATOM   169  O  O   . ASP A 1 25  ? -5.343  4.744   8.461   1.00 12.00  ? 25  ASP A O   1 
ATOM   170  C  CB  . ASP A 1 25  ? -7.938  4.119   6.763   1.00 20.99  ? 25  ASP A CB  1 
ATOM   171  C  CG  . ASP A 1 25  ? -9.160  4.901   6.244   1.00 25.40  ? 25  ASP A CG  1 
ATOM   172  O  OD1 . ASP A 1 25  ? -10.271 4.300   6.182   1.00 25.76  ? 25  ASP A OD1 1 
ATOM   173  O  OD2 . ASP A 1 25  ? -8.997  6.104   5.891   1.00 26.78  ? 25  ASP A OD2 1 
ATOM   174  N  N   . ILE A 1 26  ? -4.881  3.204   6.931   1.00 16.16  ? 26  ILE A N   1 
ATOM   175  C  CA  . ILE A 1 26  ? -3.817  2.608   7.729   1.00 15.23  ? 26  ILE A CA  1 
ATOM   176  C  C   . ILE A 1 26  ? -2.639  3.582   7.834   1.00 16.02  ? 26  ILE A C   1 
ATOM   177  O  O   . ILE A 1 26  ? -2.018  3.705   8.887   1.00 15.89  ? 26  ILE A O   1 
ATOM   178  C  CB  . ILE A 1 26  ? -3.327  1.284   7.101   1.00 16.53  ? 26  ILE A CB  1 
ATOM   179  C  CG1 . ILE A 1 26  ? -4.497  0.291   7.014   1.00 19.55  ? 26  ILE A CG1 1 
ATOM   180  C  CG2 . ILE A 1 26  ? -2.200  0.688   7.946   1.00 14.62  ? 26  ILE A CG2 1 
ATOM   181  C  CD1 . ILE A 1 26  ? -4.261  -0.893  6.057   1.00 15.71  ? 26  ILE A CD1 1 
ATOM   182  N  N   . PHE A 1 27  ? -2.312  4.276   6.755   1.00 12.18  ? 27  PHE A N   1 
ATOM   183  C  CA  . PHE A 1 27  ? -1.195  5.199   6.854   1.00 15.42  ? 27  PHE A CA  1 
ATOM   184  C  C   . PHE A 1 27  ? -1.468  6.394   7.805   1.00 17.19  ? 27  PHE A C   1 
ATOM   185  O  O   . PHE A 1 27  ? -0.549  6.905   8.474   1.00 19.96  ? 27  PHE A O   1 
ATOM   186  C  CB  . PHE A 1 27  ? -0.841  5.761   5.467   1.00 11.96  ? 27  PHE A CB  1 
ATOM   187  C  CG  . PHE A 1 27  ? -0.163  4.776   4.536   1.00 12.40  ? 27  PHE A CG  1 
ATOM   188  C  CD1 . PHE A 1 27  ? -0.909  3.815   3.853   1.00 10.72  ? 27  PHE A CD1 1 
ATOM   189  C  CD2 . PHE A 1 27  ? 1.211   4.851   4.309   1.00 10.79  ? 27  PHE A CD2 1 
ATOM   190  C  CE1 . PHE A 1 27  ? -0.312  2.946   2.958   1.00 12.82  ? 27  PHE A CE1 1 
ATOM   191  C  CE2 . PHE A 1 27  ? 1.840   3.982   3.408   1.00 9.77   ? 27  PHE A CE2 1 
ATOM   192  C  CZ  . PHE A 1 27  ? 1.092   3.031   2.730   1.00 12.82  ? 27  PHE A CZ  1 
ATOM   193  N  N   . VAL A 1 28  ? -2.724  6.844   7.886   1.00 15.20  ? 28  VAL A N   1 
ATOM   194  C  CA  . VAL A 1 28  ? -2.969  8.036   8.675   1.00 17.92  ? 28  VAL A CA  1 
ATOM   195  C  C   . VAL A 1 28  ? -3.330  7.749   10.080  1.00 21.96  ? 28  VAL A C   1 
ATOM   196  O  O   . VAL A 1 28  ? -3.794  8.660   10.766  1.00 22.02  ? 28  VAL A O   1 
ATOM   197  C  CB  . VAL A 1 28  ? -4.050  8.995   8.030   1.00 23.36  ? 28  VAL A CB  1 
ATOM   198  C  CG1 . VAL A 1 28  ? -3.531  9.521   6.711   1.00 20.48  ? 28  VAL A CG1 1 
ATOM   199  C  CG2 . VAL A 1 28  ? -5.388  8.284   7.855   1.00 19.57  ? 28  VAL A CG2 1 
ATOM   200  N  N   . LEU A 1 29  ? -3.096  6.511   10.522  1.00 28.73  ? 29  LEU A N   1 
ATOM   201  C  CA  . LEU A 1 29  ? -3.403  6.150   11.899  1.00 31.11  ? 29  LEU A CA  1 
ATOM   202  C  C   . LEU A 1 29  ? -2.639  7.104   12.816  1.00 31.56  ? 29  LEU A C   1 
ATOM   203  O  O   . LEU A 1 29  ? -1.423  7.285   12.654  1.00 28.71  ? 29  LEU A O   1 
ATOM   204  C  CB  . LEU A 1 29  ? -2.994  4.705   12.205  1.00 87.16  ? 29  LEU A CB  1 
ATOM   205  C  CG  . LEU A 1 29  ? -3.356  4.170   13.596  1.00 75.28  ? 29  LEU A CG  1 
ATOM   206  C  CD1 . LEU A 1 29  ? -2.899  2.724   13.693  1.00 75.28  ? 29  LEU A CD1 1 
ATOM   207  C  CD2 . LEU A 1 29  ? -2.703  4.997   14.695  1.00 75.28  ? 29  LEU A CD2 1 
ATOM   208  N  N   . GLY A 1 30  ? -3.372  7.734   13.746  1.00 43.63  ? 30  GLY A N   1 
ATOM   209  C  CA  . GLY A 1 30  ? -2.773  8.676   14.680  1.00 45.23  ? 30  GLY A CA  1 
ATOM   210  C  C   . GLY A 1 30  ? -2.052  9.861   14.043  1.00 44.47  ? 30  GLY A C   1 
ATOM   211  O  O   . GLY A 1 30  ? -1.145  10.446  14.640  1.00 46.35  ? 30  GLY A O   1 
ATOM   212  N  N   . ALA A 1 31  ? -2.460  10.240  12.836  1.00 26.28  ? 31  ALA A N   1 
ATOM   213  C  CA  . ALA A 1 31  ? -1.816  11.357  12.151  1.00 25.46  ? 31  ALA A CA  1 
ATOM   214  C  C   . ALA A 1 31  ? -2.508  12.715  12.358  1.00 25.19  ? 31  ALA A C   1 
ATOM   215  O  O   . ALA A 1 31  ? -3.688  12.795  12.602  1.00 23.68  ? 31  ALA A O   1 
ATOM   216  C  CB  . ALA A 1 31  ? -1.723  11.051  10.681  1.00 24.08  ? 31  ALA A CB  1 
ATOM   217  N  N   . GLU A 1 32  ? -1.734  13.788  12.292  1.00 21.43  ? 32  GLU A N   1 
ATOM   218  C  CA  . GLU A 1 32  ? -2.284  15.127  12.396  1.00 23.96  ? 32  GLU A CA  1 
ATOM   219  C  C   . GLU A 1 32  ? -3.040  15.447  11.093  1.00 24.19  ? 32  GLU A C   1 
ATOM   220  O  O   . GLU A 1 32  ? -2.566  15.163  9.973   1.00 24.16  ? 32  GLU A O   1 
ATOM   221  C  CB  . GLU A 1 32  ? -1.159  16.127  12.607  1.00 49.26  ? 32  GLU A CB  1 
ATOM   222  C  CG  . GLU A 1 32  ? -1.634  17.548  12.687  1.00 56.20  ? 32  GLU A CG  1 
ATOM   223  C  CD  . GLU A 1 32  ? -0.505  18.542  12.837  1.00 59.19  ? 32  GLU A CD  1 
ATOM   224  O  OE1 . GLU A 1 32  ? 0.166   18.509  13.882  1.00 62.08  ? 32  GLU A OE1 1 
ATOM   225  O  OE2 . GLU A 1 32  ? -0.280  19.360  11.919  1.00 61.16  ? 32  GLU A OE2 1 
ATOM   226  N  N   . ASP A 1 33  ? -4.217  16.026  11.254  1.00 23.04  ? 33  ASP A N   1 
ATOM   227  C  CA  . ASP A 1 33  ? -5.081  16.387  10.130  1.00 22.78  ? 33  ASP A CA  1 
ATOM   228  C  C   . ASP A 1 33  ? -5.379  15.260  9.145   1.00 20.14  ? 33  ASP A C   1 
ATOM   229  O  O   . ASP A 1 33  ? -5.775  15.488  7.988   1.00 17.71  ? 33  ASP A O   1 
ATOM   230  C  CB  . ASP A 1 33  ? -4.516  17.613  9.390   1.00 95.00  ? 33  ASP A CB  1 
ATOM   231  C  CG  . ASP A 1 33  ? -4.630  18.887  10.215  1.00 70.54  ? 33  ASP A CG  1 
ATOM   232  O  OD1 . ASP A 1 33  ? -5.778  19.240  10.630  1.00 70.54  ? 33  ASP A OD1 1 
ATOM   233  O  OD2 . ASP A 1 33  ? -3.581  19.514  10.475  1.00 70.54  ? 33  ASP A OD2 1 
ATOM   234  N  N   . GLY A 1 34  ? -5.216  14.033  9.613   1.00 33.11  ? 34  GLY A N   1 
ATOM   235  C  CA  . GLY A 1 34  ? -5.528  12.924  8.728   1.00 32.26  ? 34  GLY A CA  1 
ATOM   236  C  C   . GLY A 1 34  ? -4.878  12.866  7.333   1.00 31.53  ? 34  GLY A C   1 
ATOM   237  O  O   . GLY A 1 34  ? -5.534  12.479  6.355   1.00 31.15  ? 34  GLY A O   1 
ATOM   238  N  N   . SER A 1 35  ? -3.600  13.243  7.225   1.00 17.98  ? 35  SER A N   1 
ATOM   239  C  CA  . SER A 1 35  ? -2.889  13.172  5.959   1.00 17.73  ? 35  SER A CA  1 
ATOM   240  C  C   . SER A 1 35  ? -1.568  12.473  6.277   1.00 15.03  ? 35  SER A C   1 
ATOM   241  O  O   . SER A 1 35  ? -1.162  12.349  7.452   1.00 13.89  ? 35  SER A O   1 
ATOM   242  C  CB  . SER A 1 35  ? -2.653  14.551  5.397   1.00 29.50  ? 35  SER A CB  1 
ATOM   243  O  OG  . SER A 1 35  ? -1.816  15.235  6.284   1.00 33.90  ? 35  SER A OG  1 
ATOM   244  N  N   . ILE A 1 36  ? -0.899  12.004  5.234   1.00 13.64  ? 36  ILE A N   1 
ATOM   245  C  CA  . ILE A 1 36  ? 0.316   11.236  5.458   1.00 10.35  ? 36  ILE A CA  1 
ATOM   246  C  C   . ILE A 1 36  ? 1.542   12.123  5.478   1.00 10.13  ? 36  ILE A C   1 
ATOM   247  O  O   . ILE A 1 36  ? 1.800   12.806  4.499   1.00 11.31  ? 36  ILE A O   1 
ATOM   248  C  CB  . ILE A 1 36  ? 0.501   10.135  4.351   1.00 10.40  ? 36  ILE A CB  1 
ATOM   249  C  CG1 . ILE A 1 36  ? -0.726  9.244   4.281   1.00 8.39   ? 36  ILE A CG1 1 
ATOM   250  C  CG2 . ILE A 1 36  ? 1.659   9.141   4.691   1.00 10.03  ? 36  ILE A CG2 1 
ATOM   251  C  CD1 . ILE A 1 36  ? -0.640  8.278   3.017   1.00 7.39   ? 36  ILE A CD1 1 
ATOM   252  N  N   . SER A 1 37  ? 2.264   12.174  6.599   1.00 9.43   ? 37  SER A N   1 
ATOM   253  C  CA  . SER A 1 37  ? 3.510   12.963  6.640   1.00 9.70   ? 37  SER A CA  1 
ATOM   254  C  C   . SER A 1 37  ? 4.657   11.935  6.664   1.00 9.30   ? 37  SER A C   1 
ATOM   255  O  O   . SER A 1 37  ? 4.393   10.748  6.587   1.00 9.58   ? 37  SER A O   1 
ATOM   256  C  CB  . SER A 1 37  ? 3.598   13.823  7.910   1.00 10.30  ? 37  SER A CB  1 
ATOM   257  O  OG  . SER A 1 37  ? 3.684   12.988  9.061   1.00 14.78  ? 37  SER A OG  1 
ATOM   258  N  N   . THR A 1 38  ? 5.906   12.389  6.755   1.00 14.41  ? 38  THR A N   1 
ATOM   259  C  CA  . THR A 1 38  ? 7.066   11.504  6.835   1.00 15.17  ? 38  THR A CA  1 
ATOM   260  C  C   . THR A 1 38  ? 6.928   10.609  8.065   1.00 14.63  ? 38  THR A C   1 
ATOM   261  O  O   . THR A 1 38  ? 7.364   9.462   8.090   1.00 16.25  ? 38  THR A O   1 
ATOM   262  C  CB  . THR A 1 38  ? 8.378   12.305  6.975   1.00 15.52  ? 38  THR A CB  1 
ATOM   263  O  OG1 . THR A 1 38  ? 8.271   13.260  8.046   1.00 16.69  ? 38  THR A OG1 1 
ATOM   264  C  CG2 . THR A 1 38  ? 8.710   12.982  5.672   1.00 16.89  ? 38  THR A CG2 1 
ATOM   265  N  N   . LYS A 1 39  ? 6.290   11.136  9.088   1.00 13.20  ? 39  LYS A N   1 
ATOM   266  C  CA  . LYS A 1 39  ? 6.098   10.389  10.337  1.00 15.53  ? 39  LYS A CA  1 
ATOM   267  C  C   . LYS A 1 39  ? 5.266   9.109   10.129  1.00 14.33  ? 39  LYS A C   1 
ATOM   268  O  O   . LYS A 1 39  ? 5.643   8.012   10.556  1.00 14.10  ? 39  LYS A O   1 
ATOM   269  C  CB  . LYS A 1 39  ? 5.398   11.280  11.370  1.00 58.15  ? 39  LYS A CB  1 
ATOM   270  C  CG  . LYS A 1 39  ? 5.050   10.580  12.660  1.00 42.48  ? 39  LYS A CG  1 
ATOM   271  C  CD  . LYS A 1 39  ? 4.406   11.537  13.639  1.00 42.48  ? 39  LYS A CD  1 
ATOM   272  C  CE  . LYS A 1 39  ? 3.913   10.839  14.889  1.00 42.48  ? 39  LYS A CE  1 
ATOM   273  N  NZ  . LYS A 1 39  ? 3.203   11.762  15.842  1.00 42.48  ? 39  LYS A NZ  1 
ATOM   274  N  N   . GLU A 1 40  ? 4.134   9.251   9.469   1.00 15.62  ? 40  GLU A N   1 
ATOM   275  C  CA  . GLU A 1 40  ? 3.267   8.093   9.217   1.00 16.95  ? 40  GLU A CA  1 
ATOM   276  C  C   . GLU A 1 40  ? 3.937   7.147   8.183   1.00 18.16  ? 40  GLU A C   1 
ATOM   277  O  O   . GLU A 1 40  ? 3.843   5.914   8.284   1.00 22.23  ? 40  GLU A O   1 
ATOM   278  C  CB  . GLU A 1 40  ? 1.914   8.534   8.667   1.00 10.68  ? 40  GLU A CB  1 
ATOM   279  C  CG  . GLU A 1 40  ? 0.995   9.137   9.700   1.00 14.21  ? 40  GLU A CG  1 
ATOM   280  C  CD  . GLU A 1 40  ? 1.456   10.525  10.216  1.00 15.09  ? 40  GLU A CD  1 
ATOM   281  O  OE1 . GLU A 1 40  ? 1.197   10.774  11.408  1.00 19.04  ? 40  GLU A OE1 1 
ATOM   282  O  OE2 . GLU A 1 40  ? 2.047   11.354  9.474   1.00 14.26  ? 40  GLU A OE2 1 
ATOM   283  N  N   . LEU A 1 41  ? 4.573   7.714   7.169   1.00 12.08  ? 41  LEU A N   1 
ATOM   284  C  CA  . LEU A 1 41  ? 5.241   6.896   6.157   1.00 14.04  ? 41  LEU A CA  1 
ATOM   285  C  C   . LEU A 1 41  ? 6.322   6.065   6.855   1.00 14.35  ? 41  LEU A C   1 
ATOM   286  O  O   . LEU A 1 41  ? 6.470   4.885   6.527   1.00 14.14  ? 41  LEU A O   1 
ATOM   287  C  CB  . LEU A 1 41  ? 5.885   7.772   5.084   1.00 15.32  ? 41  LEU A CB  1 
ATOM   288  C  CG  . LEU A 1 41  ? 6.403   7.007   3.873   1.00 18.52  ? 41  LEU A CG  1 
ATOM   289  C  CD1 . LEU A 1 41  ? 5.247   6.176   3.275   1.00 16.00  ? 41  LEU A CD1 1 
ATOM   290  C  CD2 . LEU A 1 41  ? 6.942   8.003   2.839   1.00 19.80  ? 41  LEU A CD2 1 
ATOM   291  N  N   . GLY A 1 42  ? 7.052   6.671   7.809   1.00 11.39  ? 42  GLY A N   1 
ATOM   292  C  CA  . GLY A 1 42  ? 8.111   5.974   8.549   1.00 9.28   ? 42  GLY A CA  1 
ATOM   293  C  C   . GLY A 1 42  ? 7.524   4.871   9.413   1.00 12.15  ? 42  GLY A C   1 
ATOM   294  O  O   . GLY A 1 42  ? 8.053   3.776   9.468   1.00 12.49  ? 42  GLY A O   1 
ATOM   295  N  N   . LYS A 1 43  ? 6.406   5.135   10.086  1.00 9.66   ? 43  LYS A N   1 
ATOM   296  C  CA  . LYS A 1 43  ? 5.741   4.100   10.883  1.00 8.09   ? 43  LYS A CA  1 
ATOM   297  C  C   . LYS A 1 43  ? 5.319   2.853   10.007  1.00 5.97   ? 43  LYS A C   1 
ATOM   298  O  O   . LYS A 1 43  ? 5.539   1.700   10.379  1.00 8.16   ? 43  LYS A O   1 
ATOM   299  C  CB  . LYS A 1 43  ? 4.500   4.679   11.555  1.00 78.11  ? 43  LYS A CB  1 
ATOM   300  C  CG  . LYS A 1 43  ? 3.240   4.421   10.779  1.00 59.12  ? 43  LYS A CG  1 
ATOM   301  C  CD  . LYS A 1 43  ? 2.125   3.872   11.697  1.00 59.12  ? 43  LYS A CD  1 
ATOM   302  C  CE  . LYS A 1 43  ? 0.992   3.235   10.852  1.00 59.12  ? 43  LYS A CE  1 
ATOM   303  N  NZ  . LYS A 1 43  ? -0.362  3.549   11.386  1.00 59.12  ? 43  LYS A NZ  1 
ATOM   304  N  N   . VAL A 1 44  ? 4.691   3.060   8.854   1.00 12.66  ? 44  VAL A N   1 
ATOM   305  C  CA  . VAL A 1 44  ? 4.289   1.899   8.012   1.00 11.75  ? 44  VAL A CA  1 
ATOM   306  C  C   . VAL A 1 44  ? 5.566   1.164   7.533   1.00 13.77  ? 44  VAL A C   1 
ATOM   307  O  O   . VAL A 1 44  ? 5.682   -0.077  7.596   1.00 13.72  ? 44  VAL A O   1 
ATOM   308  C  CB  . VAL A 1 44  ? 3.465   2.399   6.786   1.00 3.83   ? 44  VAL A CB  1 
ATOM   309  C  CG1 . VAL A 1 44  ? 3.159   1.246   5.771   1.00 3.17   ? 44  VAL A CG1 1 
ATOM   310  C  CG2 . VAL A 1 44  ? 2.167   2.944   7.282   1.00 3.17   ? 44  VAL A CG2 1 
ATOM   311  N  N   . MET A 1 45  ? 6.528   1.940   7.039   1.00 6.29   ? 45  MET A N   1 
ATOM   312  C  CA  . MET A 1 45  ? 7.791   1.361   6.589   1.00 8.41   ? 45  MET A CA  1 
ATOM   313  C  C   . MET A 1 45  ? 8.388   0.471   7.679   1.00 9.80   ? 45  MET A C   1 
ATOM   314  O  O   . MET A 1 45  ? 8.826   -0.642  7.415   1.00 8.54   ? 45  MET A O   1 
ATOM   315  C  CB  . MET A 1 45  ? 8.795   2.462   6.271   1.00 25.30  ? 45  MET A CB  1 
ATOM   316  C  CG  . MET A 1 45  ? 8.390   3.359   5.111   1.00 29.79  ? 45  MET A CG  1 
ATOM   317  S  SD  . MET A 1 45  ? 8.169   2.435   3.623   1.00 40.75  ? 45  MET A SD  1 
ATOM   318  C  CE  . MET A 1 45  ? 9.768   2.155   3.181   1.00 32.77  ? 45  MET A CE  1 
ATOM   319  N  N   . ARG A 1 46  ? 8.439   0.974   8.898   1.00 12.91  ? 46  ARG A N   1 
ATOM   320  C  CA  . ARG A 1 46  ? 9.009   0.216   10.005  1.00 13.44  ? 46  ARG A CA  1 
ATOM   321  C  C   . ARG A 1 46  ? 8.195   -1.032  10.347  1.00 12.38  ? 46  ARG A C   1 
ATOM   322  O  O   . ARG A 1 46  ? 8.749   -2.078  10.692  1.00 11.82  ? 46  ARG A O   1 
ATOM   323  C  CB  . ARG A 1 46  ? 9.160   1.137   11.218  1.00 16.21  ? 46  ARG A CB  1 
ATOM   324  C  CG  . ARG A 1 46  ? 10.467  1.947   11.156  1.00 19.81  ? 46  ARG A CG  1 
ATOM   325  C  CD  . ARG A 1 46  ? 10.648  2.792   12.459  1.00 22.54  ? 46  ARG A CD  1 
ATOM   326  N  NE  . ARG A 1 46  ? 9.785   3.975   12.468  1.00 23.69  ? 46  ARG A NE  1 
ATOM   327  C  CZ  . ARG A 1 46  ? 10.003  5.087   11.745  1.00 24.90  ? 46  ARG A CZ  1 
ATOM   328  N  NH1 . ARG A 1 46  ? 9.150   6.083   11.813  1.00 27.78  ? 46  ARG A NH1 1 
ATOM   329  N  NH2 . ARG A 1 46  ? 11.064  5.235   10.966  1.00 27.05  ? 46  ARG A NH2 1 
ATOM   330  N  N   . MET A 1 47  ? 6.870   -0.906  10.260  1.00 12.75  ? 47  MET A N   1 
ATOM   331  C  CA  . MET A 1 47  ? 5.978   -2.013  10.550  1.00 14.81  ? 47  MET A CA  1 
ATOM   332  C  C   . MET A 1 47  ? 6.254   -3.107  9.525   1.00 14.27  ? 47  MET A C   1 
ATOM   333  O  O   . MET A 1 47  ? 6.079   -4.281  9.809   1.00 15.45  ? 47  MET A O   1 
ATOM   334  C  CB  . MET A 1 47  ? 4.521   -1.577  10.421  1.00 23.68  ? 47  MET A CB  1 
ATOM   335  C  CG  . MET A 1 47  ? 3.540   -2.722  10.596  1.00 27.67  ? 47  MET A CG  1 
ATOM   336  S  SD  . MET A 1 47  ? 1.811   -2.244  10.150  1.00 32.99  ? 47  MET A SD  1 
ATOM   337  C  CE  . MET A 1 47  ? 1.925   -2.504  8.318   1.00 27.21  ? 47  MET A CE  1 
ATOM   338  N  N   . LEU A 1 48  ? 6.670   -2.715  8.330   1.00 11.71  ? 48  LEU A N   1 
ATOM   339  C  CA  . LEU A 1 48  ? 6.948   -3.681  7.263   1.00 10.27  ? 48  LEU A CA  1 
ATOM   340  C  C   . LEU A 1 48  ? 8.386   -4.204  7.298   1.00 12.32  ? 48  LEU A C   1 
ATOM   341  O  O   . LEU A 1 48  ? 8.817   -4.872  6.365   1.00 10.28  ? 48  LEU A O   1 
ATOM   342  C  CB  . LEU A 1 48  ? 6.641   -3.079  5.882   1.00 9.32   ? 48  LEU A CB  1 
ATOM   343  C  CG  . LEU A 1 48  ? 5.174   -2.715  5.626   1.00 8.63   ? 48  LEU A CG  1 
ATOM   344  C  CD1 . LEU A 1 48  ? 5.081   -2.162  4.250   1.00 8.21   ? 48  LEU A CD1 1 
ATOM   345  C  CD2 . LEU A 1 48  ? 4.208   -3.938  5.853   1.00 8.96   ? 48  LEU A CD2 1 
ATOM   346  N  N   . GLY A 1 49  ? 9.106   -3.877  8.374   1.00 14.25  ? 49  GLY A N   1 
ATOM   347  C  CA  . GLY A 1 49  ? 10.462  -4.358  8.577   1.00 14.86  ? 49  GLY A CA  1 
ATOM   348  C  C   . GLY A 1 49  ? 11.602  -3.569  7.997   1.00 15.76  ? 49  GLY A C   1 
ATOM   349  O  O   . GLY A 1 49  ? 12.738  -4.067  8.044   1.00 14.03  ? 49  GLY A O   1 
ATOM   350  N  N   . GLN A 1 50  ? 11.331  -2.382  7.422   1.00 12.01  ? 50  GLN A N   1 
ATOM   351  C  CA  . GLN A 1 50  ? 12.380  -1.566  6.851   1.00 11.32  ? 50  GLN A CA  1 
ATOM   352  C  C   . GLN A 1 50  ? 12.917  -0.583  7.889   1.00 11.38  ? 50  GLN A C   1 
ATOM   353  O  O   . GLN A 1 50  ? 12.362  -0.460  8.983   1.00 10.80  ? 50  GLN A O   1 
ATOM   354  C  CB  . GLN A 1 50  ? 11.818  -0.787  5.667   1.00 21.14  ? 50  GLN A CB  1 
ATOM   355  C  CG  . GLN A 1 50  ? 11.182  -1.663  4.571   1.00 26.14  ? 50  GLN A CG  1 
ATOM   356  C  CD  . GLN A 1 50  ? 12.158  -2.710  4.091   1.00 31.56  ? 50  GLN A CD  1 
ATOM   357  O  OE1 . GLN A 1 50  ? 13.222  -2.378  3.497   1.00 30.54  ? 50  GLN A OE1 1 
ATOM   358  N  NE2 . GLN A 1 50  ? 11.838  -3.997  4.378   1.00 33.57  ? 50  GLN A NE2 1 
ATOM   359  N  N   . ASN A 1 51  ? 13.969  0.149   7.528   1.00 9.73   ? 51  ASN A N   1 
ATOM   360  C  CA  . ASN A 1 51  ? 14.562  1.145   8.417   1.00 11.12  ? 51  ASN A CA  1 
ATOM   361  C  C   . ASN A 1 51  ? 15.011  2.336   7.562   1.00 9.96   ? 51  ASN A C   1 
ATOM   362  O  O   . ASN A 1 51  ? 16.195  2.568   7.377   1.00 11.25  ? 51  ASN A O   1 
ATOM   363  C  CB  . ASN A 1 51  ? 15.720  0.484   9.122   1.00 12.73  ? 51  ASN A CB  1 
ATOM   364  C  CG  . ASN A 1 51  ? 15.234  -0.556  10.158  1.00 15.13  ? 51  ASN A CG  1 
ATOM   365  O  OD1 . ASN A 1 51  ? 14.810  -0.169  11.243  1.00 18.99  ? 51  ASN A OD1 1 
ATOM   366  N  ND2 . ASN A 1 51  ? 15.247  -1.852  9.802   1.00 9.68   ? 51  ASN A ND2 1 
ATOM   367  N  N   . PRO A 1 52  ? 14.059  3.090   7.007   1.00 13.66  ? 52  PRO A N   1 
ATOM   368  C  CA  . PRO A 1 52  ? 14.331  4.258   6.156   1.00 14.92  ? 52  PRO A CA  1 
ATOM   369  C  C   . PRO A 1 52  ? 14.948  5.410   6.929   1.00 15.48  ? 52  PRO A C   1 
ATOM   370  O  O   . PRO A 1 52  ? 14.780  5.530   8.148   1.00 18.58  ? 52  PRO A O   1 
ATOM   371  C  CB  . PRO A 1 52  ? 12.953  4.627   5.575   1.00 9.25   ? 52  PRO A CB  1 
ATOM   372  C  CG  . PRO A 1 52  ? 11.994  4.265   6.729   1.00 8.51   ? 52  PRO A CG  1 
ATOM   373  C  CD  . PRO A 1 52  ? 12.606  2.940   7.269   1.00 9.28   ? 52  PRO A CD  1 
ATOM   374  N  N   . THR A 1 53  ? 15.656  6.257   6.186   1.00 13.62  ? 53  THR A N   1 
ATOM   375  C  CA  . THR A 1 53  ? 16.286  7.455   6.720   1.00 12.41  ? 53  THR A CA  1 
ATOM   376  C  C   . THR A 1 53  ? 15.318  8.604   6.493   1.00 14.34  ? 53  THR A C   1 
ATOM   377  O  O   . THR A 1 53  ? 14.336  8.440   5.767   1.00 16.49  ? 53  THR A O   1 
ATOM   378  C  CB  . THR A 1 53  ? 17.575  7.809   5.952   1.00 11.56  ? 53  THR A CB  1 
ATOM   379  O  OG1 . THR A 1 53  ? 17.269  8.028   4.563   1.00 10.63  ? 53  THR A OG1 1 
ATOM   380  C  CG2 . THR A 1 53  ? 18.560  6.652   6.043   1.00 7.86   ? 53  THR A CG2 1 
ATOM   381  N  N   . PRO A 1 54  ? 15.573  9.751   7.106   1.00 16.55  ? 54  PRO A N   1 
ATOM   382  C  CA  . PRO A 1 54  ? 14.699  10.937  6.959   1.00 16.92  ? 54  PRO A CA  1 
ATOM   383  C  C   . PRO A 1 54  ? 14.674  11.362  5.509   1.00 14.96  ? 54  PRO A C   1 
ATOM   384  O  O   . PRO A 1 54  ? 13.629  11.662  4.979   1.00 16.23  ? 54  PRO A O   1 
ATOM   385  C  CB  . PRO A 1 54  ? 15.346  11.985  7.843   1.00 13.04  ? 54  PRO A CB  1 
ATOM   386  C  CG  . PRO A 1 54  ? 15.824  11.096  9.042   1.00 15.88  ? 54  PRO A CG  1 
ATOM   387  C  CD  . PRO A 1 54  ? 16.449  9.902   8.300   1.00 16.58  ? 54  PRO A CD  1 
ATOM   388  N  N   . GLU A 1 55  ? 15.821  11.334  4.870   1.00 12.62  ? 55  GLU A N   1 
ATOM   389  C  CA  . GLU A 1 55  ? 15.952  11.716  3.433   1.00 15.72  ? 55  GLU A CA  1 
ATOM   390  C  C   . GLU A 1 55  ? 15.098  10.826  2.534   1.00 13.70  ? 55  GLU A C   1 
ATOM   391  O  O   . GLU A 1 55  ? 14.366  11.293  1.625   1.00 12.70  ? 55  GLU A O   1 
ATOM   392  C  CB  . GLU A 1 55  ? 17.411  11.639  2.931   1.00 24.41  ? 55  GLU A CB  1 
ATOM   393  C  CG  . GLU A 1 55  ? 18.442  12.535  3.682   1.00 29.88  ? 55  GLU A CG  1 
ATOM   394  C  CD  . GLU A 1 55  ? 18.714  12.131  5.172   1.00 31.52  ? 55  GLU A CD  1 
ATOM   395  O  OE1 . GLU A 1 55  ? 18.627  10.933  5.531   1.00 29.13  ? 55  GLU A OE1 1 
ATOM   396  O  OE2 . GLU A 1 55  ? 19.035  13.022  5.993   1.00 32.36  ? 55  GLU A OE2 1 
ATOM   397  N  N   . GLU A 1 56  ? 15.191  9.533   2.774   1.00 8.31   ? 56  GLU A N   1 
ATOM   398  C  CA  . GLU A 1 56  ? 14.357  8.649   1.983   1.00 10.36  ? 56  GLU A CA  1 
ATOM   399  C  C   . GLU A 1 56  ? 12.858  8.943   2.183   1.00 11.02  ? 56  GLU A C   1 
ATOM   400  O  O   . GLU A 1 56  ? 12.109  8.975   1.220   1.00 9.57   ? 56  GLU A O   1 
ATOM   401  C  CB  . GLU A 1 56  ? 14.630  7.174   2.309   1.00 26.18  ? 56  GLU A CB  1 
ATOM   402  C  CG  . GLU A 1 56  ? 16.105  6.847   2.136   1.00 30.81  ? 56  GLU A CG  1 
ATOM   403  C  CD  . GLU A 1 56  ? 16.510  5.461   2.620   1.00 33.61  ? 56  GLU A CD  1 
ATOM   404  O  OE1 . GLU A 1 56  ? 16.010  4.975   3.657   1.00 31.80  ? 56  GLU A OE1 1 
ATOM   405  O  OE2 . GLU A 1 56  ? 17.363  4.861   1.947   1.00 35.09  ? 56  GLU A OE2 1 
ATOM   406  N  N   . LEU A 1 57  ? 12.398  9.047   3.414   1.00 18.04  ? 57  LEU A N   1 
ATOM   407  C  CA  . LEU A 1 57  ? 10.987  9.345   3.647   1.00 18.69  ? 57  LEU A CA  1 
ATOM   408  C  C   . LEU A 1 57  ? 10.564  10.696  3.053   1.00 19.30  ? 57  LEU A C   1 
ATOM   409  O  O   . LEU A 1 57  ? 9.514   10.815  2.475   1.00 21.27  ? 57  LEU A O   1 
ATOM   410  C  CB  . LEU A 1 57  ? 10.696  9.366   5.138   1.00 11.87  ? 57  LEU A CB  1 
ATOM   411  C  CG  . LEU A 1 57  ? 10.907  8.028   5.889   1.00 14.02  ? 57  LEU A CG  1 
ATOM   412  C  CD1 . LEU A 1 57  ? 10.699  8.300   7.448   1.00 11.43  ? 57  LEU A CD1 1 
ATOM   413  C  CD2 . LEU A 1 57  ? 9.982   6.875   5.377   1.00 7.32   ? 57  LEU A CD2 1 
ATOM   414  N  N   . GLN A 1 58  ? 11.387  11.720  3.187   1.00 15.94  ? 58  GLN A N   1 
ATOM   415  C  CA  . GLN A 1 58  ? 11.027  13.049  2.678   1.00 19.43  ? 58  GLN A CA  1 
ATOM   416  C  C   . GLN A 1 58  ? 10.952  13.014  1.127   1.00 19.28  ? 58  GLN A C   1 
ATOM   417  O  O   . GLN A 1 58  ? 10.126  13.679  0.467   1.00 16.97  ? 58  GLN A O   1 
ATOM   418  C  CB  . GLN A 1 58  ? 12.070  14.076  3.146   1.00 22.25  ? 58  GLN A CB  1 
ATOM   419  C  CG  . GLN A 1 58  ? 11.640  15.518  2.821   1.00 25.41  ? 58  GLN A CG  1 
ATOM   420  C  CD  . GLN A 1 58  ? 10.509  15.963  3.749   1.00 29.31  ? 58  GLN A CD  1 
ATOM   421  O  OE1 . GLN A 1 58  ? 10.671  15.969  4.978   1.00 28.68  ? 58  GLN A OE1 1 
ATOM   422  N  NE2 . GLN A 1 58  ? 9.354   16.303  3.172   1.00 29.88  ? 58  GLN A NE2 1 
ATOM   423  N  N   . GLU A 1 59  ? 11.818  12.208  0.557   1.00 15.67  ? 59  GLU A N   1 
ATOM   424  C  CA  . GLU A 1 59  ? 11.852  12.058  -0.889  1.00 18.33  ? 59  GLU A CA  1 
ATOM   425  C  C   . GLU A 1 59  ? 10.566  11.433  -1.350  1.00 17.25  ? 59  GLU A C   1 
ATOM   426  O  O   . GLU A 1 59  ? 10.039  11.833  -2.373  1.00 16.96  ? 59  GLU A O   1 
ATOM   427  C  CB  . GLU A 1 59  ? 13.015  11.177  -1.326  1.00 36.77  ? 59  GLU A CB  1 
ATOM   428  C  CG  . GLU A 1 59  ? 13.628  11.545  -2.624  1.00 42.01  ? 59  GLU A CG  1 
ATOM   429  C  CD  . GLU A 1 59  ? 15.122  11.276  -2.617  1.00 45.15  ? 59  GLU A CD  1 
ATOM   430  O  OE1 . GLU A 1 59  ? 15.499  10.102  -2.436  1.00 46.01  ? 59  GLU A OE1 1 
ATOM   431  O  OE2 . GLU A 1 59  ? 15.916  12.230  -2.781  1.00 45.64  ? 59  GLU A OE2 1 
ATOM   432  N  N   . MET A 1 60  ? 10.041  10.470  -0.610  1.00 18.23  ? 60  MET A N   1 
ATOM   433  C  CA  . MET A 1 60  ? 8.791   9.842   -1.035  1.00 17.76  ? 60  MET A CA  1 
ATOM   434  C  C   . MET A 1 60  ? 7.561   10.767  -0.897  1.00 15.97  ? 60  MET A C   1 
ATOM   435  O  O   . MET A 1 60  ? 6.678   10.767  -1.773  1.00 16.83  ? 60  MET A O   1 
ATOM   436  C  CB  . MET A 1 60  ? 8.550   8.550   -0.254  1.00 23.33  ? 60  MET A CB  1 
ATOM   437  C  CG  . MET A 1 60  ? 9.459   7.406   -0.695  1.00 25.47  ? 60  MET A CG  1 
ATOM   438  S  SD  . MET A 1 60  ? 9.515   6.024   0.433   1.00 29.96  ? 60  MET A SD  1 
ATOM   439  C  CE  . MET A 1 60  ? 7.943   5.354   0.204   1.00 23.33  ? 60  MET A CE  1 
ATOM   440  N  N   . ILE A 1 61  ? 7.498   11.526  0.194   1.00 12.45  ? 61  ILE A N   1 
ATOM   441  C  CA  . ILE A 1 61  ? 6.396   12.458  0.438   1.00 14.12  ? 61  ILE A CA  1 
ATOM   442  C  C   . ILE A 1 61  ? 6.393   13.541  -0.654  1.00 16.50  ? 61  ILE A C   1 
ATOM   443  O  O   . ILE A 1 61  ? 5.351   13.814  -1.218  1.00 19.00  ? 61  ILE A O   1 
ATOM   444  C  CB  . ILE A 1 61  ? 6.545   13.167  1.783   1.00 12.77  ? 61  ILE A CB  1 
ATOM   445  C  CG1 . ILE A 1 61  ? 6.461   12.167  2.937   1.00 9.47   ? 61  ILE A CG1 1 
ATOM   446  C  CG2 . ILE A 1 61  ? 5.490   14.276  1.897   1.00 10.01  ? 61  ILE A CG2 1 
ATOM   447  C  CD1 . ILE A 1 61  ? 5.072   11.442  3.017   1.00 12.82  ? 61  ILE A CD1 1 
ATOM   448  N  N   . ASP A 1 62  ? 7.553   14.132  -0.965  1.00 19.71  ? 62  ASP A N   1 
ATOM   449  C  CA  . ASP A 1 62  ? 7.658   15.171  -1.983  1.00 21.93  ? 62  ASP A CA  1 
ATOM   450  C  C   . ASP A 1 62  ? 7.296   14.677  -3.378  1.00 23.39  ? 62  ASP A C   1 
ATOM   451  O  O   . ASP A 1 62  ? 6.791   15.443  -4.176  1.00 24.22  ? 62  ASP A O   1 
ATOM   452  C  CB  . ASP A 1 62  ? 9.079   15.735  -2.013  1.00 37.57  ? 62  ASP A CB  1 
ATOM   453  C  CG  . ASP A 1 62  ? 9.391   16.604  -0.814  1.00 39.25  ? 62  ASP A CG  1 
ATOM   454  O  OD1 . ASP A 1 62  ? 8.429   16.987  -0.099  1.00 40.56  ? 62  ASP A OD1 1 
ATOM   455  O  OD2 . ASP A 1 62  ? 10.604  16.900  -0.616  1.00 39.95  ? 62  ASP A OD2 1 
ATOM   456  N  N   . GLU A 1 63  ? 7.583   13.411  -3.679  1.00 27.04  ? 63  GLU A N   1 
ATOM   457  C  CA  . GLU A 1 63  ? 7.274   12.837  -4.982  1.00 29.16  ? 63  GLU A CA  1 
ATOM   458  C  C   . GLU A 1 63  ? 5.750   12.824  -5.292  1.00 30.66  ? 63  GLU A C   1 
ATOM   459  O  O   . GLU A 1 63  ? 5.345   12.909  -6.440  1.00 30.09  ? 63  GLU A O   1 
ATOM   460  C  CB  . GLU A 1 63  ? 7.835   11.412  -5.042  1.00 100.00 ? 63  GLU A CB  1 
ATOM   461  C  CG  . GLU A 1 63  ? 7.585   10.704  -6.363  1.00 69.14  ? 63  GLU A CG  1 
ATOM   462  C  CD  . GLU A 1 63  ? 8.191   11.428  -7.573  1.00 69.14  ? 63  GLU A CD  1 
ATOM   463  O  OE1 . GLU A 1 63  ? 9.218   12.145  -7.397  1.00 69.14  ? 63  GLU A OE1 1 
ATOM   464  O  OE2 . GLU A 1 63  ? 7.645   11.260  -8.698  1.00 69.14  ? 63  GLU A OE2 1 
ATOM   465  N  N   . VAL A 1 64  ? 4.909   12.748  -4.263  1.00 24.68  ? 64  VAL A N   1 
ATOM   466  C  CA  . VAL A 1 64  ? 3.476   12.675  -4.467  1.00 24.58  ? 64  VAL A CA  1 
ATOM   467  C  C   . VAL A 1 64  ? 2.719   13.872  -3.880  1.00 23.13  ? 64  VAL A C   1 
ATOM   468  O  O   . VAL A 1 64  ? 1.509   13.951  -4.048  1.00 22.65  ? 64  VAL A O   1 
ATOM   469  C  CB  . VAL A 1 64  ? 2.927   11.359  -3.854  1.00 25.81  ? 64  VAL A CB  1 
ATOM   470  C  CG1 . VAL A 1 64  ? 3.687   10.208  -4.342  1.00 27.07  ? 64  VAL A CG1 1 
ATOM   471  C  CG2 . VAL A 1 64  ? 3.038   11.382  -2.397  1.00 27.05  ? 64  VAL A CG2 1 
ATOM   472  N  N   . ASP A 1 65  ? 3.388   14.760  -3.160  1.00 29.17  ? 65  ASP A N   1 
ATOM   473  C  CA  . ASP A 1 65  ? 2.712   15.949  -2.604  1.00 31.13  ? 65  ASP A CA  1 
ATOM   474  C  C   . ASP A 1 65  ? 2.574   17.054  -3.673  1.00 32.92  ? 65  ASP A C   1 
ATOM   475  O  O   . ASP A 1 65  ? 3.471   17.895  -3.837  1.00 33.32  ? 65  ASP A O   1 
ATOM   476  C  CB  . ASP A 1 65  ? 3.526   16.500  -1.440  1.00 28.41  ? 65  ASP A CB  1 
ATOM   477  C  CG  . ASP A 1 65  ? 2.907   17.741  -0.827  1.00 26.89  ? 65  ASP A CG  1 
ATOM   478  O  OD1 . ASP A 1 65  ? 3.628   18.442  -0.050  1.00 25.91  ? 65  ASP A OD1 1 
ATOM   479  O  OD2 . ASP A 1 65  ? 1.708   17.977  -1.119  1.00 22.69  ? 65  ASP A OD2 1 
ATOM   480  N  N   . GLU A 1 66  ? 1.453   17.061  -4.385  1.00 25.96  ? 66  GLU A N   1 
ATOM   481  C  CA  . GLU A 1 66  ? 1.252   18.034  -5.452  1.00 27.46  ? 66  GLU A CA  1 
ATOM   482  C  C   . GLU A 1 66  ? 1.072   19.502  -5.004  1.00 26.59  ? 66  GLU A C   1 
ATOM   483  O  O   . GLU A 1 66  ? 1.481   20.423  -5.724  1.00 25.16  ? 66  GLU A O   1 
ATOM   484  C  CB  . GLU A 1 66  ? 0.055   17.610  -6.306  1.00 100.00 ? 66  GLU A CB  1 
ATOM   485  C  CG  . GLU A 1 66  ? 0.249   17.784  -7.828  1.00 92.50  ? 66  GLU A CG  1 
ATOM   486  C  CD  . GLU A 1 66  ? 0.368   19.241  -8.281  1.00 92.50  ? 66  GLU A CD  1 
ATOM   487  O  OE1 . GLU A 1 66  ? 0.254   20.158  -7.449  1.00 92.50  ? 66  GLU A OE1 1 
ATOM   488  O  OE2 . GLU A 1 66  ? 0.571   19.492  -9.480  1.00 92.50  ? 66  GLU A OE2 1 
ATOM   489  N  N   . ASP A 1 67  ? 0.511   19.750  -3.825  1.00 29.36  ? 67  ASP A N   1 
ATOM   490  C  CA  . ASP A 1 67  ? 0.279   21.156  -3.425  1.00 28.71  ? 67  ASP A CA  1 
ATOM   491  C  C   . ASP A 1 67  ? 1.318   21.714  -2.451  1.00 29.20  ? 67  ASP A C   1 
ATOM   492  O  O   . ASP A 1 67  ? 1.091   22.734  -1.804  1.00 29.91  ? 67  ASP A O   1 
ATOM   493  C  CB  . ASP A 1 67  ? -1.125  21.305  -2.793  1.00 26.27  ? 67  ASP A CB  1 
ATOM   494  C  CG  . ASP A 1 67  ? -1.262  20.518  -1.494  1.00 27.29  ? 67  ASP A CG  1 
ATOM   495  O  OD1 . ASP A 1 67  ? -0.398  19.677  -1.217  1.00 24.33  ? 67  ASP A OD1 1 
ATOM   496  O  OD2 . ASP A 1 67  ? -2.229  20.700  -0.737  1.00 31.03  ? 67  ASP A OD2 1 
ATOM   497  N  N   . GLY A 1 68  ? 2.445   21.027  -2.329  1.00 27.60  ? 68  GLY A N   1 
ATOM   498  C  CA  . GLY A 1 68  ? 3.509   21.467  -1.438  1.00 25.58  ? 68  GLY A CA  1 
ATOM   499  C  C   . GLY A 1 68  ? 3.115   21.625  0.017   1.00 24.41  ? 68  GLY A C   1 
ATOM   500  O  O   . GLY A 1 68  ? 3.713   22.415  0.749   1.00 24.72  ? 68  GLY A O   1 
ATOM   501  N  N   . SER A 1 69  ? 2.102   20.888  0.448   1.00 28.97  ? 69  SER A N   1 
ATOM   502  C  CA  . SER A 1 69  ? 1.656   21.004  1.835   1.00 27.67  ? 69  SER A CA  1 
ATOM   503  C  C   . SER A 1 69  ? 2.591   20.257  2.761   1.00 27.46  ? 69  SER A C   1 
ATOM   504  O  O   . SER A 1 69  ? 2.568   20.441  3.984   1.00 26.52  ? 69  SER A O   1 
ATOM   505  C  CB  . SER A 1 69  ? 0.234   20.454  2.000   1.00 24.78  ? 69  SER A CB  1 
ATOM   506  O  OG  . SER A 1 69  ? 0.182   19.057  1.748   1.00 23.08  ? 69  SER A OG  1 
ATOM   507  N  N   . GLY A 1 70  ? 3.430   19.416  2.177   1.00 22.68  ? 70  GLY A N   1 
ATOM   508  C  CA  . GLY A 1 70  ? 4.329   18.639  3.001   1.00 23.53  ? 70  GLY A CA  1 
ATOM   509  C  C   . GLY A 1 70  ? 3.681   17.360  3.511   1.00 22.12  ? 70  GLY A C   1 
ATOM   510  O  O   . GLY A 1 70  ? 4.277   16.591  4.280   1.00 23.06  ? 70  GLY A O   1 
ATOM   511  N  N   . THR A 1 71  ? 2.440   17.133  3.088   1.00 20.51  ? 71  THR A N   1 
ATOM   512  C  CA  . THR A 1 71  ? 1.724   15.938  3.502   1.00 19.37  ? 71  THR A CA  1 
ATOM   513  C  C   . THR A 1 71  ? 0.958   15.400  2.316   1.00 18.56  ? 71  THR A C   1 
ATOM   514  O  O   . THR A 1 71  ? 0.660   16.145  1.414   1.00 18.33  ? 71  THR A O   1 
ATOM   515  C  CB  . THR A 1 71  ? 0.719   16.242  4.656   1.00 24.14  ? 71  THR A CB  1 
ATOM   516  O  OG1 . THR A 1 71  ? -0.266  17.179  4.213   1.00 28.50  ? 71  THR A OG1 1 
ATOM   517  C  CG2 . THR A 1 71  ? 1.433   16.786  5.860   1.00 25.12  ? 71  THR A CG2 1 
ATOM   518  N  N   . VAL A 1 72  ? 0.611   14.111  2.332   1.00 19.06  ? 72  VAL A N   1 
ATOM   519  C  CA  . VAL A 1 72  ? -0.132  13.488  1.242   1.00 17.85  ? 72  VAL A CA  1 
ATOM   520  C  C   . VAL A 1 72  ? -1.569  13.226  1.700   1.00 17.67  ? 72  VAL A C   1 
ATOM   521  O  O   . VAL A 1 72  ? -1.793  12.432  2.615   1.00 17.79  ? 72  VAL A O   1 
ATOM   522  C  CB  . VAL A 1 72  ? 0.546   12.142  0.842   1.00 10.70  ? 72  VAL A CB  1 
ATOM   523  C  CG1 . VAL A 1 72  ? -0.273  11.389  -0.191  1.00 5.78   ? 72  VAL A CG1 1 
ATOM   524  C  CG2 . VAL A 1 72  ? 1.948   12.435  0.320   1.00 7.85   ? 72  VAL A CG2 1 
ATOM   525  N  N   . ASP A 1 73  ? -2.535  13.849  1.019   1.00 13.30  ? 73  ASP A N   1 
ATOM   526  C  CA  . ASP A 1 73  ? -3.955  13.670  1.354   1.00 13.68  ? 73  ASP A CA  1 
ATOM   527  C  C   . ASP A 1 73  ? -4.492  12.547  0.450   1.00 12.16  ? 73  ASP A C   1 
ATOM   528  O  O   . ASP A 1 73  ? -3.751  12.029  -0.429  1.00 10.16  ? 73  ASP A O   1 
ATOM   529  C  CB  . ASP A 1 73  ? -4.755  14.982  1.157   1.00 28.65  ? 73  ASP A CB  1 
ATOM   530  C  CG  . ASP A 1 73  ? -4.666  15.529  -0.277  1.00 32.99  ? 73  ASP A CG  1 
ATOM   531  O  OD1 . ASP A 1 73  ? -4.888  16.736  -0.485  1.00 35.46  ? 73  ASP A OD1 1 
ATOM   532  O  OD2 . ASP A 1 73  ? -4.370  14.776  -1.224  1.00 34.94  ? 73  ASP A OD2 1 
ATOM   533  N  N   . PHE A 1 74  ? -5.754  12.171  0.644   1.00 16.84  ? 74  PHE A N   1 
ATOM   534  C  CA  . PHE A 1 74  ? -6.277  11.052  -0.113  1.00 15.86  ? 74  PHE A CA  1 
ATOM   535  C  C   . PHE A 1 74  ? -6.254  11.256  -1.625  1.00 16.34  ? 74  PHE A C   1 
ATOM   536  O  O   . PHE A 1 74  ? -5.910  10.301  -2.373  1.00 14.99  ? 74  PHE A O   1 
ATOM   537  C  CB  . PHE A 1 74  ? -7.676  10.684  0.380   1.00 16.04  ? 74  PHE A CB  1 
ATOM   538  C  CG  . PHE A 1 74  ? -8.238  9.448   -0.271  1.00 16.73  ? 74  PHE A CG  1 
ATOM   539  C  CD1 . PHE A 1 74  ? -7.525  8.259   -0.235  1.00 15.49  ? 74  PHE A CD1 1 
ATOM   540  C  CD2 . PHE A 1 74  ? -9.507  9.444   -0.866  1.00 16.35  ? 74  PHE A CD2 1 
ATOM   541  C  CE1 . PHE A 1 74  ? -8.065  7.048   -0.786  1.00 17.33  ? 74  PHE A CE1 1 
ATOM   542  C  CE2 . PHE A 1 74  ? -10.056 8.238   -1.418  1.00 16.75  ? 74  PHE A CE2 1 
ATOM   543  C  CZ  . PHE A 1 74  ? -9.335  7.051   -1.379  1.00 15.03  ? 74  PHE A CZ  1 
ATOM   544  N  N   . ASP A 1 75  ? -6.578  12.485  -2.068  1.00 15.98  ? 75  ASP A N   1 
ATOM   545  C  CA  . ASP A 1 75  ? -6.590  12.798  -3.505  1.00 18.01  ? 75  ASP A CA  1 
ATOM   546  C  C   . ASP A 1 75  ? -5.223  12.560  -4.104  1.00 16.86  ? 75  ASP A C   1 
ATOM   547  O  O   . ASP A 1 75  ? -5.097  11.955  -5.178  1.00 18.85  ? 75  ASP A O   1 
ATOM   548  C  CB  . ASP A 1 75  ? -7.017  14.243  -3.783  1.00 43.08  ? 75  ASP A CB  1 
ATOM   549  C  CG  . ASP A 1 75  ? -8.475  14.491  -3.436  1.00 48.19  ? 75  ASP A CG  1 
ATOM   550  O  OD1 . ASP A 1 75  ? -9.308  13.611  -3.784  1.00 48.60  ? 75  ASP A OD1 1 
ATOM   551  O  OD2 . ASP A 1 75  ? -8.777  15.556  -2.829  1.00 50.43  ? 75  ASP A OD2 1 
ATOM   552  N  N   . GLU A 1 76  ? -4.197  13.007  -3.403  1.00 13.45  ? 76  GLU A N   1 
ATOM   553  C  CA  . GLU A 1 76  ? -2.839  12.812  -3.876  1.00 13.07  ? 76  GLU A CA  1 
ATOM   554  C  C   . GLU A 1 76  ? -2.433  11.328  -3.815  1.00 13.72  ? 76  GLU A C   1 
ATOM   555  O  O   . GLU A 1 76  ? -1.623  10.872  -4.629  1.00 11.55  ? 76  GLU A O   1 
ATOM   556  C  CB  . GLU A 1 76  ? -1.879  13.653  -3.053  1.00 19.79  ? 76  GLU A CB  1 
ATOM   557  C  CG  . GLU A 1 76  ? -2.201  15.125  -3.075  1.00 20.21  ? 76  GLU A CG  1 
ATOM   558  C  CD  . GLU A 1 76  ? -1.453  15.913  -1.972  1.00 22.10  ? 76  GLU A CD  1 
ATOM   559  O  OE1 . GLU A 1 76  ? -1.386  15.437  -0.792  1.00 19.47  ? 76  GLU A OE1 1 
ATOM   560  O  OE2 . GLU A 1 76  ? -0.947  17.016  -2.308  1.00 19.75  ? 76  GLU A OE2 1 
ATOM   561  N  N   . PHE A 1 77  ? -3.021  10.597  -2.878  1.00 14.50  ? 77  PHE A N   1 
ATOM   562  C  CA  . PHE A 1 77  ? -2.749  9.164   -2.697  1.00 13.17  ? 77  PHE A CA  1 
ATOM   563  C  C   . PHE A 1 77  ? -3.316  8.442   -3.914  1.00 15.65  ? 77  PHE A C   1 
ATOM   564  O  O   . PHE A 1 77  ? -2.660  7.553   -4.494  1.00 13.16  ? 77  PHE A O   1 
ATOM   565  C  CB  . PHE A 1 77  ? -3.450  8.647   -1.440  1.00 12.28  ? 77  PHE A CB  1 
ATOM   566  C  CG  . PHE A 1 77  ? -3.083  7.210   -1.060  1.00 11.02  ? 77  PHE A CG  1 
ATOM   567  C  CD1 . PHE A 1 77  ? -1.881  6.922   -0.417  1.00 10.27  ? 77  PHE A CD1 1 
ATOM   568  C  CD2 . PHE A 1 77  ? -3.981  6.187   -1.276  1.00 10.39  ? 77  PHE A CD2 1 
ATOM   569  C  CE1 . PHE A 1 77  ? -1.556  5.635   0.029   1.00 5.04   ? 77  PHE A CE1 1 
ATOM   570  C  CE2 . PHE A 1 77  ? -3.709  4.858   -0.844  1.00 10.93  ? 77  PHE A CE2 1 
ATOM   571  C  CZ  . PHE A 1 77  ? -2.476  4.576   -0.183  1.00 9.10   ? 77  PHE A CZ  1 
ATOM   572  N  N   . LEU A 1 78  ? -4.550  8.823   -4.301  1.00 14.14  ? 78  LEU A N   1 
ATOM   573  C  CA  . LEU A 1 78  ? -5.201  8.233   -5.479  1.00 16.35  ? 78  LEU A CA  1 
ATOM   574  C  C   . LEU A 1 78  ? -4.395  8.472   -6.784  1.00 16.45  ? 78  LEU A C   1 
ATOM   575  O  O   . LEU A 1 78  ? -4.129  7.541   -7.573  1.00 17.18  ? 78  LEU A O   1 
ATOM   576  C  CB  . LEU A 1 78  ? -6.614  8.799   -5.640  1.00 18.64  ? 78  LEU A CB  1 
ATOM   577  C  CG  . LEU A 1 78  ? -7.623  8.174   -4.673  1.00 21.82  ? 78  LEU A CG  1 
ATOM   578  C  CD1 . LEU A 1 78  ? -8.974  8.889   -4.797  1.00 19.95  ? 78  LEU A CD1 1 
ATOM   579  C  CD2 . LEU A 1 78  ? -7.790  6.685   -4.975  1.00 21.64  ? 78  LEU A CD2 1 
ATOM   580  N  N   . VAL A 1 79  ? -3.997  9.718   -6.993  1.00 27.71  ? 79  VAL A N   1 
ATOM   581  C  CA  . VAL A 1 79  ? -3.231  10.076  -8.190  1.00 27.43  ? 79  VAL A CA  1 
ATOM   582  C  C   . VAL A 1 79  ? -1.953  9.246   -8.229  1.00 28.28  ? 79  VAL A C   1 
ATOM   583  O  O   . VAL A 1 79  ? -1.593  8.700   -9.285  1.00 29.83  ? 79  VAL A O   1 
ATOM   584  C  CB  . VAL A 1 79  ? -2.866  11.596  -8.218  1.00 20.91  ? 79  VAL A CB  1 
ATOM   585  C  CG1 . VAL A 1 79  ? -1.833  11.878  -9.364  1.00 17.97  ? 79  VAL A CG1 1 
ATOM   586  C  CG2 . VAL A 1 79  ? -4.134  12.447  -8.421  1.00 20.10  ? 79  VAL A CG2 1 
ATOM   587  N  N   . MET A 1 80  ? -1.286  9.176   -7.085  1.00 15.64  ? 80  MET A N   1 
ATOM   588  C  CA  . MET A 1 80  ? -0.057  8.390   -6.904  1.00 14.93  ? 80  MET A CA  1 
ATOM   589  C  C   . MET A 1 80  ? -0.285  6.924   -7.370  1.00 15.31  ? 80  MET A C   1 
ATOM   590  O  O   . MET A 1 80  ? 0.487   6.352   -8.143  1.00 15.43  ? 80  MET A O   1 
ATOM   591  C  CB  . MET A 1 80  ? 0.338   8.396   -5.425  1.00 18.79  ? 80  MET A CB  1 
ATOM   592  C  CG  . MET A 1 80  ? 1.475   7.461   -5.111  1.00 19.56  ? 80  MET A CG  1 
ATOM   593  S  SD  . MET A 1 80  ? 1.771   7.330   -3.317  1.00 22.48  ? 80  MET A SD  1 
ATOM   594  C  CE  . MET A 1 80  ? 0.526   6.190   -2.815  1.00 11.95  ? 80  MET A CE  1 
ATOM   595  N  N   . MET A 1 81  ? -1.379  6.341   -6.929  1.00 17.80  ? 81  MET A N   1 
ATOM   596  C  CA  . MET A 1 81  ? -1.697  4.973   -7.277  1.00 19.94  ? 81  MET A CA  1 
ATOM   597  C  C   . MET A 1 81  ? -2.024  4.857   -8.753  1.00 20.98  ? 81  MET A C   1 
ATOM   598  O  O   . MET A 1 81  ? -1.516  3.952   -9.443  1.00 19.44  ? 81  MET A O   1 
ATOM   599  C  CB  . MET A 1 81  ? -2.869  4.501   -6.425  1.00 24.86  ? 81  MET A CB  1 
ATOM   600  C  CG  . MET A 1 81  ? -2.514  4.373   -4.930  1.00 31.05  ? 81  MET A CG  1 
ATOM   601  S  SD  . MET A 1 81  ? -0.905  3.517   -4.691  1.00 32.40  ? 81  MET A SD  1 
ATOM   602  C  CE  . MET A 1 81  ? -1.312  1.922   -5.373  1.00 34.35  ? 81  MET A CE  1 
ATOM   603  N  N   . VAL A 1 82  ? -2.870  5.777   -9.251  1.00 20.41  ? 82  VAL A N   1 
ATOM   604  C  CA  . VAL A 1 82  ? -3.256  5.712   -10.652 1.00 22.43  ? 82  VAL A CA  1 
ATOM   605  C  C   . VAL A 1 82  ? -1.987  5.754   -11.494 1.00 24.26  ? 82  VAL A C   1 
ATOM   606  O  O   . VAL A 1 82  ? -1.816  4.942   -12.417 1.00 23.62  ? 82  VAL A O   1 
ATOM   607  C  CB  . VAL A 1 82  ? -4.201  6.854   -11.033 1.00 21.29  ? 82  VAL A CB  1 
ATOM   608  C  CG1 . VAL A 1 82  ? -4.314  6.972   -12.520 1.00 23.89  ? 82  VAL A CG1 1 
ATOM   609  C  CG2 . VAL A 1 82  ? -5.535  6.579   -10.467 1.00 20.35  ? 82  VAL A CG2 1 
ATOM   610  N  N   . ARG A 1 83  ? -1.089  6.658   -11.122 1.00 28.34  ? 83  ARG A N   1 
ATOM   611  C  CA  . ARG A 1 83  ? 0.197   6.834   -11.799 1.00 31.51  ? 83  ARG A CA  1 
ATOM   612  C  C   . ARG A 1 83  ? 1.063   5.554   -11.809 1.00 33.58  ? 83  ARG A C   1 
ATOM   613  O  O   . ARG A 1 83  ? 1.714   5.238   -12.811 1.00 33.33  ? 83  ARG A O   1 
ATOM   614  C  CB  . ARG A 1 83  ? 0.987   7.971   -11.137 1.00 100.00 ? 83  ARG A CB  1 
ATOM   615  C  CG  . ARG A 1 83  ? 2.196   8.433   -11.930 1.00 92.45  ? 83  ARG A CG  1 
ATOM   616  C  CD  . ARG A 1 83  ? 2.959   9.506   -11.160 1.00 92.45  ? 83  ARG A CD  1 
ATOM   617  N  NE  . ARG A 1 83  ? 2.078   10.236  -10.243 1.00 92.45  ? 83  ARG A NE  1 
ATOM   618  C  CZ  . ARG A 1 83  ? 2.398   10.576  -8.991  1.00 92.45  ? 83  ARG A CZ  1 
ATOM   619  N  NH1 . ARG A 1 83  ? 3.587   10.250  -8.496  1.00 92.45  ? 83  ARG A NH1 1 
ATOM   620  N  NH2 . ARG A 1 83  ? 1.519   11.222  -8.224  1.00 92.45  ? 83  ARG A NH2 1 
ATOM   621  N  N   . SER A 1 84  ? 1.066   4.805   -10.708 1.00 28.91  ? 84  SER A N   1 
ATOM   622  C  CA  . SER A 1 84  ? 1.891   3.614   -10.661 1.00 30.21  ? 84  SER A CA  1 
ATOM   623  C  C   . SER A 1 84  ? 1.291   2.509   -11.523 1.00 32.36  ? 84  SER A C   1 
ATOM   624  O  O   . SER A 1 84  ? 2.017   1.739   -12.142 1.00 31.55  ? 84  SER A O   1 
ATOM   625  C  CB  . SER A 1 84  ? 2.049   3.133   -9.212  1.00 31.69  ? 84  SER A CB  1 
ATOM   626  O  OG  . SER A 1 84  ? 0.888   2.450   -8.790  1.00 31.23  ? 84  SER A OG  1 
ATOM   627  N  N   . MET A 1 85  ? -0.030  2.430   -11.574 1.00 44.62  ? 85  MET A N   1 
ATOM   628  C  CA  . MET A 1 85  ? -0.676  1.405   -12.377 1.00 47.30  ? 85  MET A CA  1 
ATOM   629  C  C   . MET A 1 85  ? -0.514  1.702   -13.874 1.00 49.07  ? 85  MET A C   1 
ATOM   630  O  O   . MET A 1 85  ? 0.201   0.999   -14.586 1.00 49.80  ? 85  MET A O   1 
ATOM   631  C  CB  . MET A 1 85  ? -2.163  1.324   -12.017 1.00 48.28  ? 85  MET A CB  1 
ATOM   632  C  CG  . MET A 1 85  ? -2.441  1.192   -10.532 1.00 48.96  ? 85  MET A CG  1 
ATOM   633  S  SD  . MET A 1 85  ? -4.188  0.990   -10.186 1.00 48.26  ? 85  MET A SD  1 
ATOM   634  C  CE  . MET A 1 85  ? -4.814  2.584   -10.641 1.00 50.87  ? 85  MET A CE  1 
ATOM   635  N  N   . LYS A 1 86  ? -1.176  2.744   -14.350 1.00 69.80  ? 86  LYS A N   1 
ATOM   636  C  CA  . LYS A 1 86  ? -1.093  3.109   -15.755 1.00 71.60  ? 86  LYS A CA  1 
ATOM   637  C  C   . LYS A 1 86  ? 0.340   3.393   -16.202 1.00 74.08  ? 86  LYS A C   1 
ATOM   638  O  O   . LYS A 1 86  ? 0.817   2.702   -17.131 1.00 74.86  ? 86  LYS A O   1 
ATOM   639  C  CB  . LYS A 1 86  ? -1.965  4.331   -16.012 1.00 43.49  ? 86  LYS A CB  1 
ATOM   640  C  CG  . LYS A 1 86  ? -3.468  4.052   -16.021 1.00 43.11  ? 86  LYS A CG  1 
ATOM   641  C  CD  . LYS A 1 86  ? -4.240  5.333   -16.303 1.00 43.63  ? 86  LYS A CD  1 
ATOM   642  C  CE  . LYS A 1 86  ? -5.702  5.047   -16.528 1.00 43.86  ? 86  LYS A CE  1 
ATOM   643  N  NZ  . LYS A 1 86  ? -5.931  4.168   -17.700 1.00 41.44  ? 86  LYS A NZ  1 
ATOM   644  N  N   . LYS A 1 92  ? 10.258  1.090   -13.328 1.00 40.82  ? 92  LYS A N   1 
ATOM   645  C  CA  . LYS A 1 92  ? 10.379  1.712   -11.963 1.00 41.13  ? 92  LYS A CA  1 
ATOM   646  C  C   . LYS A 1 92  ? 9.305   1.166   -11.017 1.00 40.29  ? 92  LYS A C   1 
ATOM   647  O  O   . LYS A 1 92  ? 9.591   0.778   -9.878  1.00 40.48  ? 92  LYS A O   1 
ATOM   648  C  CB  . LYS A 1 92  ? 10.217  3.235   -12.035 1.00 59.05  ? 92  LYS A CB  1 
ATOM   649  C  CG  . LYS A 1 92  ? 10.303  3.928   -10.673 1.00 61.26  ? 92  LYS A CG  1 
ATOM   650  C  CD  . LYS A 1 92  ? 9.715   5.348   -10.703 1.00 64.36  ? 92  LYS A CD  1 
ATOM   651  C  CE  . LYS A 1 92  ? 10.782  6.434   -10.579 1.00 66.27  ? 92  LYS A CE  1 
ATOM   652  N  NZ  . LYS A 1 92  ? 11.374  6.836   -11.892 1.00 66.27  ? 92  LYS A NZ  1 
ATOM   653  N  N   . SER A 1 93  ? 8.069   1.157   -11.501 1.00 41.00  ? 93  SER A N   1 
ATOM   654  C  CA  . SER A 1 93  ? 6.947   0.655   -10.726 1.00 38.82  ? 93  SER A CA  1 
ATOM   655  C  C   . SER A 1 93  ? 7.167   -0.832  -10.449 1.00 37.92  ? 93  SER A C   1 
ATOM   656  O  O   . SER A 1 93  ? 6.849   -1.323  -9.360  1.00 36.24  ? 93  SER A O   1 
ATOM   657  C  CB  . SER A 1 93  ? 5.637   0.875   -11.492 1.00 32.64  ? 93  SER A CB  1 
ATOM   658  O  OG  . SER A 1 93  ? 4.511   0.497   -10.713 1.00 34.64  ? 93  SER A OG  1 
ATOM   659  N  N   . GLU A 1 94  ? 7.753   -1.531  -11.423 1.00 27.63  ? 94  GLU A N   1 
ATOM   660  C  CA  . GLU A 1 94  ? 8.024   -2.963  -11.309 1.00 26.88  ? 94  GLU A CA  1 
ATOM   661  C  C   . GLU A 1 94  ? 8.975   -3.252  -10.155 1.00 24.19  ? 94  GLU A C   1 
ATOM   662  O  O   . GLU A 1 94  ? 8.806   -4.225  -9.426  1.00 22.83  ? 94  GLU A O   1 
ATOM   663  C  CB  . GLU A 1 94  ? 8.657   -3.489  -12.594 1.00 55.35  ? 94  GLU A CB  1 
ATOM   664  C  CG  . GLU A 1 94  ? 7.750   -4.322  -13.470 1.00 59.57  ? 94  GLU A CG  1 
ATOM   665  C  CD  . GLU A 1 94  ? 7.327   -5.631  -12.813 1.00 62.76  ? 94  GLU A CD  1 
ATOM   666  O  OE1 . GLU A 1 94  ? 8.191   -6.270  -12.153 1.00 64.55  ? 94  GLU A OE1 1 
ATOM   667  O  OE2 . GLU A 1 94  ? 6.136   -6.009  -12.984 1.00 65.47  ? 94  GLU A OE2 1 
ATOM   668  N  N   . GLU A 1 95  ? 9.974   -2.409  -9.994  1.00 26.93  ? 95  GLU A N   1 
ATOM   669  C  CA  . GLU A 1 95  ? 10.943  -2.600  -8.928  1.00 25.34  ? 95  GLU A CA  1 
ATOM   670  C  C   . GLU A 1 95  ? 10.313  -2.366  -7.553  1.00 21.84  ? 95  GLU A C   1 
ATOM   671  O  O   . GLU A 1 95  ? 10.526  -3.159  -6.616  1.00 20.19  ? 95  GLU A O   1 
ATOM   672  C  CB  . GLU A 1 95  ? 12.138  -1.666  -9.129  1.00 85.63  ? 95  GLU A CB  1 
ATOM   673  C  CG  . GLU A 1 95  ? 12.894  -1.915  -10.422 1.00 92.48  ? 95  GLU A CG  1 
ATOM   674  C  CD  . GLU A 1 95  ? 14.070  -0.957  -10.623 1.00 92.48  ? 95  GLU A CD  1 
ATOM   675  O  OE1 . GLU A 1 95  ? 14.317  -0.123  -9.723  1.00 92.48  ? 95  GLU A OE1 1 
ATOM   676  O  OE2 . GLU A 1 95  ? 14.753  -1.035  -11.678 1.00 92.48  ? 95  GLU A OE2 1 
ATOM   677  N  N   . GLU A 1 96  ? 9.533   -1.290  -7.416  1.00 25.08  ? 96  GLU A N   1 
ATOM   678  C  CA  . GLU A 1 96  ? 8.927   -1.016  -6.119  1.00 23.96  ? 96  GLU A CA  1 
ATOM   679  C  C   . GLU A 1 96  ? 7.982   -2.129  -5.763  1.00 21.14  ? 96  GLU A C   1 
ATOM   680  O  O   . GLU A 1 96  ? 7.832   -2.460  -4.603  1.00 19.84  ? 96  GLU A O   1 
ATOM   681  C  CB  . GLU A 1 96  ? 8.108   0.268   -6.121  1.00 27.81  ? 96  GLU A CB  1 
ATOM   682  C  CG  . GLU A 1 96  ? 8.857   1.549   -6.418  1.00 32.59  ? 96  GLU A CG  1 
ATOM   683  C  CD  . GLU A 1 96  ? 7.914   2.764   -6.407  1.00 36.02  ? 96  GLU A CD  1 
ATOM   684  O  OE1 . GLU A 1 96  ? 7.400   3.095   -5.293  1.00 36.68  ? 96  GLU A OE1 1 
ATOM   685  O  OE2 . GLU A 1 96  ? 7.706   3.347   -7.514  1.00 39.55  ? 96  GLU A OE2 1 
ATOM   686  N  N   . LEU A 1 97  ? 7.305   -2.688  -6.772  1.00 15.19  ? 97  LEU A N   1 
ATOM   687  C  CA  . LEU A 1 97  ? 6.365   -3.756  -6.513  1.00 14.87  ? 97  LEU A CA  1 
ATOM   688  C  C   . LEU A 1 97  ? 7.116   -5.004  -5.966  1.00 12.71  ? 97  LEU A C   1 
ATOM   689  O  O   . LEU A 1 97  ? 6.643   -5.683  -5.046  1.00 11.00  ? 97  LEU A O   1 
ATOM   690  C  CB  . LEU A 1 97  ? 5.606   -4.082  -7.820  1.00 16.06  ? 97  LEU A CB  1 
ATOM   691  C  CG  . LEU A 1 97  ? 4.112   -3.743  -7.940  1.00 21.47  ? 97  LEU A CG  1 
ATOM   692  C  CD1 . LEU A 1 97  ? 3.728   -2.695  -6.908  1.00 21.66  ? 97  LEU A CD1 1 
ATOM   693  C  CD2 . LEU A 1 97  ? 3.796   -3.254  -9.367  1.00 19.51  ? 97  LEU A CD2 1 
ATOM   694  N  N   . SER A 1 98  ? 8.257   -5.317  -6.549  1.00 15.37  ? 98  SER A N   1 
ATOM   695  C  CA  . SER A 1 98  ? 9.013   -6.487  -6.111  1.00 17.54  ? 98  SER A CA  1 
ATOM   696  C  C   . SER A 1 98  ? 9.471   -6.274  -4.648  1.00 17.11  ? 98  SER A C   1 
ATOM   697  O  O   . SER A 1 98  ? 9.356   -7.156  -3.820  1.00 17.95  ? 98  SER A O   1 
ATOM   698  C  CB  . SER A 1 98  ? 10.201  -6.717  -7.058  1.00 15.92  ? 98  SER A CB  1 
ATOM   699  O  OG  . SER A 1 98  ? 10.950  -7.857  -6.663  1.00 17.87  ? 98  SER A OG  1 
ATOM   700  N  N   . ASP A 1 99  ? 10.010  -5.107  -4.330  1.00 10.14  ? 99  ASP A N   1 
ATOM   701  C  CA  . ASP A 1 99  ? 10.434  -4.821  -2.956  1.00 11.78  ? 99  ASP A CA  1 
ATOM   702  C  C   . ASP A 1 99  ? 9.253   -4.956  -1.979  1.00 11.36  ? 99  ASP A C   1 
ATOM   703  O  O   . ASP A 1 99  ? 9.401   -5.559  -0.928  1.00 10.85  ? 99  ASP A O   1 
ATOM   704  C  CB  . ASP A 1 99  ? 10.962  -3.384  -2.841  1.00 25.76  ? 99  ASP A CB  1 
ATOM   705  C  CG  . ASP A 1 99  ? 12.269  -3.186  -3.547  1.00 28.24  ? 99  ASP A CG  1 
ATOM   706  O  OD1 . ASP A 1 99  ? 12.579  -2.011  -3.829  1.00 32.33  ? 99  ASP A OD1 1 
ATOM   707  O  OD2 . ASP A 1 99  ? 12.975  -4.187  -3.803  1.00 28.91  ? 99  ASP A OD2 1 
ATOM   708  N  N   . LEU A 1 100 ? 8.120   -4.337  -2.299  1.00 12.02  ? 100 LEU A N   1 
ATOM   709  C  CA  . LEU A 1 100 ? 6.927   -4.393  -1.460  1.00 11.79  ? 100 LEU A CA  1 
ATOM   710  C  C   . LEU A 1 100 ? 6.568   -5.849  -1.223  1.00 12.57  ? 100 LEU A C   1 
ATOM   711  O  O   . LEU A 1 100 ? 6.282   -6.257  -0.080  1.00 11.68  ? 100 LEU A O   1 
ATOM   712  C  CB  . LEU A 1 100 ? 5.770   -3.689  -2.163  1.00 8.76   ? 100 LEU A CB  1 
ATOM   713  C  CG  . LEU A 1 100 ? 4.475   -3.607  -1.356  1.00 9.26   ? 100 LEU A CG  1 
ATOM   714  C  CD1 . LEU A 1 100 ? 4.839   -2.981  0.077   1.00 9.54   ? 100 LEU A CD1 1 
ATOM   715  C  CD2 . LEU A 1 100 ? 3.445   -2.693  -2.094  1.00 7.55   ? 100 LEU A CD2 1 
ATOM   716  N  N   . PHE A 1 101 ? 6.623   -6.662  -2.301  1.00 13.12  ? 101 PHE A N   1 
ATOM   717  C  CA  . PHE A 1 101 ? 6.252   -8.060  -2.146  1.00 12.34  ? 101 PHE A CA  1 
ATOM   718  C  C   . PHE A 1 101 ? 7.176   -8.708  -1.120  1.00 12.30  ? 101 PHE A C   1 
ATOM   719  O  O   . PHE A 1 101 ? 6.735   -9.415  -0.207  1.00 12.55  ? 101 PHE A O   1 
ATOM   720  C  CB  . PHE A 1 101 ? 6.348   -8.824  -3.489  1.00 8.17   ? 101 PHE A CB  1 
ATOM   721  C  CG  . PHE A 1 101 ? 5.940   -10.295 -3.406  1.00 8.31   ? 101 PHE A CG  1 
ATOM   722  C  CD1 . PHE A 1 101 ? 4.614   -10.669 -3.460  1.00 7.74   ? 101 PHE A CD1 1 
ATOM   723  C  CD2 . PHE A 1 101 ? 6.901   -11.300 -3.334  1.00 8.31   ? 101 PHE A CD2 1 
ATOM   724  C  CE1 . PHE A 1 101 ? 4.251   -12.026 -3.438  1.00 8.32   ? 101 PHE A CE1 1 
ATOM   725  C  CE2 . PHE A 1 101 ? 6.550   -12.630 -3.309  1.00 5.52   ? 101 PHE A CE2 1 
ATOM   726  C  CZ  . PHE A 1 101 ? 5.226   -13.002 -3.371  1.00 6.98   ? 101 PHE A CZ  1 
ATOM   727  N  N   . ARG A 1 102 ? 8.469   -8.479  -1.292  1.00 5.77   ? 102 ARG A N   1 
ATOM   728  C  CA  . ARG A 1 102 ? 9.477   -9.053  -0.403  1.00 9.76   ? 102 ARG A CA  1 
ATOM   729  C  C   . ARG A 1 102 ? 9.309   -8.551  1.052   1.00 9.85   ? 102 ARG A C   1 
ATOM   730  O  O   . ARG A 1 102 ? 9.662   -9.234  1.991   1.00 10.14  ? 102 ARG A O   1 
ATOM   731  C  CB  . ARG A 1 102 ? 10.882  -8.740  -0.943  1.00 8.35   ? 102 ARG A CB  1 
ATOM   732  C  CG  . ARG A 1 102 ? 11.113  -9.338  -2.299  1.00 13.89  ? 102 ARG A CG  1 
ATOM   733  C  CD  . ARG A 1 102 ? 12.580  -9.182  -2.770  1.00 14.50  ? 102 ARG A CD  1 
ATOM   734  N  NE  . ARG A 1 102 ? 12.749  -9.645  -4.146  1.00 13.74  ? 102 ARG A NE  1 
ATOM   735  C  CZ  . ARG A 1 102 ? 13.876  -9.525  -4.851  1.00 14.06  ? 102 ARG A CZ  1 
ATOM   736  N  NH1 . ARG A 1 102 ? 13.926  -9.954  -6.098  1.00 9.61   ? 102 ARG A NH1 1 
ATOM   737  N  NH2 . ARG A 1 102 ? 14.968  -8.996  -4.305  1.00 12.78  ? 102 ARG A NH2 1 
ATOM   738  N  N   . MET A 1 103 ? 8.790   -7.355  1.238   1.00 8.83   ? 103 MET A N   1 
ATOM   739  C  CA  . MET A 1 103 ? 8.571   -6.844  2.594   1.00 10.21  ? 103 MET A CA  1 
ATOM   740  C  C   . MET A 1 103 ? 7.559   -7.746  3.307   1.00 9.22   ? 103 MET A C   1 
ATOM   741  O  O   . MET A 1 103 ? 7.649   -7.959  4.509   1.00 10.64  ? 103 MET A O   1 
ATOM   742  C  CB  . MET A 1 103 ? 8.051   -5.406  2.540   1.00 11.49  ? 103 MET A CB  1 
ATOM   743  C  CG  . MET A 1 103 ? 9.101   -4.390  2.053   1.00 14.84  ? 103 MET A CG  1 
ATOM   744  S  SD  . MET A 1 103 ? 8.461   -2.728  2.142   1.00 19.11  ? 103 MET A SD  1 
ATOM   745  C  CE  . MET A 1 103 ? 9.366   -2.061  0.793   1.00 18.95  ? 103 MET A CE  1 
ATOM   746  N  N   . PHE A 1 104 ? 6.558   -8.236  2.572   1.00 11.08  ? 104 PHE A N   1 
ATOM   747  C  CA  . PHE A 1 104 ? 5.578   -9.161  3.136   1.00 10.78  ? 104 PHE A CA  1 
ATOM   748  C  C   . PHE A 1 104 ? 6.120   -10.649 3.081   1.00 13.10  ? 104 PHE A C   1 
ATOM   749  O  O   . PHE A 1 104 ? 5.766   -11.499 3.908   1.00 12.15  ? 104 PHE A O   1 
ATOM   750  C  CB  . PHE A 1 104 ? 4.289   -9.071  2.300   1.00 7.52   ? 104 PHE A CB  1 
ATOM   751  C  CG  . PHE A 1 104 ? 3.423   -7.916  2.637   1.00 5.49   ? 104 PHE A CG  1 
ATOM   752  C  CD1 . PHE A 1 104 ? 2.505   -8.023  3.658   1.00 5.59   ? 104 PHE A CD1 1 
ATOM   753  C  CD2 . PHE A 1 104 ? 3.530   -6.704  1.952   1.00 5.82   ? 104 PHE A CD2 1 
ATOM   754  C  CE1 . PHE A 1 104 ? 1.669   -6.923  4.024   1.00 6.45   ? 104 PHE A CE1 1 
ATOM   755  C  CE2 . PHE A 1 104 ? 2.693   -5.567  2.307   1.00 6.94   ? 104 PHE A CE2 1 
ATOM   756  C  CZ  . PHE A 1 104 ? 1.762   -5.688  3.351   1.00 6.85   ? 104 PHE A CZ  1 
ATOM   757  N  N   . ASP A 1 105 ? 6.912   -10.992 2.062   1.00 9.47   ? 105 ASP A N   1 
ATOM   758  C  CA  . ASP A 1 105 ? 7.402   -12.384 1.922   1.00 13.80  ? 105 ASP A CA  1 
ATOM   759  C  C   . ASP A 1 105 ? 8.701   -12.619 2.680   1.00 14.74  ? 105 ASP A C   1 
ATOM   760  O  O   . ASP A 1 105 ? 9.775   -12.705 2.060   1.00 15.33  ? 105 ASP A O   1 
ATOM   761  C  CB  . ASP A 1 105 ? 7.648   -12.669 0.452   1.00 17.15  ? 105 ASP A CB  1 
ATOM   762  C  CG  . ASP A 1 105 ? 8.080   -14.103 0.192   1.00 17.97  ? 105 ASP A CG  1 
ATOM   763  O  OD1 . ASP A 1 105 ? 7.908   -14.934 1.097   1.00 12.19  ? 105 ASP A OD1 1 
ATOM   764  O  OD2 . ASP A 1 105 ? 8.561   -14.412 -0.933  1.00 16.04  ? 105 ASP A OD2 1 
ATOM   765  N  N   . LYS A 1 106 ? 8.585   -12.692 4.001   1.00 16.19  ? 106 LYS A N   1 
ATOM   766  C  CA  . LYS A 1 106 ? 9.694   -12.848 4.949   1.00 19.06  ? 106 LYS A CA  1 
ATOM   767  C  C   . LYS A 1 106 ? 10.579  -14.068 4.747   1.00 20.70  ? 106 LYS A C   1 
ATOM   768  O  O   . LYS A 1 106 ? 11.780  -13.967 4.862   1.00 20.39  ? 106 LYS A O   1 
ATOM   769  C  CB  . LYS A 1 106 ? 9.158   -12.892 6.376   1.00 21.48  ? 106 LYS A CB  1 
ATOM   770  C  CG  . LYS A 1 106 ? 8.312   -11.695 6.819   1.00 21.26  ? 106 LYS A CG  1 
ATOM   771  C  CD  . LYS A 1 106 ? 9.093   -10.410 6.743   1.00 21.08  ? 106 LYS A CD  1 
ATOM   772  C  CE  . LYS A 1 106 ? 8.276   -9.238  7.309   1.00 20.22  ? 106 LYS A CE  1 
ATOM   773  N  NZ  . LYS A 1 106 ? 9.051   -7.991  7.102   1.00 17.58  ? 106 LYS A NZ  1 
ATOM   774  N  N   . ASN A 1 107 ? 9.994   -15.217 4.466   1.00 19.19  ? 107 ASN A N   1 
ATOM   775  C  CA  . ASN A 1 107 ? 10.775  -16.441 4.248   1.00 20.23  ? 107 ASN A CA  1 
ATOM   776  C  C   . ASN A 1 107 ? 11.200  -16.602 2.780   1.00 20.55  ? 107 ASN A C   1 
ATOM   777  O  O   . ASN A 1 107 ? 11.723  -17.635 2.394   1.00 20.50  ? 107 ASN A O   1 
ATOM   778  C  CB  . ASN A 1 107 ? 9.960   -17.669 4.692   1.00 23.15  ? 107 ASN A CB  1 
ATOM   779  C  CG  . ASN A 1 107 ? 8.675   -17.878 3.862   1.00 22.68  ? 107 ASN A CG  1 
ATOM   780  O  OD1 . ASN A 1 107 ? 8.282   -17.040 3.014   1.00 20.70  ? 107 ASN A OD1 1 
ATOM   781  N  ND2 . ASN A 1 107 ? 8.020   -19.014 4.092   1.00 20.42  ? 107 ASN A ND2 1 
ATOM   782  N  N   . ALA A 1 108 ? 10.929  -15.586 1.956   1.00 22.72  ? 108 ALA A N   1 
ATOM   783  C  CA  . ALA A 1 108 ? 11.302  -15.585 0.544   1.00 20.86  ? 108 ALA A CA  1 
ATOM   784  C  C   . ALA A 1 108 ? 10.952  -16.839 -0.244  1.00 22.59  ? 108 ALA A C   1 
ATOM   785  O  O   . ALA A 1 108 ? 11.758  -17.268 -1.097  1.00 23.57  ? 108 ALA A O   1 
ATOM   786  C  CB  . ALA A 1 108 ? 12.777  -15.349 0.423   1.00 22.81  ? 108 ALA A CB  1 
ATOM   787  N  N   . ASP A 1 109 ? 9.794   -17.430 0.016   1.00 19.16  ? 109 ASP A N   1 
ATOM   788  C  CA  . ASP A 1 109 ? 9.427   -18.628 -0.712  1.00 16.77  ? 109 ASP A CA  1 
ATOM   789  C  C   . ASP A 1 109 ? 8.567   -18.245 -1.913  1.00 16.42  ? 109 ASP A C   1 
ATOM   790  O  O   . ASP A 1 109 ? 7.894   -19.103 -2.493  1.00 14.13  ? 109 ASP A O   1 
ATOM   791  C  CB  . ASP A 1 109 ? 8.645   -19.575 0.200   1.00 19.37  ? 109 ASP A CB  1 
ATOM   792  C  CG  . ASP A 1 109 ? 7.321   -18.951 0.727   1.00 20.33  ? 109 ASP A CG  1 
ATOM   793  O  OD1 . ASP A 1 109 ? 6.952   -17.830 0.266   1.00 19.71  ? 109 ASP A OD1 1 
ATOM   794  O  OD2 . ASP A 1 109 ? 6.657   -19.607 1.581   1.00 19.39  ? 109 ASP A OD2 1 
ATOM   795  N  N   . GLY A 1 110 ? 8.547   -16.957 -2.267  1.00 14.32  ? 110 GLY A N   1 
ATOM   796  C  CA  . GLY A 1 110 ? 7.747   -16.532 -3.413  1.00 12.60  ? 110 GLY A CA  1 
ATOM   797  C  C   . GLY A 1 110 ? 6.241   -16.503 -3.182  1.00 12.78  ? 110 GLY A C   1 
ATOM   798  O  O   . GLY A 1 110 ? 5.427   -16.474 -4.153  1.00 11.04  ? 110 GLY A O   1 
ATOM   799  N  N   . TYR A 1 111 ? 5.837   -16.531 -1.905  1.00 14.95  ? 111 TYR A N   1 
ATOM   800  C  CA  . TYR A 1 111 ? 4.405   -16.466 -1.614  1.00 16.42  ? 111 TYR A CA  1 
ATOM   801  C  C   . TYR A 1 111 ? 4.137   -15.512 -0.464  1.00 14.92  ? 111 TYR A C   1 
ATOM   802  O  O   . TYR A 1 111 ? 5.044   -15.226 0.319   1.00 13.31  ? 111 TYR A O   1 
ATOM   803  C  CB  . TYR A 1 111 ? 3.809   -17.817 -1.171  1.00 16.23  ? 111 TYR A CB  1 
ATOM   804  C  CG  . TYR A 1 111 ? 3.854   -18.956 -2.146  1.00 17.74  ? 111 TYR A CG  1 
ATOM   805  C  CD1 . TYR A 1 111 ? 4.828   -19.940 -2.054  1.00 17.53  ? 111 TYR A CD1 1 
ATOM   806  C  CD2 . TYR A 1 111 ? 2.902   -19.056 -3.156  1.00 17.27  ? 111 TYR A CD2 1 
ATOM   807  C  CE1 . TYR A 1 111 ? 4.839   -21.000 -2.959  1.00 17.69  ? 111 TYR A CE1 1 
ATOM   808  C  CE2 . TYR A 1 111 ? 2.917   -20.057 -4.034  1.00 17.90  ? 111 TYR A CE2 1 
ATOM   809  C  CZ  . TYR A 1 111 ? 3.870   -21.036 -3.943  1.00 17.19  ? 111 TYR A CZ  1 
ATOM   810  O  OH  . TYR A 1 111 ? 3.818   -22.042 -4.861  1.00 15.32  ? 111 TYR A OH  1 
ATOM   811  N  N   . ILE A 1 112 ? 2.916   -14.987 -0.390  1.00 11.82  ? 112 ILE A N   1 
ATOM   812  C  CA  . ILE A 1 112 ? 2.500   -14.188 0.761   1.00 9.90   ? 112 ILE A CA  1 
ATOM   813  C  C   . ILE A 1 112 ? 1.337   -15.003 1.317   1.00 10.28  ? 112 ILE A C   1 
ATOM   814  O  O   . ILE A 1 112 ? 0.257   -15.039 0.700   1.00 11.01  ? 112 ILE A O   1 
ATOM   815  C  CB  . ILE A 1 112 ? 1.978   -12.807 0.368   1.00 11.29  ? 112 ILE A CB  1 
ATOM   816  C  CG1 . ILE A 1 112 ? 3.128   -11.994 -0.238  1.00 10.75  ? 112 ILE A CG1 1 
ATOM   817  C  CG2 . ILE A 1 112 ? 1.360   -12.090 1.618   1.00 7.10   ? 112 ILE A CG2 1 
ATOM   818  C  CD1 . ILE A 1 112 ? 2.684   -10.539 -0.688  1.00 8.91   ? 112 ILE A CD1 1 
ATOM   819  N  N   . ASP A 1 113 ? 1.563   -15.702 2.451   1.00 15.63  ? 113 ASP A N   1 
ATOM   820  C  CA  . ASP A 1 113 ? 0.487   -16.487 3.049   1.00 17.00  ? 113 ASP A CA  1 
ATOM   821  C  C   . ASP A 1 113 ? -0.315  -15.598 4.015   1.00 18.07  ? 113 ASP A C   1 
ATOM   822  O  O   . ASP A 1 113 ? 0.049   -14.440 4.264   1.00 18.98  ? 113 ASP A O   1 
ATOM   823  C  CB  . ASP A 1 113 ? 1.003   -17.740 3.757   1.00 15.66  ? 113 ASP A CB  1 
ATOM   824  C  CG  . ASP A 1 113 ? 2.007   -17.431 4.815   1.00 18.94  ? 113 ASP A CG  1 
ATOM   825  O  OD1 . ASP A 1 113 ? 1.766   -16.524 5.651   1.00 21.42  ? 113 ASP A OD1 1 
ATOM   826  O  OD2 . ASP A 1 113 ? 3.046   -18.122 4.807   1.00 20.82  ? 113 ASP A OD2 1 
ATOM   827  N  N   . LEU A 1 114 ? -1.419  -16.126 4.519   1.00 16.50  ? 114 LEU A N   1 
ATOM   828  C  CA  . LEU A 1 114 ? -2.315  -15.369 5.376   1.00 16.29  ? 114 LEU A CA  1 
ATOM   829  C  C   . LEU A 1 114 ? -1.586  -14.854 6.578   1.00 16.29  ? 114 LEU A C   1 
ATOM   830  O  O   . LEU A 1 114 ? -1.788  -13.728 6.982   1.00 16.90  ? 114 LEU A O   1 
ATOM   831  C  CB  . LEU A 1 114 ? -3.491  -16.241 5.823   1.00 26.31  ? 114 LEU A CB  1 
ATOM   832  C  CG  . LEU A 1 114 ? -4.639  -15.552 6.558   1.00 30.32  ? 114 LEU A CG  1 
ATOM   833  C  CD1 . LEU A 1 114 ? -5.237  -14.496 5.656   1.00 29.16  ? 114 LEU A CD1 1 
ATOM   834  C  CD2 . LEU A 1 114 ? -5.710  -16.595 6.934   1.00 30.52  ? 114 LEU A CD2 1 
ATOM   835  N  N   . GLU A 1 115 ? -0.711  -15.665 7.142   1.00 18.30  ? 115 GLU A N   1 
ATOM   836  C  CA  . GLU A 1 115 ? 0.005   -15.233 8.339   1.00 18.29  ? 115 GLU A CA  1 
ATOM   837  C  C   . GLU A 1 115 ? 0.864   -14.000 8.056   1.00 17.64  ? 115 GLU A C   1 
ATOM   838  O  O   . GLU A 1 115 ? 0.881   -13.040 8.839   1.00 17.73  ? 115 GLU A O   1 
ATOM   839  C  CB  . GLU A 1 115 ? 0.870   -16.376 8.885   1.00 41.30  ? 115 GLU A CB  1 
ATOM   840  C  CG  . GLU A 1 115 ? 1.478   -16.102 10.248  1.00 47.29  ? 115 GLU A CG  1 
ATOM   841  C  CD  . GLU A 1 115 ? 0.411   -15.981 11.325  1.00 49.30  ? 115 GLU A CD  1 
ATOM   842  O  OE1 . GLU A 1 115 ? -0.780  -15.848 10.969  1.00 51.95  ? 115 GLU A OE1 1 
ATOM   843  O  OE2 . GLU A 1 115 ? 0.738   -16.008 12.526  1.00 52.08  ? 115 GLU A OE2 1 
ATOM   844  N  N   . GLU A 1 116 ? 1.613   -14.039 6.959   1.00 10.95  ? 116 GLU A N   1 
ATOM   845  C  CA  . GLU A 1 116 ? 2.438   -12.891 6.575   1.00 13.27  ? 116 GLU A CA  1 
ATOM   846  C  C   . GLU A 1 116 ? 1.624   -11.594 6.312   1.00 11.89  ? 116 GLU A C   1 
ATOM   847  O  O   . GLU A 1 116 ? 2.130   -10.475 6.516   1.00 9.11   ? 116 GLU A O   1 
ATOM   848  C  CB  . GLU A 1 116 ? 3.280   -13.240 5.345   1.00 14.05  ? 116 GLU A CB  1 
ATOM   849  C  CG  . GLU A 1 116 ? 4.389   -14.262 5.665   1.00 12.76  ? 116 GLU A CG  1 
ATOM   850  C  CD  . GLU A 1 116 ? 5.025   -14.819 4.432   1.00 14.21  ? 116 GLU A CD  1 
ATOM   851  O  OE1 . GLU A 1 116 ? 4.250   -15.074 3.484   1.00 13.45  ? 116 GLU A OE1 1 
ATOM   852  O  OE2 . GLU A 1 116 ? 6.269   -15.001 4.425   1.00 15.43  ? 116 GLU A OE2 1 
ATOM   853  N  N   . LEU A 1 117 ? 0.399   -11.728 5.826   1.00 13.41  ? 117 LEU A N   1 
ATOM   854  C  CA  . LEU A 1 117 ? -0.398  -10.542 5.622   1.00 17.42  ? 117 LEU A CA  1 
ATOM   855  C  C   . LEU A 1 117 ? -0.774  -9.913  6.996   1.00 19.25  ? 117 LEU A C   1 
ATOM   856  O  O   . LEU A 1 117 ? -1.007  -8.712  7.081   1.00 20.76  ? 117 LEU A O   1 
ATOM   857  C  CB  . LEU A 1 117 ? -1.673  -10.917 4.908   1.00 14.46  ? 117 LEU A CB  1 
ATOM   858  C  CG  . LEU A 1 117 ? -1.763  -11.078 3.412   1.00 15.58  ? 117 LEU A CG  1 
ATOM   859  C  CD1 . LEU A 1 117 ? -3.260  -11.309 3.050   1.00 14.99  ? 117 LEU A CD1 1 
ATOM   860  C  CD2 . LEU A 1 117 ? -1.221  -9.802  2.755   1.00 15.75  ? 117 LEU A CD2 1 
ATOM   861  N  N   . LYS A 1 118 ? -0.827  -10.728 8.054   1.00 17.04  ? 118 LYS A N   1 
ATOM   862  C  CA  . LYS A 1 118 ? -1.239  -10.311 9.417   1.00 19.35  ? 118 LYS A CA  1 
ATOM   863  C  C   . LYS A 1 118 ? -0.240  -9.345  9.971   1.00 17.14  ? 118 LYS A C   1 
ATOM   864  O  O   . LYS A 1 118 ? -0.381  -8.822  11.051  1.00 17.84  ? 118 LYS A O   1 
ATOM   865  C  CB  . LYS A 1 118 ? -1.351  -11.521 10.369  1.00 44.09  ? 118 LYS A CB  1 
ATOM   866  C  CG  . LYS A 1 118 ? -2.360  -12.604 9.984   1.00 48.56  ? 118 LYS A CG  1 
ATOM   867  C  CD  . LYS A 1 118 ? -3.782  -12.116 10.081  1.00 50.40  ? 118 LYS A CD  1 
ATOM   868  C  CE  . LYS A 1 118 ? -4.784  -13.230 9.731   1.00 53.75  ? 118 LYS A CE  1 
ATOM   869  N  NZ  . LYS A 1 118 ? -4.665  -14.447 10.638  1.00 52.93  ? 118 LYS A NZ  1 
ATOM   870  N  N   . ILE A 1 119 ? 0.821   -9.132  9.231   1.00 21.78  ? 119 ILE A N   1 
ATOM   871  C  CA  . ILE A 1 119 ? 1.818   -8.173  9.678   1.00 21.75  ? 119 ILE A CA  1 
ATOM   872  C  C   . ILE A 1 119 ? 1.133   -6.788  9.817   1.00 20.63  ? 119 ILE A C   1 
ATOM   873  O  O   . ILE A 1 119 ? 1.515   -5.962  10.672  1.00 19.84  ? 119 ILE A O   1 
ATOM   874  C  CB  . ILE A 1 119 ? 3.001   -8.082  8.649   1.00 30.98  ? 119 ILE A CB  1 
ATOM   875  C  CG1 . ILE A 1 119 ? 4.126   -7.233  9.218   1.00 34.37  ? 119 ILE A CG1 1 
ATOM   876  C  CG2 . ILE A 1 119 ? 2.546   -7.489  7.357   1.00 31.21  ? 119 ILE A CG2 1 
ATOM   877  C  CD1 . ILE A 1 119 ? 4.658   -7.759  10.529  1.00 39.04  ? 119 ILE A CD1 1 
ATOM   878  N  N   . MET A 1 120 ? 0.140   -6.555  8.976   1.00 16.73  ? 120 MET A N   1 
ATOM   879  C  CA  . MET A 1 120 ? -0.590  -5.295  8.979   1.00 18.47  ? 120 MET A CA  1 
ATOM   880  C  C   . MET A 1 120 ? -1.451  -5.026  10.203  1.00 19.72  ? 120 MET A C   1 
ATOM   881  O  O   . MET A 1 120 ? -2.053  -3.958  10.287  1.00 17.48  ? 120 MET A O   1 
ATOM   882  C  CB  . MET A 1 120 ? -1.456  -5.187  7.741   1.00 20.30  ? 120 MET A CB  1 
ATOM   883  C  CG  . MET A 1 120 ? -0.629  -5.164  6.459   1.00 23.58  ? 120 MET A CG  1 
ATOM   884  S  SD  . MET A 1 120 ? -1.612  -4.895  4.986   1.00 24.29  ? 120 MET A SD  1 
ATOM   885  C  CE  . MET A 1 120 ? -2.368  -6.506  4.751   1.00 24.12  ? 120 MET A CE  1 
ATOM   886  N  N   . LEU A 1 121 ? -1.500  -5.966  11.151  1.00 13.29  ? 121 LEU A N   1 
ATOM   887  C  CA  . LEU A 1 121 ? -2.284  -5.795  12.371  1.00 17.31  ? 121 LEU A CA  1 
ATOM   888  C  C   . LEU A 1 121 ? -1.408  -5.366  13.534  1.00 20.52  ? 121 LEU A C   1 
ATOM   889  O  O   . LEU A 1 121 ? -1.933  -5.061  14.594  1.00 43.28  ? 121 LEU A O   1 
ATOM   890  C  CB  . LEU A 1 121 ? -2.974  -7.101  12.771  1.00 16.55  ? 121 LEU A CB  1 
ATOM   891  C  CG  . LEU A 1 121 ? -4.031  -7.719  11.846  1.00 16.34  ? 121 LEU A CG  1 
ATOM   892  C  CD1 . LEU A 1 121 ? -4.676  -8.924  12.532  1.00 15.09  ? 121 LEU A CD1 1 
ATOM   893  C  CD2 . LEU A 1 121 ? -5.077  -6.682  11.461  1.00 16.14  ? 121 LEU A CD2 1 
ATOM   894  N  N   . GLN A 1 122 ? -0.089  -5.356  13.347  1.00 46.76  ? 122 GLN A N   1 
ATOM   895  C  CA  . GLN A 1 122 ? 0.826   -4.980  14.421  1.00 46.41  ? 122 GLN A CA  1 
ATOM   896  C  C   . GLN A 1 122 ? 0.808   -3.471  14.635  1.00 47.00  ? 122 GLN A C   1 
ATOM   897  O  O   . GLN A 1 122 ? 0.921   -2.699  13.675  1.00 36.15  ? 122 GLN A O   1 
ATOM   898  C  CB  . GLN A 1 122 ? 2.251   -5.448  14.102  1.00 47.41  ? 122 GLN A CB  1 
ATOM   899  N  N   . ALA A 1 123 ? 0.697   -3.047  15.892  1.00 50.01  ? 123 ALA A N   1 
ATOM   900  C  CA  . ALA A 1 123 ? 0.653   -1.624  16.203  1.00 50.24  ? 123 ALA A CA  1 
ATOM   901  C  C   . ALA A 1 123 ? -0.565  -1.030  15.480  1.00 50.23  ? 123 ALA A C   1 
ATOM   902  O  O   . ALA A 1 123 ? -0.641  0.170   15.207  1.00 46.19  ? 123 ALA A O   1 
ATOM   903  C  CB  . ALA A 1 123 ? 1.926   -0.956  15.743  1.00 34.00  ? 123 ALA A CB  1 
ATOM   904  N  N   . THR A 1 124 ? -1.509  -1.914  15.168  1.00 59.96  ? 124 THR A N   1 
ATOM   905  C  CA  . THR A 1 124 ? -2.750  -1.547  14.513  1.00 58.11  ? 124 THR A CA  1 
ATOM   906  C  C   . THR A 1 124 ? -3.815  -2.583  14.911  1.00 57.43  ? 124 THR A C   1 
ATOM   907  O  O   . THR A 1 124 ? -3.567  -3.403  15.832  1.00 55.65  ? 124 THR A O   1 
ATOM   908  N  N   . THR A 1 127 ? -8.395  -0.601  13.089  1.00 72.78  ? 127 THR A N   1 
ATOM   909  C  CA  . THR A 1 127 ? -8.350  0.102   11.768  1.00 71.18  ? 127 THR A CA  1 
ATOM   910  C  C   . THR A 1 127 ? -8.584  -0.949  10.667  1.00 70.11  ? 127 THR A C   1 
ATOM   911  O  O   . THR A 1 127 ? -9.593  -0.905  9.953   1.00 69.78  ? 127 THR A O   1 
ATOM   912  C  CB  . THR A 1 127 ? -6.989  0.797   11.563  1.00 92.51  ? 127 THR A CB  1 
ATOM   913  O  OG1 . THR A 1 127 ? -6.218  0.073   10.598  1.00 91.81  ? 127 THR A OG1 1 
ATOM   914  C  CG2 . THR A 1 127 ? -6.223  0.824   12.862  1.00 93.56  ? 127 THR A CG2 1 
ATOM   915  N  N   . ILE A 1 128 ? -7.653  -1.898  10.543  1.00 40.47  ? 128 ILE A N   1 
ATOM   916  C  CA  . ILE A 1 128 ? -7.805  -2.982  9.590   1.00 38.56  ? 128 ILE A CA  1 
ATOM   917  C  C   . ILE A 1 128 ? -8.004  -4.177  10.513  1.00 37.52  ? 128 ILE A C   1 
ATOM   918  O  O   . ILE A 1 128 ? -7.417  -4.245  11.589  1.00 36.39  ? 128 ILE A O   1 
ATOM   919  C  CB  . ILE A 1 128 ? -6.562  -3.158  8.688   1.00 38.50  ? 128 ILE A CB  1 
ATOM   920  C  CG1 . ILE A 1 128 ? -6.769  -4.379  7.798   1.00 38.13  ? 128 ILE A CG1 1 
ATOM   921  C  CG2 . ILE A 1 128 ? -5.278  -3.237  9.522   1.00 38.47  ? 128 ILE A CG2 1 
ATOM   922  C  CD1 . ILE A 1 128 ? -5.621  -4.645  6.829   1.00 40.73  ? 128 ILE A CD1 1 
ATOM   923  N  N   . THR A 1 129 ? -8.867  -5.092  10.114  1.00 31.10  ? 129 THR A N   1 
ATOM   924  C  CA  . THR A 1 129 ? -9.150  -6.257  10.941  1.00 31.23  ? 129 THR A CA  1 
ATOM   925  C  C   . THR A 1 129 ? -8.801  -7.613  10.286  1.00 30.51  ? 129 THR A C   1 
ATOM   926  O  O   . THR A 1 129 ? -8.500  -7.712  9.086   1.00 29.13  ? 129 THR A O   1 
ATOM   927  C  CB  . THR A 1 129 ? -10.627 -6.279  11.326  1.00 38.93  ? 129 THR A CB  1 
ATOM   928  O  OG1 . THR A 1 129 ? -11.418 -6.361  10.136  1.00 38.31  ? 129 THR A OG1 1 
ATOM   929  C  CG2 . THR A 1 129 ? -10.987 -5.000  12.090  1.00 39.75  ? 129 THR A CG2 1 
ATOM   930  N  N   . GLU A 1 130 ? -8.897  -8.657  11.095  1.00 36.80  ? 130 GLU A N   1 
ATOM   931  C  CA  . GLU A 1 130 ? -8.591  -9.992  10.643  1.00 37.32  ? 130 GLU A CA  1 
ATOM   932  C  C   . GLU A 1 130 ? -9.520  -10.331 9.511   1.00 36.50  ? 130 GLU A C   1 
ATOM   933  O  O   . GLU A 1 130 ? -9.118  -10.971 8.542   1.00 35.02  ? 130 GLU A O   1 
ATOM   934  C  CB  . GLU A 1 130 ? -8.760  -10.975 11.786  1.00 100.00 ? 130 GLU A CB  1 
ATOM   935  C  CG  . GLU A 1 130 ? -7.731  -12.060 11.756  1.00 81.10  ? 130 GLU A CG  1 
ATOM   936  C  CD  . GLU A 1 130 ? -7.886  -13.053 12.905  1.00 81.10  ? 130 GLU A CD  1 
ATOM   937  O  OE1 . GLU A 1 130 ? -8.861  -12.908 13.692  1.00 81.10  ? 130 GLU A OE1 1 
ATOM   938  O  OE2 . GLU A 1 130 ? -7.035  -13.981 13.012  1.00 81.10  ? 130 GLU A OE2 1 
ATOM   939  N  N   . ASP A 1 131 ? -10.771 -9.905  9.618   1.00 26.69  ? 131 ASP A N   1 
ATOM   940  C  CA  . ASP A 1 131 ? -11.708 -10.171 8.541   1.00 26.04  ? 131 ASP A CA  1 
ATOM   941  C  C   . ASP A 1 131 ? -11.287 -9.440  7.250   1.00 24.84  ? 131 ASP A C   1 
ATOM   942  O  O   . ASP A 1 131 ? -11.385 -9.975  6.131   1.00 23.55  ? 131 ASP A O   1 
ATOM   943  C  CB  . ASP A 1 131 ? -13.139 -9.771  8.939   1.00 61.04  ? 131 ASP A CB  1 
ATOM   944  C  CG  . ASP A 1 131 ? -14.192 -10.263 7.915   1.00 63.46  ? 131 ASP A CG  1 
ATOM   945  O  OD1 . ASP A 1 131 ? -13.899 -11.177 7.100   1.00 63.55  ? 131 ASP A OD1 1 
ATOM   946  O  OD2 . ASP A 1 131 ? -15.330 -9.747  7.939   1.00 64.08  ? 131 ASP A OD2 1 
ATOM   947  N  N   . ASP A 1 132 ? -10.802 -8.221  7.427   1.00 26.60  ? 132 ASP A N   1 
ATOM   948  C  CA  . ASP A 1 132 ? -10.332 -7.443  6.307   1.00 26.21  ? 132 ASP A CA  1 
ATOM   949  C  C   . ASP A 1 132 ? -9.160  -8.179  5.656   1.00 24.86  ? 132 ASP A C   1 
ATOM   950  O  O   . ASP A 1 132 ? -9.069  -8.227  4.450   1.00 24.04  ? 132 ASP A O   1 
ATOM   951  C  CB  . ASP A 1 132 ? -9.857  -6.064  6.751   1.00 41.37  ? 132 ASP A CB  1 
ATOM   952  C  CG  . ASP A 1 132 ? -10.983 -5.101  6.981   1.00 44.65  ? 132 ASP A CG  1 
ATOM   953  O  OD1 . ASP A 1 132 ? -10.701 -4.005  7.502   1.00 48.80  ? 132 ASP A OD1 1 
ATOM   954  O  OD2 . ASP A 1 132 ? -12.133 -5.419  6.642   1.00 44.50  ? 132 ASP A OD2 1 
ATOM   955  N  N   . ILE A 1 133 ? -8.258  -8.733  6.457   1.00 19.12  ? 133 ILE A N   1 
ATOM   956  C  CA  . ILE A 1 133 ? -7.099  -9.470  5.940   1.00 17.34  ? 133 ILE A CA  1 
ATOM   957  C  C   . ILE A 1 133 ? -7.483  -10.731 5.159   1.00 18.84  ? 133 ILE A C   1 
ATOM   958  O  O   . ILE A 1 133 ? -6.944  -10.990 4.080   1.00 16.45  ? 133 ILE A O   1 
ATOM   959  C  CB  . ILE A 1 133 ? -6.158  -9.844  7.087   1.00 23.67  ? 133 ILE A CB  1 
ATOM   960  C  CG1 . ILE A 1 133 ? -5.546  -8.543  7.654   1.00 21.58  ? 133 ILE A CG1 1 
ATOM   961  C  CG2 . ILE A 1 133 ? -5.090  -10.866 6.580   1.00 20.16  ? 133 ILE A CG2 1 
ATOM   962  C  CD1 . ILE A 1 133 ? -4.575  -8.730  8.798   1.00 27.60  ? 133 ILE A CD1 1 
ATOM   963  N  N   . GLU A 1 134 ? -8.437  -11.498 5.698   1.00 20.97  ? 134 GLU A N   1 
ATOM   964  C  CA  . GLU A 1 134 ? -8.880  -12.721 5.049   1.00 22.13  ? 134 GLU A CA  1 
ATOM   965  C  C   . GLU A 1 134 ? -9.586  -12.398 3.741   1.00 20.27  ? 134 GLU A C   1 
ATOM   966  O  O   . GLU A 1 134 ? -9.626  -13.211 2.828   1.00 18.16  ? 134 GLU A O   1 
ATOM   967  C  CB  . GLU A 1 134 ? -9.825  -13.515 5.968   1.00 100.00 ? 134 GLU A CB  1 
ATOM   968  C  CG  . GLU A 1 134 ? -9.158  -14.652 6.724   1.00 91.19  ? 134 GLU A CG  1 
ATOM   969  C  CD  . GLU A 1 134 ? -8.571  -14.221 8.052   1.00 91.19  ? 134 GLU A CD  1 
ATOM   970  O  OE1 . GLU A 1 134 ? -7.891  -13.175 8.079   1.00 91.19  ? 134 GLU A OE1 1 
ATOM   971  O  OE2 . GLU A 1 134 ? -8.777  -14.932 9.065   1.00 91.19  ? 134 GLU A OE2 1 
ATOM   972  N  N   . GLU A 1 135 ? -10.182 -11.217 3.681   1.00 22.18  ? 135 GLU A N   1 
ATOM   973  C  CA  . GLU A 1 135 ? -10.889 -10.747 2.489   1.00 23.69  ? 135 GLU A CA  1 
ATOM   974  C  C   . GLU A 1 135 ? -9.853  -10.280 1.433   1.00 22.11  ? 135 GLU A C   1 
ATOM   975  O  O   . GLU A 1 135 ? -9.993  -10.503 0.222   1.00 20.91  ? 135 GLU A O   1 
ATOM   976  C  CB  . GLU A 1 135 ? -11.826 -9.591  2.896   1.00 100.00 ? 135 GLU A CB  1 
ATOM   977  C  CG  . GLU A 1 135 ? -13.180 -9.567  2.174   1.00 100.00 ? 135 GLU A CG  1 
ATOM   978  C  CD  . GLU A 1 135 ? -13.096 -8.952  0.783   1.00 100.00 ? 135 GLU A CD  1 
ATOM   979  O  OE1 . GLU A 1 135 ? -12.727 -7.753  0.690   1.00 100.00 ? 135 GLU A OE1 1 
ATOM   980  O  OE2 . GLU A 1 135 ? -13.398 -9.667  -0.210  1.00 100.00 ? 135 GLU A OE2 1 
ATOM   981  N  N   . LEU A 1 136 ? -8.838  -9.594  1.906   1.00 18.62  ? 136 LEU A N   1 
ATOM   982  C  CA  . LEU A 1 136 ? -7.760  -9.131  1.046   1.00 16.12  ? 136 LEU A CA  1 
ATOM   983  C  C   . LEU A 1 136 ? -7.162  -10.405 0.381   1.00 15.52  ? 136 LEU A C   1 
ATOM   984  O  O   . LEU A 1 136 ? -6.924  -10.464 -0.861  1.00 12.24  ? 136 LEU A O   1 
ATOM   985  C  CB  . LEU A 1 136 ? -6.703  -8.456  1.925   1.00 31.55  ? 136 LEU A CB  1 
ATOM   986  C  CG  . LEU A 1 136 ? -5.856  -7.313  1.363   1.00 35.84  ? 136 LEU A CG  1 
ATOM   987  C  CD1 . LEU A 1 136 ? -4.740  -6.954  2.363   1.00 33.56  ? 136 LEU A CD1 1 
ATOM   988  C  CD2 . LEU A 1 136 ? -5.285  -7.704  0.041   1.00 33.73  ? 136 LEU A CD2 1 
ATOM   989  N  N   . MET A 1 137 ? -6.923  -11.418 1.213   1.00 16.95  ? 137 MET A N   1 
ATOM   990  C  CA  . MET A 1 137 ? -6.332  -12.643 0.703   1.00 18.77  ? 137 MET A CA  1 
ATOM   991  C  C   . MET A 1 137 ? -7.190  -13.222 -0.412  1.00 20.43  ? 137 MET A C   1 
ATOM   992  O  O   . MET A 1 137 ? -6.671  -13.617 -1.447  1.00 17.95  ? 137 MET A O   1 
ATOM   993  C  CB  . MET A 1 137 ? -6.166  -13.692 1.797   1.00 17.62  ? 137 MET A CB  1 
ATOM   994  C  CG  . MET A 1 137 ? -5.663  -15.047 1.255   1.00 18.45  ? 137 MET A CG  1 
ATOM   995  S  SD  . MET A 1 137 ? -3.990  -14.863 0.442   1.00 20.17  ? 137 MET A SD  1 
ATOM   996  C  CE  . MET A 1 137 ? -2.935  -14.992 1.987   1.00 16.92  ? 137 MET A CE  1 
ATOM   997  N  N   . LYS A 1 138 ? -8.498  -13.268 -0.202  1.00 21.07  ? 138 LYS A N   1 
ATOM   998  C  CA  . LYS A 1 138 ? -9.404  -13.824 -1.208  1.00 24.32  ? 138 LYS A CA  1 
ATOM   999  C  C   . LYS A 1 138 ? -9.341  -13.029 -2.525  1.00 25.08  ? 138 LYS A C   1 
ATOM   1000 O  O   . LYS A 1 138 ? -9.407  -13.586 -3.610  1.00 24.89  ? 138 LYS A O   1 
ATOM   1001 C  CB  . LYS A 1 138 ? -10.837 -13.837 -0.663  1.00 100.00 ? 138 LYS A CB  1 
ATOM   1002 C  CG  . LYS A 1 138 ? -11.846 -13.131 -1.554  1.00 88.16  ? 138 LYS A CG  1 
ATOM   1003 C  CD  . LYS A 1 138 ? -13.187 -13.858 -1.596  1.00 88.16  ? 138 LYS A CD  1 
ATOM   1004 C  CE  . LYS A 1 138 ? -14.041 -13.329 -2.734  1.00 88.16  ? 138 LYS A CE  1 
ATOM   1005 N  NZ  . LYS A 1 138 ? -13.226 -13.273 -3.995  1.00 88.16  ? 138 LYS A NZ  1 
ATOM   1006 N  N   . ASP A 1 139 ? -9.239  -11.721 -2.417  1.00 27.23  ? 139 ASP A N   1 
ATOM   1007 C  CA  . ASP A 1 139 ? -9.162  -10.857 -3.576  1.00 28.14  ? 139 ASP A CA  1 
ATOM   1008 C  C   . ASP A 1 139 ? -7.902  -11.157 -4.376  1.00 27.64  ? 139 ASP A C   1 
ATOM   1009 O  O   . ASP A 1 139 ? -7.964  -11.242 -5.623  1.00 27.68  ? 139 ASP A O   1 
ATOM   1010 C  CB  . ASP A 1 139 ? -9.130  -9.397  -3.130  1.00 44.72  ? 139 ASP A CB  1 
ATOM   1011 C  CG  . ASP A 1 139 ? -10.389 -8.971  -2.377  1.00 50.84  ? 139 ASP A CG  1 
ATOM   1012 O  OD1 . ASP A 1 139 ? -10.462 -7.776  -1.985  1.00 53.28  ? 139 ASP A OD1 1 
ATOM   1013 O  OD2 . ASP A 1 139 ? -11.300 -9.815  -2.179  1.00 53.98  ? 139 ASP A OD2 1 
ATOM   1014 N  N   . GLY A 1 140 ? -6.760  -11.312 -3.675  1.00 14.62  ? 140 GLY A N   1 
ATOM   1015 C  CA  . GLY A 1 140 ? -5.529  -11.568 -4.393  1.00 12.95  ? 140 GLY A CA  1 
ATOM   1016 C  C   . GLY A 1 140 ? -5.269  -13.014 -4.849  1.00 12.19  ? 140 GLY A C   1 
ATOM   1017 O  O   . GLY A 1 140 ? -4.610  -13.252 -5.875  1.00 11.70  ? 140 GLY A O   1 
ATOM   1018 N  N   . ASP A 1 141 ? -5.782  -13.967 -4.097  1.00 19.25  ? 141 ASP A N   1 
ATOM   1019 C  CA  . ASP A 1 141 ? -5.572  -15.398 -4.343  1.00 20.64  ? 141 ASP A CA  1 
ATOM   1020 C  C   . ASP A 1 141 ? -6.445  -15.903 -5.454  1.00 22.47  ? 141 ASP A C   1 
ATOM   1021 O  O   . ASP A 1 141 ? -7.534  -16.403 -5.164  1.00 25.01  ? 141 ASP A O   1 
ATOM   1022 C  CB  . ASP A 1 141 ? -5.901  -16.206 -3.095  1.00 22.99  ? 141 ASP A CB  1 
ATOM   1023 C  CG  . ASP A 1 141 ? -5.675  -17.653 -3.294  1.00 24.69  ? 141 ASP A CG  1 
ATOM   1024 O  OD1 . ASP A 1 141 ? -6.199  -18.411 -2.486  1.00 23.61  ? 141 ASP A OD1 1 
ATOM   1025 O  OD2 . ASP A 1 141 ? -4.979  -18.037 -4.252  1.00 24.80  ? 141 ASP A OD2 1 
ATOM   1026 N  N   . LYS A 1 142 ? -5.972  -15.813 -6.690  1.00 27.61  ? 142 LYS A N   1 
ATOM   1027 C  CA  . LYS A 1 142 ? -6.742  -16.271 -7.854  1.00 28.87  ? 142 LYS A CA  1 
ATOM   1028 C  C   . LYS A 1 142 ? -6.851  -17.780 -8.034  1.00 28.66  ? 142 LYS A C   1 
ATOM   1029 O  O   . LYS A 1 142 ? -7.884  -18.266 -8.499  1.00 30.72  ? 142 LYS A O   1 
ATOM   1030 C  CB  . LYS A 1 142 ? -6.192  -15.676 -9.167  1.00 35.58  ? 142 LYS A CB  1 
ATOM   1031 C  CG  . LYS A 1 142 ? -6.144  -14.143 -9.186  1.00 37.98  ? 142 LYS A CG  1 
ATOM   1032 C  CD  . LYS A 1 142 ? -7.466  -13.534 -8.796  1.00 40.74  ? 142 LYS A CD  1 
ATOM   1033 C  CE  . LYS A 1 142 ? -8.437  -13.742 -9.886  1.00 44.55  ? 142 LYS A CE  1 
ATOM   1034 N  NZ  . LYS A 1 142 ? -9.832  -13.488 -9.421  1.00 43.82  ? 142 LYS A NZ  1 
ATOM   1035 N  N   . ASN A 1 143 ? -5.818  -18.534 -7.676  1.00 17.94  ? 143 ASN A N   1 
ATOM   1036 C  CA  . ASN A 1 143 ? -5.887  -19.951 -7.911  1.00 17.27  ? 143 ASN A CA  1 
ATOM   1037 C  C   . ASN A 1 143 ? -6.326  -20.732 -6.697  1.00 18.69  ? 143 ASN A C   1 
ATOM   1038 O  O   . ASN A 1 143 ? -6.124  -21.945 -6.646  1.00 18.36  ? 143 ASN A O   1 
ATOM   1039 C  CB  . ASN A 1 143 ? -4.533  -20.495 -8.437  1.00 14.19  ? 143 ASN A CB  1 
ATOM   1040 C  CG  . ASN A 1 143 ? -3.356  -20.146 -7.528  1.00 12.86  ? 143 ASN A CG  1 
ATOM   1041 O  OD1 . ASN A 1 143 ? -3.548  -19.944 -6.364  1.00 10.11  ? 143 ASN A OD1 1 
ATOM   1042 N  ND2 . ASN A 1 143 ? -2.159  -20.118 -8.071  1.00 13.04  ? 143 ASN A ND2 1 
ATOM   1043 N  N   . ASN A 1 144 ? -6.878  -20.034 -5.713  1.00 32.96  ? 144 ASN A N   1 
ATOM   1044 C  CA  . ASN A 1 144 ? -7.372  -20.683 -4.502  1.00 35.66  ? 144 ASN A CA  1 
ATOM   1045 C  C   . ASN A 1 144 ? -6.386  -21.610 -3.759  1.00 34.50  ? 144 ASN A C   1 
ATOM   1046 O  O   . ASN A 1 144 ? -6.724  -22.769 -3.467  1.00 34.43  ? 144 ASN A O   1 
ATOM   1047 C  CB  . ASN A 1 144 ? -8.600  -21.527 -4.861  1.00 71.54  ? 144 ASN A CB  1 
ATOM   1048 C  CG  . ASN A 1 144 ? -9.591  -20.781 -5.661  1.00 77.05  ? 144 ASN A CG  1 
ATOM   1049 O  OD1 . ASN A 1 144 ? -9.364  -20.440 -6.825  1.00 80.67  ? 144 ASN A OD1 1 
ATOM   1050 N  ND2 . ASN A 1 144 ? -10.715 -20.485 -5.041  1.00 79.84  ? 144 ASN A ND2 1 
ATOM   1051 N  N   . ASP A 1 145 ? -5.179  -21.154 -3.454  1.00 27.53  ? 145 ASP A N   1 
ATOM   1052 C  CA  . ASP A 1 145 ? -4.289  -22.036 -2.729  1.00 24.68  ? 145 ASP A CA  1 
ATOM   1053 C  C   . ASP A 1 145 ? -4.003  -21.375 -1.395  1.00 24.15  ? 145 ASP A C   1 
ATOM   1054 O  O   . ASP A 1 145 ? -3.094  -21.777 -0.703  1.00 23.10  ? 145 ASP A O   1 
ATOM   1055 C  CB  . ASP A 1 145 ? -2.989  -22.251 -3.509  1.00 20.56  ? 145 ASP A CB  1 
ATOM   1056 C  CG  . ASP A 1 145 ? -2.119  -20.977 -3.570  1.00 18.93  ? 145 ASP A CG  1 
ATOM   1057 O  OD1 . ASP A 1 145 ? -2.627  -19.880 -3.173  1.00 13.87  ? 145 ASP A OD1 1 
ATOM   1058 O  OD2 . ASP A 1 145 ? -0.929  -21.097 -4.004  1.00 17.64  ? 145 ASP A OD2 1 
ATOM   1059 N  N   . GLY A 1 146 ? -4.785  -20.344 -1.048  1.00 21.98  ? 146 GLY A N   1 
ATOM   1060 C  CA  . GLY A 1 146 ? -4.603  -19.657 0.213   1.00 20.49  ? 146 GLY A CA  1 
ATOM   1061 C  C   . GLY A 1 146 ? -3.385  -18.759 0.289   1.00 20.75  ? 146 GLY A C   1 
ATOM   1062 O  O   . GLY A 1 146 ? -3.041  -18.316 1.381   1.00 23.26  ? 146 GLY A O   1 
ATOM   1063 N  N   . ARG A 1 147 ? -2.726  -18.491 -0.848  1.00 18.38  ? 147 ARG A N   1 
ATOM   1064 C  CA  . ARG A 1 147 ? -1.535  -17.623 -0.863  1.00 16.76  ? 147 ARG A CA  1 
ATOM   1065 C  C   . ARG A 1 147 ? -1.545  -16.711 -2.088  1.00 16.91  ? 147 ARG A C   1 
ATOM   1066 O  O   . ARG A 1 147 ? -2.259  -16.997 -3.025  1.00 14.54  ? 147 ARG A O   1 
ATOM   1067 C  CB  . ARG A 1 147 ? -0.254  -18.474 -0.914  1.00 16.69  ? 147 ARG A CB  1 
ATOM   1068 C  CG  . ARG A 1 147 ? -0.051  -19.456 0.297   1.00 21.10  ? 147 ARG A CG  1 
ATOM   1069 C  CD  . ARG A 1 147 ? 1.100   -20.449 0.061   1.00 18.96  ? 147 ARG A CD  1 
ATOM   1070 N  NE  . ARG A 1 147 ? 0.802   -21.325 -1.081  1.00 21.85  ? 147 ARG A NE  1 
ATOM   1071 C  CZ  . ARG A 1 147 ? 1.551   -22.376 -1.460  1.00 23.33  ? 147 ARG A CZ  1 
ATOM   1072 N  NH1 . ARG A 1 147 ? 1.204   -23.129 -2.511  1.00 20.12  ? 147 ARG A NH1 1 
ATOM   1073 N  NH2 . ARG A 1 147 ? 2.657   -22.652 -0.790  1.00 22.09  ? 147 ARG A NH2 1 
ATOM   1074 N  N   . ILE A 1 148 ? -0.742  -15.628 -2.092  1.00 10.99  ? 148 ILE A N   1 
ATOM   1075 C  CA  . ILE A 1 148 ? -0.661  -14.739 -3.245  1.00 7.20   ? 148 ILE A CA  1 
ATOM   1076 C  C   . ILE A 1 148 ? 0.766   -14.852 -3.722  1.00 9.33   ? 148 ILE A C   1 
ATOM   1077 O  O   . ILE A 1 148 ? 1.692   -14.493 -2.990  1.00 9.76   ? 148 ILE A O   1 
ATOM   1078 C  CB  . ILE A 1 148 ? -0.917  -13.288 -2.827  1.00 11.38  ? 148 ILE A CB  1 
ATOM   1079 C  CG1 . ILE A 1 148 ? -2.353  -13.131 -2.294  1.00 12.85  ? 148 ILE A CG1 1 
ATOM   1080 C  CG2 . ILE A 1 148 ? -0.553  -12.359 -3.965  1.00 8.75   ? 148 ILE A CG2 1 
ATOM   1081 C  CD1 . ILE A 1 148 ? -2.628  -11.698 -1.719  1.00 14.40  ? 148 ILE A CD1 1 
ATOM   1082 N  N   . ASP A 1 149 ? 0.957   -15.362 -4.954  1.00 12.30  ? 149 ASP A N   1 
ATOM   1083 C  CA  . ASP A 1 149 ? 2.322   -15.513 -5.449  1.00 13.12  ? 149 ASP A CA  1 
ATOM   1084 C  C   . ASP A 1 149 ? 2.680   -14.204 -6.100  1.00 10.92  ? 149 ASP A C   1 
ATOM   1085 O  O   . ASP A 1 149 ? 1.851   -13.296 -6.099  1.00 10.29  ? 149 ASP A O   1 
ATOM   1086 C  CB  . ASP A 1 149 ? 2.486   -16.687 -6.428  1.00 16.01  ? 149 ASP A CB  1 
ATOM   1087 C  CG  . ASP A 1 149 ? 1.521   -16.622 -7.570  1.00 20.10  ? 149 ASP A CG  1 
ATOM   1088 O  OD1 . ASP A 1 149 ? 1.379   -15.518 -8.146  1.00 22.39  ? 149 ASP A OD1 1 
ATOM   1089 O  OD2 . ASP A 1 149 ? 0.904   -17.661 -7.883  1.00 20.80  ? 149 ASP A OD2 1 
ATOM   1090 N  N   . TYR A 1 150 ? 3.904   -14.059 -6.576  1.00 11.34  ? 150 TYR A N   1 
ATOM   1091 C  CA  . TYR A 1 150 ? 4.291   -12.775 -7.177  1.00 12.04  ? 150 TYR A CA  1 
ATOM   1092 C  C   . TYR A 1 150 ? 3.450   -12.364 -8.397  1.00 11.10  ? 150 TYR A C   1 
ATOM   1093 O  O   . TYR A 1 150 ? 3.112   -11.190 -8.571  1.00 9.75   ? 150 TYR A O   1 
ATOM   1094 C  CB  . TYR A 1 150 ? 5.758   -12.798 -7.575  1.00 13.60  ? 150 TYR A CB  1 
ATOM   1095 C  CG  . TYR A 1 150 ? 6.266   -11.438 -7.966  1.00 15.62  ? 150 TYR A CG  1 
ATOM   1096 C  CD1 . TYR A 1 150 ? 6.059   -10.334 -7.129  1.00 14.69  ? 150 TYR A CD1 1 
ATOM   1097 C  CD2 . TYR A 1 150 ? 6.987   -11.245 -9.170  1.00 17.31  ? 150 TYR A CD2 1 
ATOM   1098 C  CE1 . TYR A 1 150 ? 6.557   -9.057  -7.479  1.00 17.73  ? 150 TYR A CE1 1 
ATOM   1099 C  CE2 . TYR A 1 150 ? 7.495   -9.944  -9.538  1.00 18.01  ? 150 TYR A CE2 1 
ATOM   1100 C  CZ  . TYR A 1 150 ? 7.258   -8.878  -8.679  1.00 17.74  ? 150 TYR A CZ  1 
ATOM   1101 O  OH  . TYR A 1 150 ? 7.681   -7.613  -8.968  1.00 21.41  ? 150 TYR A OH  1 
ATOM   1102 N  N   . ASP A 1 151 ? 3.073   -13.323 -9.234  1.00 14.66  ? 151 ASP A N   1 
ATOM   1103 C  CA  . ASP A 1 151 ? 2.271   -13.003 -10.428 1.00 16.17  ? 151 ASP A CA  1 
ATOM   1104 C  C   . ASP A 1 151 ? 0.879   -12.513 -10.020 1.00 16.30  ? 151 ASP A C   1 
ATOM   1105 O  O   . ASP A 1 151 ? 0.321   -11.566 -10.585 1.00 17.30  ? 151 ASP A O   1 
ATOM   1106 C  CB  . ASP A 1 151 ? 2.141   -14.224 -11.326 1.00 37.06  ? 151 ASP A CB  1 
ATOM   1107 C  CG  . ASP A 1 151 ? 3.475   -14.711 -11.834 1.00 42.08  ? 151 ASP A CG  1 
ATOM   1108 O  OD1 . ASP A 1 151 ? 4.300   -13.872 -12.274 1.00 44.50  ? 151 ASP A OD1 1 
ATOM   1109 O  OD2 . ASP A 1 151 ? 3.693   -15.939 -11.795 1.00 46.00  ? 151 ASP A OD2 1 
ATOM   1110 N  N   . GLU A 1 152 ? 0.311   -13.156 -9.004  1.00 11.52  ? 152 GLU A N   1 
ATOM   1111 C  CA  . GLU A 1 152 ? -0.999  -12.746 -8.529  1.00 10.38  ? 152 GLU A CA  1 
ATOM   1112 C  C   . GLU A 1 152 ? -0.857  -11.356 -7.907  1.00 10.04  ? 152 GLU A C   1 
ATOM   1113 O  O   . GLU A 1 152 ? -1.639  -10.452 -8.172  1.00 9.63   ? 152 GLU A O   1 
ATOM   1114 C  CB  . GLU A 1 152 ? -1.504  -13.735 -7.489  1.00 10.44  ? 152 GLU A CB  1 
ATOM   1115 C  CG  . GLU A 1 152 ? -1.787  -15.093 -8.046  1.00 11.98  ? 152 GLU A CG  1 
ATOM   1116 C  CD  . GLU A 1 152 ? -2.215  -16.056 -6.980  1.00 11.86  ? 152 GLU A CD  1 
ATOM   1117 O  OE1 . GLU A 1 152 ? -1.613  -15.974 -5.862  1.00 9.67   ? 152 GLU A OE1 1 
ATOM   1118 O  OE2 . GLU A 1 152 ? -3.141  -16.859 -7.296  1.00 10.97  ? 152 GLU A OE2 1 
ATOM   1119 N  N   . PHE A 1 153 ? 0.188   -11.180 -7.117  1.00 11.43  ? 153 PHE A N   1 
ATOM   1120 C  CA  . PHE A 1 153 ? 0.429   -9.897  -6.461  1.00 11.70  ? 153 PHE A CA  1 
ATOM   1121 C  C   . PHE A 1 153 ? 0.454   -8.772  -7.491  1.00 12.10  ? 153 PHE A C   1 
ATOM   1122 O  O   . PHE A 1 153 ? -0.168  -7.735  -7.294  1.00 11.94  ? 153 PHE A O   1 
ATOM   1123 C  CB  . PHE A 1 153 ? 1.782   -9.922  -5.744  1.00 9.27   ? 153 PHE A CB  1 
ATOM   1124 C  CG  . PHE A 1 153 ? 2.111   -8.638  -5.017  1.00 10.32  ? 153 PHE A CG  1 
ATOM   1125 C  CD1 . PHE A 1 153 ? 1.394   -8.275  -3.878  1.00 12.08  ? 153 PHE A CD1 1 
ATOM   1126 C  CD2 . PHE A 1 153 ? 3.162   -7.816  -5.454  1.00 8.80   ? 153 PHE A CD2 1 
ATOM   1127 C  CE1 . PHE A 1 153 ? 1.717   -7.069  -3.149  1.00 12.73  ? 153 PHE A CE1 1 
ATOM   1128 C  CE2 . PHE A 1 153 ? 3.478   -6.675  -4.779  1.00 12.12  ? 153 PHE A CE2 1 
ATOM   1129 C  CZ  . PHE A 1 153 ? 2.735   -6.291  -3.598  1.00 10.10  ? 153 PHE A CZ  1 
ATOM   1130 N  N   . LEU A 1 154 ? 1.246   -8.946  -8.564  1.00 12.95  ? 154 LEU A N   1 
ATOM   1131 C  CA  . LEU A 1 154 ? 1.374   -7.929  -9.629  1.00 15.70  ? 154 LEU A CA  1 
ATOM   1132 C  C   . LEU A 1 154 ? 0.039   -7.646  -10.302 1.00 15.48  ? 154 LEU A C   1 
ATOM   1133 O  O   . LEU A 1 154 ? -0.331  -6.516  -10.483 1.00 15.89  ? 154 LEU A O   1 
ATOM   1134 C  CB  . LEU A 1 154 ? 2.401   -8.347  -10.693 1.00 16.71  ? 154 LEU A CB  1 
ATOM   1135 C  CG  . LEU A 1 154 ? 3.863   -8.339  -10.231 1.00 21.31  ? 154 LEU A CG  1 
ATOM   1136 C  CD1 . LEU A 1 154 ? 4.721   -8.742  -11.394 1.00 21.35  ? 154 LEU A CD1 1 
ATOM   1137 C  CD2 . LEU A 1 154 ? 4.272   -6.966  -9.695  1.00 18.70  ? 154 LEU A CD2 1 
ATOM   1138 N  N   . GLU A 1 155 ? -0.708  -8.687  -10.648 1.00 16.83  ? 155 GLU A N   1 
ATOM   1139 C  CA  . GLU A 1 155 ? -2.021  -8.513  -11.255 1.00 18.80  ? 155 GLU A CA  1 
ATOM   1140 C  C   . GLU A 1 155 ? -2.930  -7.758  -10.266 1.00 17.57  ? 155 GLU A C   1 
ATOM   1141 O  O   . GLU A 1 155 ? -3.663  -6.877  -10.653 1.00 17.16  ? 155 GLU A O   1 
ATOM   1142 C  CB  . GLU A 1 155 ? -2.640  -9.881  -11.527 1.00 30.38  ? 155 GLU A CB  1 
ATOM   1143 C  CG  . GLU A 1 155 ? -3.018  -10.160 -12.954 1.00 38.44  ? 155 GLU A CG  1 
ATOM   1144 C  CD  . GLU A 1 155 ? -3.878  -11.442 -13.071 1.00 43.72  ? 155 GLU A CD  1 
ATOM   1145 O  OE1 . GLU A 1 155 ? -5.103  -11.399 -12.727 1.00 47.60  ? 155 GLU A OE1 1 
ATOM   1146 O  OE2 . GLU A 1 155 ? -3.310  -12.495 -13.485 1.00 45.48  ? 155 GLU A OE2 1 
ATOM   1147 N  N   . PHE A 1 156 ? -2.864  -8.122  -8.996  1.00 18.65  ? 156 PHE A N   1 
ATOM   1148 C  CA  . PHE A 1 156 ? -3.673  -7.527  -7.929  1.00 17.50  ? 156 PHE A CA  1 
ATOM   1149 C  C   . PHE A 1 156 ? -3.327  -6.045  -7.829  1.00 18.01  ? 156 PHE A C   1 
ATOM   1150 O  O   . PHE A 1 156 ? -4.215  -5.206  -7.859  1.00 14.49  ? 156 PHE A O   1 
ATOM   1151 C  CB  . PHE A 1 156 ? -3.341  -8.217  -6.601  1.00 20.39  ? 156 PHE A CB  1 
ATOM   1152 C  CG  . PHE A 1 156 ? -4.294  -7.903  -5.478  1.00 19.12  ? 156 PHE A CG  1 
ATOM   1153 C  CD1 . PHE A 1 156 ? -3.870  -7.922  -4.143  1.00 21.15  ? 156 PHE A CD1 1 
ATOM   1154 C  CD2 . PHE A 1 156 ? -5.625  -7.682  -5.734  1.00 21.46  ? 156 PHE A CD2 1 
ATOM   1155 C  CE1 . PHE A 1 156 ? -4.769  -7.747  -3.072  1.00 22.45  ? 156 PHE A CE1 1 
ATOM   1156 C  CE2 . PHE A 1 156 ? -6.555  -7.504  -4.662  1.00 22.60  ? 156 PHE A CE2 1 
ATOM   1157 C  CZ  . PHE A 1 156 ? -6.122  -7.534  -3.328  1.00 20.73  ? 156 PHE A CZ  1 
ATOM   1158 N  N   . MET A 1 157 ? -2.050  -5.730  -7.738  1.00 19.55  ? 157 MET A N   1 
ATOM   1159 C  CA  . MET A 1 157 ? -1.617  -4.345  -7.621  1.00 22.46  ? 157 MET A CA  1 
ATOM   1160 C  C   . MET A 1 157 ? -1.804  -3.484  -8.881  1.00 25.29  ? 157 MET A C   1 
ATOM   1161 O  O   . MET A 1 157 ? -1.980  -2.300  -8.766  1.00 23.41  ? 157 MET A O   1 
ATOM   1162 C  CB  . MET A 1 157 ? -0.154  -4.288  -7.254  1.00 21.53  ? 157 MET A CB  1 
ATOM   1163 C  CG  . MET A 1 157 ? 0.170   -4.734  -5.855  1.00 21.00  ? 157 MET A CG  1 
ATOM   1164 S  SD  . MET A 1 157 ? -0.517  -3.709  -4.540  1.00 21.87  ? 157 MET A SD  1 
ATOM   1165 C  CE  . MET A 1 157 ? -1.636  -4.935  -4.006  1.00 27.03  ? 157 MET A CE  1 
ATOM   1166 N  N   . LYS A 1 158 ? -1.733  -4.069  -10.074 1.00 38.82  ? 158 LYS A N   1 
ATOM   1167 C  CA  . LYS A 1 158 ? -1.866  -3.294  -11.304 1.00 42.72  ? 158 LYS A CA  1 
ATOM   1168 C  C   . LYS A 1 158 ? -3.327  -3.201  -11.768 1.00 44.29  ? 158 LYS A C   1 
ATOM   1169 O  O   . LYS A 1 158 ? -3.718  -2.248  -12.415 1.00 44.70  ? 158 LYS A O   1 
ATOM   1170 C  CB  . LYS A 1 158 ? -1.000  -3.912  -12.411 1.00 54.32  ? 158 LYS A CB  1 
ATOM   1171 C  CG  . LYS A 1 158 ? 0.464   -3.933  -12.093 1.00 80.72  ? 158 LYS A CG  1 
ATOM   1172 C  CD  . LYS A 1 158 ? 1.270   -4.403  -13.281 1.00 81.72  ? 158 LYS A CD  1 
ATOM   1173 C  CE  . LYS A 1 158 ? 2.778   -4.412  -12.958 1.00 82.72  ? 158 LYS A CE  1 
ATOM   1174 N  NZ  . LYS A 1 158 ? 3.635   -4.836  -14.123 1.00 83.72  ? 158 LYS A NZ  1 
ATOM   1175 N  N   . GLY A 1 159 ? -4.134  -4.197  -11.430 1.00 52.03  ? 159 GLY A N   1 
ATOM   1176 C  CA  . GLY A 1 159 ? -5.526  -4.164  -11.856 1.00 54.39  ? 159 GLY A CA  1 
ATOM   1177 C  C   . GLY A 1 159 ? -5.819  -5.100  -13.022 1.00 56.47  ? 159 GLY A C   1 
ATOM   1178 O  O   . GLY A 1 159 ? -6.215  -4.634  -14.080 1.00 58.34  ? 159 GLY A O   1 
ATOM   1179 N  N   . VAL A 1 160 ? -5.637  -6.408  -12.828 1.00 79.84  ? 160 VAL A N   1 
ATOM   1180 C  CA  . VAL A 1 160 ? -5.916  -7.385  -13.875 1.00 82.20  ? 160 VAL A CA  1 
ATOM   1181 C  C   . VAL A 1 160 ? -4.958  -7.299  -15.043 1.00 84.28  ? 160 VAL A C   1 
HETATM 1182 CA CA  . CA  B 2 .   ? -0.317  17.671  -0.023  1.00 28.70  ? 201 CA  A CA  1 
HETATM 1183 CA CA  . CA  C 2 .   ? 6.317   -16.189 2.160   1.00 26.05  ? 202 CA  A CA  1 
HETATM 1184 CA CA  . CA  D 2 .   ? -2.584  -18.117 -4.990  1.00 24.80  ? 203 CA  A CA  1 
HETATM 1185 C  C1  . BEP E 3 .   ? 4.050   4.409   -3.975  1.00 25.31  ? 204 BEP A C1  1 
HETATM 1186 C  C2  . BEP E 3 .   ? 5.377   4.255   -3.196  1.00 32.71  ? 204 BEP A C2  1 
HETATM 1187 C  C3  . BEP E 3 .   ? 5.263   4.788   -1.771  1.00 16.31  ? 204 BEP A C3  1 
HETATM 1188 O  O1  . BEP E 3 .   ? 4.120   3.414   -4.979  1.00 22.81  ? 204 BEP A O1  1 
HETATM 1189 N  N2  . BEP E 3 .   ? 6.403   4.895   -3.988  1.00 31.04  ? 204 BEP A N2  1 
HETATM 1190 N  N3  . BEP E 3 .   ? 3.817   4.829   -1.481  1.00 26.70  ? 204 BEP A N3  1 
HETATM 1191 C  C4  . BEP E 3 .   ? 3.032   2.528   -4.825  1.00 30.76  ? 204 BEP A C4  1 
HETATM 1192 C  C5  . BEP E 3 .   ? 3.520   1.101   -5.078  1.00 30.06  ? 204 BEP A C5  1 
HETATM 1193 C  C6  . BEP E 3 .   ? 4.691   0.770   -4.153  1.00 34.33  ? 204 BEP A C6  1 
HETATM 1194 C  C7  . BEP E 3 .   ? 2.385   0.094   -4.874  1.00 23.71  ? 204 BEP A C7  1 
HETATM 1195 C  C8  . BEP E 3 .   ? 7.022   6.034   -3.343  1.00 36.12  ? 204 BEP A C8  1 
HETATM 1196 C  C9  . BEP E 3 .   ? 7.934   6.537   -4.472  1.00 32.58  ? 204 BEP A C9  1 
HETATM 1197 C  C10 . BEP E 3 .   ? 7.022   6.361   -5.686  1.00 35.87  ? 204 BEP A C10 1 
HETATM 1198 C  C11 . BEP E 3 .   ? 5.814   5.637   -5.092  1.00 29.11  ? 204 BEP A C11 1 
HETATM 1199 C  C12 . BEP E 3 .   ? 3.346   3.619   -0.859  1.00 28.19  ? 204 BEP A C12 1 
HETATM 1200 C  C13 . BEP E 3 .   ? 3.933   2.851   0.194   1.00 23.77  ? 204 BEP A C13 1 
HETATM 1201 C  C14 . BEP E 3 .   ? 3.627   1.485   0.247   1.00 17.60  ? 204 BEP A C14 1 
HETATM 1202 C  C15 . BEP E 3 .   ? 4.142   0.690   1.259   1.00 21.31  ? 204 BEP A C15 1 
HETATM 1203 C  C16 . BEP E 3 .   ? 4.997   1.216   2.218   1.00 21.79  ? 204 BEP A C16 1 
HETATM 1204 C  C17 . BEP E 3 .   ? 5.318   2.567   2.168   1.00 17.77  ? 204 BEP A C17 1 
HETATM 1205 C  C18 . BEP E 3 .   ? 4.780   3.368   1.166   1.00 20.96  ? 204 BEP A C18 1 
HETATM 1206 C  C19 . BEP E 3 .   ? 3.558   5.951   -0.678  1.00 17.32  ? 204 BEP A C19 1 
HETATM 1207 C  C20 . BEP E 3 .   ? 4.219   7.145   -0.945  1.00 15.69  ? 204 BEP A C20 1 
HETATM 1208 C  C21 . BEP E 3 .   ? 3.964   8.283   -0.184  1.00 14.43  ? 204 BEP A C21 1 
HETATM 1209 C  C22 . BEP E 3 .   ? 3.052   8.221   0.862   1.00 19.59  ? 204 BEP A C22 1 
HETATM 1210 C  C23 . BEP E 3 .   ? 2.377   7.030   1.129   1.00 16.49  ? 204 BEP A C23 1 
HETATM 1211 C  C24 . BEP E 3 .   ? 2.669   5.890   0.392   1.00 10.48  ? 204 BEP A C24 1 
HETATM 1212 C  C1  . BEP F 3 .   ? -3.416  -1.624  -0.711  1.00 46.34  ? 205 BEP A C1  1 
HETATM 1213 C  C2  . BEP F 3 .   ? -4.085  -2.920  -1.129  1.00 44.98  ? 205 BEP A C2  1 
HETATM 1214 C  C3  . BEP F 3 .   ? -3.544  -4.155  -0.429  1.00 40.29  ? 205 BEP A C3  1 
HETATM 1215 O  O1  . BEP F 3 .   ? -2.221  -1.315  -1.406  1.00 47.33  ? 205 BEP A O1  1 
HETATM 1216 N  N2  . BEP F 3 .   ? -3.998  -3.108  -2.577  1.00 47.38  ? 205 BEP A N2  1 
HETATM 1217 N  N3  . BEP F 3 .   ? -2.216  -4.036  0.150   1.00 40.86  ? 205 BEP A N3  1 
HETATM 1218 C  C4  . BEP F 3 .   ? -1.592  -0.389  -0.531  1.00 46.44  ? 205 BEP A C4  1 
HETATM 1219 C  C5  . BEP F 3 .   ? -0.346  0.254   -1.120  1.00 43.65  ? 205 BEP A C5  1 
HETATM 1220 C  C6  . BEP F 3 .   ? 0.411   -0.712  -2.031  1.00 38.23  ? 205 BEP A C6  1 
HETATM 1221 C  C7  . BEP F 3 .   ? -0.737  1.523   -1.879  1.00 36.19  ? 205 BEP A C7  1 
HETATM 1222 C  C8  . BEP F 3 .   ? -4.489  -1.946  -3.287  1.00 44.28  ? 205 BEP A C8  1 
HETATM 1223 C  C9  . BEP F 3 .   ? -4.607  -2.448  -4.724  1.00 36.46  ? 205 BEP A C9  1 
HETATM 1224 C  C10 . BEP F 3 .   ? -5.200  -3.837  -4.504  1.00 37.80  ? 205 BEP A C10 1 
HETATM 1225 C  C11 . BEP F 3 .   ? -4.982  -4.075  -3.015  1.00 43.41  ? 205 BEP A C11 1 
HETATM 1226 C  C12 . BEP F 3 .   ? -2.372  -3.754  1.576   1.00 37.70  ? 205 BEP A C12 1 
HETATM 1227 C  C13 . BEP F 3 .   ? -1.451  -2.727  2.045   1.00 40.81  ? 205 BEP A C13 1 
HETATM 1228 C  C14 . BEP F 3 .   ? -1.852  -1.869  3.071   1.00 39.08  ? 205 BEP A C14 1 
HETATM 1229 C  C15 . BEP F 3 .   ? -0.982  -0.889  3.532   1.00 38.45  ? 205 BEP A C15 1 
HETATM 1230 C  C16 . BEP F 3 .   ? 0.285   -0.737  2.980   1.00 37.60  ? 205 BEP A C16 1 
HETATM 1231 C  C17 . BEP F 3 .   ? 0.691   -1.593  1.960   1.00 37.58  ? 205 BEP A C17 1 
HETATM 1232 C  C18 . BEP F 3 .   ? -0.183  -2.572  1.499   1.00 41.82  ? 205 BEP A C18 1 
HETATM 1233 C  C19 . BEP F 3 .   ? -1.638  -5.306  0.036   1.00 29.48  ? 205 BEP A C19 1 
HETATM 1234 C  C20 . BEP F 3 .   ? -2.034  -6.134  -1.007  1.00 32.38  ? 205 BEP A C20 1 
HETATM 1235 C  C21 . BEP F 3 .   ? -1.483  -7.405  -1.146  1.00 37.19  ? 205 BEP A C21 1 
HETATM 1236 C  C22 . BEP F 3 .   ? -0.528  -7.865  -0.247  1.00 27.32  ? 205 BEP A C22 1 
HETATM 1237 C  C23 . BEP F 3 .   ? -0.120  -7.032  0.789   1.00 26.59  ? 205 BEP A C23 1 
HETATM 1238 C  C24 . BEP F 3 .   ? -0.696  -5.775  0.936   1.00 23.29  ? 205 BEP A C24 1 
HETATM 1239 C  C1  . BEP G 3 .   ? 13.794  -2.632  -0.534  1.00 42.67  ? 206 BEP A C1  1 
HETATM 1240 C  C2  . BEP G 3 .   ? 13.957  -1.124  -0.607  1.00 41.60  ? 206 BEP A C2  1 
HETATM 1241 C  C3  . BEP G 3 .   ? 12.611  -0.399  -0.454  1.00 36.20  ? 206 BEP A C3  1 
HETATM 1242 O  O1  . BEP G 3 .   ? 13.219  -3.003  0.705   1.00 47.06  ? 206 BEP A O1  1 
HETATM 1243 N  N2  . BEP G 3 .   ? 14.566  -0.732  -1.865  1.00 47.03  ? 206 BEP A N2  1 
HETATM 1244 N  N3  . BEP G 3 .   ? 12.874  1.012   -0.773  1.00 35.59  ? 206 BEP A N3  1 
HETATM 1245 C  C4  . BEP G 3 .   ? 12.527  -4.223  0.459   1.00 47.74  ? 206 BEP A C4  1 
HETATM 1246 C  C5  . BEP G 3 .   ? 13.394  -5.403  0.890   1.00 45.73  ? 206 BEP A C5  1 
HETATM 1247 C  C6  . BEP G 3 .   ? 12.706  -6.232  1.976   1.00 32.67  ? 206 BEP A C6  1 
HETATM 1248 C  C7  . BEP G 3 .   ? 13.731  -6.288  -0.311  1.00 42.72  ? 206 BEP A C7  1 
HETATM 1249 C  C8  . BEP G 3 .   ? 15.404  -1.781  -2.418  1.00 53.82  ? 206 BEP A C8  1 
HETATM 1250 C  C9  . BEP G 3 .   ? 16.038  -1.070  -3.616  1.00 53.68  ? 206 BEP A C9  1 
HETATM 1251 C  C10 . BEP G 3 .   ? 16.293  0.325   -3.040  1.00 55.66  ? 206 BEP A C10 1 
HETATM 1252 C  C11 . BEP G 3 .   ? 15.630  0.237   -1.665  1.00 51.88  ? 206 BEP A C11 1 
HETATM 1253 C  C12 . BEP G 3 .   ? 11.792  1.642   -1.500  1.00 35.04  ? 206 BEP A C12 1 
HETATM 1254 C  C13 . BEP G 3 .   ? 10.467  1.073   -1.420  1.00 41.20  ? 206 BEP A C13 1 
HETATM 1255 C  C14 . BEP G 3 .   ? 10.007  0.171   -2.384  1.00 37.45  ? 206 BEP A C14 1 
HETATM 1256 C  C15 . BEP G 3 .   ? 8.737   -0.380  -2.292  1.00 32.09  ? 206 BEP A C15 1 
HETATM 1257 C  C16 . BEP G 3 .   ? 7.893   0.003   -1.256  1.00 39.90  ? 206 BEP A C16 1 
HETATM 1258 C  C17 . BEP G 3 .   ? 8.345   0.892   -0.286  1.00 45.72  ? 206 BEP A C17 1 
HETATM 1259 C  C18 . BEP G 3 .   ? 9.628   1.423   -0.364  1.00 43.69  ? 206 BEP A C18 1 
HETATM 1260 C  C19 . BEP G 3 .   ? 13.024  1.667   0.456   1.00 35.46  ? 206 BEP A C19 1 
HETATM 1261 C  C20 . BEP G 3 .   ? 12.806  0.986   1.647   1.00 35.70  ? 206 BEP A C20 1 
HETATM 1262 C  C21 . BEP G 3 .   ? 12.967  1.648   2.861   1.00 35.10  ? 206 BEP A C21 1 
HETATM 1263 C  C22 . BEP G 3 .   ? 13.345  2.985   2.860   1.00 36.19  ? 206 BEP A C22 1 
HETATM 1264 C  C23 . BEP G 3 .   ? 13.563  3.669   1.670   1.00 33.85  ? 206 BEP A C23 1 
HETATM 1265 C  C24 . BEP G 3 .   ? 13.386  3.010   0.462   1.00 35.97  ? 206 BEP A C24 1 
HETATM 1266 O  O   . HOH H 4 .   ? 14.969  2.197   12.196  1.00 22.07  ? 401 HOH A O   1 
HETATM 1267 O  O   . HOH H 4 .   ? 13.652  7.374   9.672   1.00 30.15  ? 402 HOH A O   1 
HETATM 1268 O  O   . HOH H 4 .   ? 19.381  8.388   2.913   1.00 30.02  ? 403 HOH A O   1 
HETATM 1269 O  O   . HOH H 4 .   ? 14.871  14.409  0.972   1.00 28.30  ? 404 HOH A O   1 
HETATM 1270 O  O   . HOH H 4 .   ? -2.754  -17.733 -10.102 1.00 32.84  ? 405 HOH A O   1 
HETATM 1271 O  O   . HOH H 4 .   ? -2.526  -18.735 3.666   1.00 27.90  ? 406 HOH A O   1 
HETATM 1272 O  O   . HOH H 4 .   ? 3.152   -11.913 10.392  1.00 31.71  ? 407 HOH A O   1 
HETATM 1273 O  O   . HOH H 4 .   ? 5.109   -18.188 3.235   1.00 25.21  ? 408 HOH A O   1 
HETATM 1274 O  O   . HOH H 4 .   ? 18.653  2.953   6.747   1.00 17.37  ? 409 HOH A O   1 
HETATM 1275 O  O   . HOH H 4 .   ? 13.504  3.928   10.360  1.00 28.53  ? 410 HOH A O   1 
HETATM 1276 O  O   . HOH H 4 .   ? 0.122   14.213  9.031   1.00 35.55  ? 411 HOH A O   1 
HETATM 1277 O  O   . HOH H 4 .   ? 7.782   -6.731  9.134   1.00 28.49  ? 412 HOH A O   1 
HETATM 1278 O  O   . HOH H 4 .   ? -0.448  -18.905 -5.650  1.00 27.94  ? 413 HOH A O   1 
HETATM 1279 O  O   . HOH H 4 .   ? -2.455  17.780  0.696   1.00 40.08  ? 414 HOH A O   1 
HETATM 1280 O  O   . HOH H 4 .   ? 4.882   -10.513 6.498   1.00 25.03  ? 415 HOH A O   1 
HETATM 1281 O  O   . HOH H 4 .   ? 5.984   15.257  6.081   1.00 28.56  ? 416 HOH A O   1 
HETATM 1282 O  O   . HOH H 4 .   ? 1.656   13.484  11.651  1.00 34.15  ? 417 HOH A O   1 
HETATM 1283 O  O   . HOH H 4 .   ? 13.045  -6.562  -5.180  1.00 41.39  ? 418 HOH A O   1 
HETATM 1284 O  O   . HOH H 4 .   ? 17.906  -9.651  -3.941  1.00 45.13  ? 419 HOH A O   1 
HETATM 1285 O  O   . HOH H 4 .   ? -0.972  -18.759 6.893   1.00 40.71  ? 420 HOH A O   1 
HETATM 1286 O  O   . HOH H 4 .   ? -4.304  -11.471 -8.139  1.00 34.04  ? 421 HOH A O   1 
HETATM 1287 O  O   . HOH H 4 .   ? -13.106 5.975   -1.298  1.00 36.12  ? 422 HOH A O   1 
HETATM 1288 O  O   . HOH H 4 .   ? 15.047  0.158   4.949   1.00 33.49  ? 423 HOH A O   1 
HETATM 1289 O  O   . HOH H 4 .   ? -6.586  -1.620  0.341   1.00 36.05  ? 424 HOH A O   1 
HETATM 1290 O  O   . HOH H 4 .   ? 14.481  -18.624 -0.220  1.00 28.35  ? 425 HOH A O   1 
HETATM 1291 O  O   . HOH H 4 .   ? 5.719   -11.661 8.795   1.00 29.95  ? 426 HOH A O   1 
HETATM 1292 O  O   . HOH H 4 .   ? 0.876   -10.919 -13.374 1.00 36.33  ? 427 HOH A O   1 
HETATM 1293 O  O   . HOH H 4 .   ? -7.459  13.481  2.752   1.00 39.77  ? 428 HOH A O   1 
HETATM 1294 O  O   . HOH H 4 .   ? -8.121  11.131  6.607   1.00 36.67  ? 430 HOH A O   1 
HETATM 1295 O  O   . HOH H 4 .   ? 5.937   1.143   13.319  1.00 36.37  ? 431 HOH A O   1 
HETATM 1296 O  O   . HOH H 4 .   ? 7.837   3.250   14.336  1.00 36.03  ? 432 HOH A O   1 
HETATM 1297 O  O   . HOH H 4 .   ? 12.603  9.701   10.231  1.00 36.39  ? 433 HOH A O   1 
HETATM 1298 O  O   . HOH H 4 .   ? 20.834  10.823  2.196   1.00 36.25  ? 434 HOH A O   1 
HETATM 1299 O  O   . HOH H 4 .   ? 3.095   7.126   -8.272  1.00 34.73  ? 436 HOH A O   1 
HETATM 1300 O  O   . HOH H 4 .   ? 0.039   12.754  -5.880  1.00 34.94  ? 437 HOH A O   1 
HETATM 1301 O  O   . HOH H 4 .   ? -15.465 4.620   -13.204 1.00 34.16  ? 438 HOH A O   1 
HETATM 1302 O  O   . HOH H 4 .   ? -7.358  6.058   10.110  1.00 33.52  ? 439 HOH A O   1 
HETATM 1303 O  O   . HOH H 4 .   ? 1.088   8.856   13.461  1.00 34.18  ? 440 HOH A O   1 
HETATM 1304 O  O   . HOH H 4 .   ? 10.019  8.753   10.649  1.00 34.18  ? 441 HOH A O   1 
HETATM 1305 O  O   . HOH H 4 .   ? 13.289  7.242   -1.295  1.00 34.05  ? 442 HOH A O   1 
HETATM 1306 O  O   . HOH H 4 .   ? -3.217  18.093  -4.128  1.00 33.58  ? 443 HOH A O   1 
HETATM 1307 O  O   . HOH H 4 .   ? -3.935  16.396  -6.164  1.00 33.80  ? 444 HOH A O   1 
HETATM 1308 O  O   . HOH H 4 .   ? -5.978  17.518  -2.910  1.00 33.33  ? 445 HOH A O   1 
HETATM 1309 O  O   . HOH H 4 .   ? -10.367 -6.067  2.193   1.00 33.74  ? 446 HOH A O   1 
HETATM 1310 O  O   . HOH H 4 .   ? -10.253 -16.570 -4.295  1.00 34.07  ? 447 HOH A O   1 
HETATM 1311 O  O   . HOH H 4 .   ? -6.673  -10.040 -8.403  1.00 33.59  ? 448 HOH A O   1 
HETATM 1312 O  O   . HOH H 4 .   ? -8.633  -7.689  -8.089  1.00 33.42  ? 449 HOH A O   1 
HETATM 1313 O  O   . HOH H 4 .   ? -7.026  -5.064  -8.389  1.00 33.36  ? 450 HOH A O   1 
HETATM 1314 O  O   . HOH H 4 .   ? 1.162   -18.107 -12.425 1.00 40.69  ? 451 HOH A O   1 
HETATM 1315 O  O   . HOH H 4 .   ? -7.443  -1.825  -7.739  1.00 32.36  ? 452 HOH A O   1 
HETATM 1316 O  O   . HOH H 4 .   ? -8.632  0.227   7.010   1.00 31.72  ? 454 HOH A O   1 
HETATM 1317 O  O   . HOH H 4 .   ? 5.307   -2.592  14.071  1.00 39.91  ? 455 HOH A O   1 
HETATM 1318 O  O   . HOH H 4 .   ? -2.904  18.421  3.130   1.00 38.78  ? 456 HOH A O   1 
HETATM 1319 O  O   . HOH H 4 .   ? 17.448  -7.351  -5.641  1.00 44.98  ? 457 HOH A O   1 
HETATM 1320 O  O   . HOH H 4 .   ? 11.754  -8.511  4.033   1.00 31.28  ? 458 HOH A O   1 
HETATM 1321 O  O   . HOH H 4 .   ? 3.946   -21.547 1.438   1.00 28.91  ? 459 HOH A O   1 
HETATM 1322 O  O   . HOH H 4 .   ? 7.222   -11.313 11.112  1.00 44.67  ? 460 HOH A O   1 
HETATM 1323 O  O   . HOH H 4 .   ? 19.711  3.451   3.811   1.00 31.82  ? 462 HOH A O   1 
HETATM 1324 O  O   . HOH H 4 .   ? 15.615  15.448  3.020   1.00 36.93  ? 463 HOH A O   1 
HETATM 1325 O  O   . HOH H 4 .   ? 14.531  15.442  5.838   1.00 45.66  ? 464 HOH A O   1 
HETATM 1326 O  O   . HOH H 4 .   ? 5.767   -21.129 5.266   1.00 36.18  ? 465 HOH A O   1 
HETATM 1327 O  O   . HOH H 4 .   ? 3.182   -20.575 3.406   1.00 23.56  ? 466 HOH A O   1 
HETATM 1328 O  O   . HOH H 4 .   ? 9.153   -20.424 6.724   1.00 25.46  ? 467 HOH A O   1 
HETATM 1329 O  O   . HOH H 4 .   ? 6.979   -11.821 -12.888 1.00 36.95  ? 468 HOH A O   1 
HETATM 1330 O  O   . HOH H 4 .   ? 8.172   -9.497  -13.315 1.00 34.58  ? 469 HOH A O   1 
HETATM 1331 O  O   . HOH H 4 .   ? 1.343   22.440  -7.274  1.00 40.16  ? 470 HOH A O   1 
HETATM 1332 O  O   . HOH H 4 .   ? 5.325   -5.373  12.644  1.00 48.30  ? 472 HOH A O   1 
HETATM 1333 O  O   . HOH H 4 .   ? -8.137  14.839  -0.349  1.00 23.78  ? 474 HOH A O   1 
HETATM 1334 O  O   . HOH H 4 .   ? -10.698 13.060  0.311   1.00 36.24  ? 475 HOH A O   1 
HETATM 1335 O  O   . HOH H 4 .   ? -11.506 -16.585 10.015  1.00 29.50  ? 476 HOH A O   1 
HETATM 1336 O  O   . HOH H 4 .   ? 7.506   -15.981 6.605   1.00 23.43  ? 477 HOH A O   1 
HETATM 1337 O  O   . HOH H 4 .   ? -16.773 -12.282 5.328   1.00 46.99  ? 478 HOH A O   1 
HETATM 1338 O  O   . HOH H 4 .   ? -15.833 -6.706  8.587   1.00 49.29  ? 479 HOH A O   1 
HETATM 1339 O  O   . HOH H 4 .   ? -18.102 -6.142  7.322   1.00 29.81  ? 480 HOH A O   1 
HETATM 1340 O  O   . HOH H 4 .   ? 12.266  2.150   -5.208  1.00 28.22  ? 481 HOH A O   1 
HETATM 1341 O  O   . HOH H 4 .   ? -2.022  22.388  5.130   1.00 29.63  ? 482 HOH A O   1 
HETATM 1342 O  O   . HOH H 4 .   ? -10.116 -7.943  14.307  1.00 41.46  ? 483 HOH A O   1 
HETATM 1343 O  O   . HOH H 4 .   ? 5.866   -12.791 13.221  1.00 38.60  ? 484 HOH A O   1 
HETATM 1344 O  O   . HOH H 4 .   ? -17.230 -9.639  5.163   1.00 42.51  ? 485 HOH A O   1 
HETATM 1345 O  O   . HOH H 4 .   ? 22.260  15.629  -1.264  1.00 41.88  ? 486 HOH A O   1 
HETATM 1346 O  O   . HOH H 4 .   ? 11.306  6.376   -3.805  1.00 44.80  ? 487 HOH A O   1 
HETATM 1347 O  O   . HOH H 4 .   ? 3.280   3.559   -16.008 1.00 45.73  ? 488 HOH A O   1 
HETATM 1348 O  O   . HOH H 4 .   ? -12.847 -12.367 10.767  1.00 29.13  ? 489 HOH A O   1 
HETATM 1349 O  O   . HOH H 4 .   ? -18.035 3.005   0.797   1.00 46.07  ? 490 HOH A O   1 
HETATM 1350 O  O   . HOH H 4 .   ? 0.106   19.055  9.273   1.00 33.93  ? 491 HOH A O   1 
HETATM 1351 O  O   . HOH H 4 .   ? 0.401   21.310  6.357   1.00 45.14  ? 492 HOH A O   1 
HETATM 1352 O  O   . HOH H 4 .   ? -7.977  10.658  9.631   1.00 33.86  ? 493 HOH A O   1 
HETATM 1353 O  O   . HOH H 4 .   ? 9.383   12.219  10.313  1.00 34.54  ? 494 HOH A O   1 
HETATM 1354 O  O   . HOH H 4 .   ? 15.922  -10.805 -1.449  1.00 31.97  ? 495 HOH A O   1 
HETATM 1355 O  O   . HOH H 4 .   ? 14.123  -6.114  7.147   1.00 28.94  ? 496 HOH A O   1 
HETATM 1356 O  O   . HOH H 4 .   ? 17.358  13.951  -0.745  1.00 45.00  ? 497 HOH A O   1 
HETATM 1357 O  O   . HOH H 4 .   ? 15.970  15.826  -3.301  1.00 46.41  ? 498 HOH A O   1 
HETATM 1358 O  O   . HOH H 4 .   ? -4.115  -15.603 -12.311 1.00 44.14  ? 499 HOH A O   1 
HETATM 1359 O  O   . HOH H 4 .   ? 3.615   -5.739  -17.571 1.00 42.42  ? 500 HOH A O   1 
HETATM 1360 O  O   . HOH H 4 .   ? 21.212  12.880  0.405   1.00 37.81  ? 501 HOH A O   1 
HETATM 1361 O  O   . HOH H 4 .   ? -13.726 -4.826  -1.304  1.00 38.85  ? 504 HOH A O   1 
HETATM 1362 O  O   . HOH H 4 .   ? 7.299   7.384   12.784  1.00 24.13  ? 507 HOH A O   1 
HETATM 1363 O  O   . HOH H 4 .   ? 0.058   -23.236 -5.928  1.00 32.20  ? 509 HOH A O   1 
HETATM 1364 O  O   . HOH H 4 .   ? 3.030   -25.943 -0.823  1.00 40.60  ? 510 HOH A O   1 
HETATM 1365 O  O   . HOH H 4 .   ? -7.912  18.801  7.914   1.00 38.79  ? 511 HOH A O   1 
HETATM 1366 O  O   . HOH H 4 .   ? -6.025  -13.934 -13.964 1.00 47.85  ? 512 HOH A O   1 
HETATM 1367 O  O   . HOH H 4 .   ? -7.794  -15.759 -12.329 1.00 42.50  ? 513 HOH A O   1 
HETATM 1368 O  O   . HOH H 4 .   ? -9.875  -14.365 -13.049 1.00 40.55  ? 514 HOH A O   1 
HETATM 1369 O  O   . HOH H 4 .   ? -6.338  -1.119  -17.569 1.00 45.81  ? 515 HOH A O   1 
HETATM 1370 O  O   . HOH H 4 .   ? -8.214  1.225   -18.525 1.00 40.13  ? 516 HOH A O   1 
HETATM 1371 O  O   . HOH H 4 .   ? 15.937  -1.850  -7.151  1.00 40.92  ? 517 HOH A O   1 
HETATM 1372 O  O   . HOH H 4 .   ? 13.093  -11.186 5.718   1.00 40.36  ? 518 HOH A O   1 
HETATM 1373 O  O   . HOH H 4 .   ? 17.178  0.830   3.698   1.00 42.84  ? 519 HOH A O   1 
HETATM 1374 O  O   . HOH H 4 .   ? 12.844  13.987  11.151  1.00 34.68  ? 520 HOH A O   1 
HETATM 1375 O  O   . HOH H 4 .   ? 11.556  18.914  1.954   1.00 25.44  ? 521 HOH A O   1 
HETATM 1376 O  O   . HOH H 4 .   ? -10.013 -16.656 -7.286  1.00 47.51  ? 523 HOH A O   1 
HETATM 1377 O  O   . HOH H 4 .   ? -12.624 -1.580  5.182   1.00 47.82  ? 524 HOH A O   1 
HETATM 1378 O  O   . HOH H 4 .   ? 0.482   5.860   10.561  1.00 49.33  ? 525 HOH A O   1 
HETATM 1379 O  O   . HOH H 4 .   ? -14.141 -12.057 15.147  1.00 47.87  ? 526 HOH A O   1 
HETATM 1380 O  O   . HOH H 4 .   ? -17.820 -15.016 4.107   1.00 29.11  ? 527 HOH A O   1 
HETATM 1381 O  O   . HOH H 4 .   ? 11.159  2.969   -15.501 1.00 40.48  ? 528 HOH A O   1 
HETATM 1382 O  O   . HOH H 4 .   ? 7.376   -0.752  -14.107 1.00 48.79  ? 529 HOH A O   1 
HETATM 1383 O  O   . HOH H 4 .   ? 7.612   4.683   -18.319 1.00 37.03  ? 530 HOH A O   1 
HETATM 1384 O  O   . HOH H 4 .   ? -13.316 -14.421 13.355  1.00 39.25  ? 531 HOH A O   1 
HETATM 1385 O  O   . HOH H 4 .   ? -9.708  -2.632  5.669   1.00 29.18  ? 532 HOH A O   1 
HETATM 1386 O  O   . HOH H 4 .   ? -11.651 -2.025  8.754   1.00 46.24  ? 533 HOH A O   1 
HETATM 1387 O  O   . HOH H 4 .   ? 5.100   -11.250 -17.489 1.00 41.55  ? 534 HOH A O   1 
HETATM 1388 O  O   . HOH H 4 .   ? 0.322   8.817   -15.446 1.00 31.07  ? 536 HOH A O   1 
# 
loop_
_pdbx_poly_seq_scheme.asym_id 
_pdbx_poly_seq_scheme.entity_id 
_pdbx_poly_seq_scheme.seq_id 
_pdbx_poly_seq_scheme.mon_id 
_pdbx_poly_seq_scheme.ndb_seq_num 
_pdbx_poly_seq_scheme.pdb_seq_num 
_pdbx_poly_seq_scheme.auth_seq_num 
_pdbx_poly_seq_scheme.pdb_mon_id 
_pdbx_poly_seq_scheme.auth_mon_id 
_pdbx_poly_seq_scheme.pdb_strand_id 
_pdbx_poly_seq_scheme.pdb_ins_code 
_pdbx_poly_seq_scheme.hetero 
A 1 1   MET 1   1   ?   ?   ?   A . n 
A 1 2   ASP 2   2   ?   ?   ?   A . n 
A 1 3   ASP 3   3   ?   ?   ?   A . n 
A 1 4   ILE 4   4   ?   ?   ?   A . n 
A 1 5   TYR 5   5   5   TYR TYR A . n 
A 1 6   LYS 6   6   6   LYS LYS A . n 
A 1 7   ALA 7   7   7   ALA ALA A . n 
A 1 8   ALA 8   8   8   ALA ALA A . n 
A 1 9   VAL 9   9   9   VAL VAL A . n 
A 1 10  GLU 10  10  10  GLU GLU A . n 
A 1 11  GLN 11  11  11  GLN GLN A . n 
A 1 12  LEU 12  12  12  LEU LEU A . n 
A 1 13  THR 13  13  13  THR THR A . n 
A 1 14  GLU 14  14  14  GLU GLU A . n 
A 1 15  GLU 15  15  15  GLU GLU A . n 
A 1 16  GLN 16  16  16  GLN GLN A . n 
A 1 17  LYS 17  17  17  LYS LYS A . n 
A 1 18  ASN 18  18  18  ASN ASN A . n 
A 1 19  GLU 19  19  19  GLU GLU A . n 
A 1 20  PHE 20  20  20  PHE PHE A . n 
A 1 21  LYS 21  21  21  LYS LYS A . n 
A 1 22  ALA 22  22  22  ALA ALA A . n 
A 1 23  ALA 23  23  23  ALA ALA A . n 
A 1 24  PHE 24  24  24  PHE PHE A . n 
A 1 25  ASP 25  25  25  ASP ASP A . n 
A 1 26  ILE 26  26  26  ILE ILE A . n 
A 1 27  PHE 27  27  27  PHE PHE A . n 
A 1 28  VAL 28  28  28  VAL VAL A . n 
A 1 29  LEU 29  29  29  LEU LEU A . n 
A 1 30  GLY 30  30  30  GLY GLY A . n 
A 1 31  ALA 31  31  31  ALA ALA A . n 
A 1 32  GLU 32  32  32  GLU GLU A . n 
A 1 33  ASP 33  33  33  ASP ASP A . n 
A 1 34  GLY 34  34  34  GLY GLY A . n 
A 1 35  SER 35  35  35  SER SER A . n 
A 1 36  ILE 36  36  36  ILE ILE A . n 
A 1 37  SER 37  37  37  SER SER A . n 
A 1 38  THR 38  38  38  THR THR A . n 
A 1 39  LYS 39  39  39  LYS LYS A . n 
A 1 40  GLU 40  40  40  GLU GLU A . n 
A 1 41  LEU 41  41  41  LEU LEU A . n 
A 1 42  GLY 42  42  42  GLY GLY A . n 
A 1 43  LYS 43  43  43  LYS LYS A . n 
A 1 44  VAL 44  44  44  VAL VAL A . n 
A 1 45  MET 45  45  45  MET MET A . n 
A 1 46  ARG 46  46  46  ARG ARG A . n 
A 1 47  MET 47  47  47  MET MET A . n 
A 1 48  LEU 48  48  48  LEU LEU A . n 
A 1 49  GLY 49  49  49  GLY GLY A . n 
A 1 50  GLN 50  50  50  GLN GLN A . n 
A 1 51  ASN 51  51  51  ASN ASN A . n 
A 1 52  PRO 52  52  52  PRO PRO A . n 
A 1 53  THR 53  53  53  THR THR A . n 
A 1 54  PRO 54  54  54  PRO PRO A . n 
A 1 55  GLU 55  55  55  GLU GLU A . n 
A 1 56  GLU 56  56  56  GLU GLU A . n 
A 1 57  LEU 57  57  57  LEU LEU A . n 
A 1 58  GLN 58  58  58  GLN GLN A . n 
A 1 59  GLU 59  59  59  GLU GLU A . n 
A 1 60  MET 60  60  60  MET MET A . n 
A 1 61  ILE 61  61  61  ILE ILE A . n 
A 1 62  ASP 62  62  62  ASP ASP A . n 
A 1 63  GLU 63  63  63  GLU GLU A . n 
A 1 64  VAL 64  64  64  VAL VAL A . n 
A 1 65  ASP 65  65  65  ASP ASP A . n 
A 1 66  GLU 66  66  66  GLU GLU A . n 
A 1 67  ASP 67  67  67  ASP ASP A . n 
A 1 68  GLY 68  68  68  GLY GLY A . n 
A 1 69  SER 69  69  69  SER SER A . n 
A 1 70  GLY 70  70  70  GLY GLY A . n 
A 1 71  THR 71  71  71  THR THR A . n 
A 1 72  VAL 72  72  72  VAL VAL A . n 
A 1 73  ASP 73  73  73  ASP ASP A . n 
A 1 74  PHE 74  74  74  PHE PHE A . n 
A 1 75  ASP 75  75  75  ASP ASP A . n 
A 1 76  GLU 76  76  76  GLU GLU A . n 
A 1 77  PHE 77  77  77  PHE PHE A . n 
A 1 78  LEU 78  78  78  LEU LEU A . n 
A 1 79  VAL 79  79  79  VAL VAL A . n 
A 1 80  MET 80  80  80  MET MET A . n 
A 1 81  MET 81  81  81  MET MET A . n 
A 1 82  VAL 82  82  82  VAL VAL A . n 
A 1 83  ARG 83  83  83  ARG ARG A . n 
A 1 84  SER 84  84  84  SER SER A . n 
A 1 85  MET 85  85  85  MET MET A . n 
A 1 86  LYS 86  86  86  LYS LYS A . n 
A 1 87  ASP 87  87  ?   ?   ?   A . n 
A 1 88  ASP 88  88  ?   ?   ?   A . n 
A 1 89  SER 89  89  ?   ?   ?   A . n 
A 1 90  LYS 90  90  ?   ?   ?   A . n 
A 1 91  GLY 91  91  ?   ?   ?   A . n 
A 1 92  LYS 92  92  92  LYS LYS A . n 
A 1 93  SER 93  93  93  SER SER A . n 
A 1 94  GLU 94  94  94  GLU GLU A . n 
A 1 95  GLU 95  95  95  GLU GLU A . n 
A 1 96  GLU 96  96  96  GLU GLU A . n 
A 1 97  LEU 97  97  97  LEU LEU A . n 
A 1 98  SER 98  98  98  SER SER A . n 
A 1 99  ASP 99  99  99  ASP ASP A . n 
A 1 100 LEU 100 100 100 LEU LEU A . n 
A 1 101 PHE 101 101 101 PHE PHE A . n 
A 1 102 ARG 102 102 102 ARG ARG A . n 
A 1 103 MET 103 103 103 MET MET A . n 
A 1 104 PHE 104 104 104 PHE PHE A . n 
A 1 105 ASP 105 105 105 ASP ASP A . n 
A 1 106 LYS 106 106 106 LYS LYS A . n 
A 1 107 ASN 107 107 107 ASN ASN A . n 
A 1 108 ALA 108 108 108 ALA ALA A . n 
A 1 109 ASP 109 109 109 ASP ASP A . n 
A 1 110 GLY 110 110 110 GLY GLY A . n 
A 1 111 TYR 111 111 111 TYR TYR A . n 
A 1 112 ILE 112 112 112 ILE ILE A . n 
A 1 113 ASP 113 113 113 ASP ASP A . n 
A 1 114 LEU 114 114 114 LEU LEU A . n 
A 1 115 GLU 115 115 115 GLU GLU A . n 
A 1 116 GLU 116 116 116 GLU GLU A . n 
A 1 117 LEU 117 117 117 LEU LEU A . n 
A 1 118 LYS 118 118 118 LYS LYS A . n 
A 1 119 ILE 119 119 119 ILE ILE A . n 
A 1 120 MET 120 120 120 MET MET A . n 
A 1 121 LEU 121 121 121 LEU LEU A . n 
A 1 122 GLN 122 122 122 GLN GLN A . n 
A 1 123 ALA 123 123 123 ALA ALA A . n 
A 1 124 THR 124 124 124 THR THR A . n 
A 1 125 GLY 125 125 ?   ?   ?   A . n 
A 1 126 GLU 126 126 ?   ?   ?   A . n 
A 1 127 THR 127 127 127 THR THR A . n 
A 1 128 ILE 128 128 128 ILE ILE A . n 
A 1 129 THR 129 129 129 THR THR A . n 
A 1 130 GLU 130 130 130 GLU GLU A . n 
A 1 131 ASP 131 131 131 ASP ASP A . n 
A 1 132 ASP 132 132 132 ASP ASP A . n 
A 1 133 ILE 133 133 133 ILE ILE A . n 
A 1 134 GLU 134 134 134 GLU GLU A . n 
A 1 135 GLU 135 135 135 GLU GLU A . n 
A 1 136 LEU 136 136 136 LEU LEU A . n 
A 1 137 MET 137 137 137 MET MET A . n 
A 1 138 LYS 138 138 138 LYS LYS A . n 
A 1 139 ASP 139 139 139 ASP ASP A . n 
A 1 140 GLY 140 140 140 GLY GLY A . n 
A 1 141 ASP 141 141 141 ASP ASP A . n 
A 1 142 LYS 142 142 142 LYS LYS A . n 
A 1 143 ASN 143 143 143 ASN ASN A . n 
A 1 144 ASN 144 144 144 ASN ASN A . n 
A 1 145 ASP 145 145 145 ASP ASP A . n 
A 1 146 GLY 146 146 146 GLY GLY A . n 
A 1 147 ARG 147 147 147 ARG ARG A . n 
A 1 148 ILE 148 148 148 ILE ILE A . n 
A 1 149 ASP 149 149 149 ASP ASP A . n 
A 1 150 TYR 150 150 150 TYR TYR A . n 
A 1 151 ASP 151 151 151 ASP ASP A . n 
A 1 152 GLU 152 152 152 GLU GLU A . n 
A 1 153 PHE 153 153 153 PHE PHE A . n 
A 1 154 LEU 154 154 154 LEU LEU A . n 
A 1 155 GLU 155 155 155 GLU GLU A . n 
A 1 156 PHE 156 156 156 PHE PHE A . n 
A 1 157 MET 157 157 157 MET MET A . n 
A 1 158 LYS 158 158 158 LYS LYS A . n 
A 1 159 GLY 159 159 159 GLY GLY A . n 
A 1 160 VAL 160 160 160 VAL VAL A . n 
A 1 161 GLU 161 161 ?   ?   ?   A . n 
# 
loop_
_pdbx_nonpoly_scheme.asym_id 
_pdbx_nonpoly_scheme.entity_id 
_pdbx_nonpoly_scheme.mon_id 
_pdbx_nonpoly_scheme.ndb_seq_num 
_pdbx_nonpoly_scheme.pdb_seq_num 
_pdbx_nonpoly_scheme.auth_seq_num 
_pdbx_nonpoly_scheme.pdb_mon_id 
_pdbx_nonpoly_scheme.auth_mon_id 
_pdbx_nonpoly_scheme.pdb_strand_id 
_pdbx_nonpoly_scheme.pdb_ins_code 
B 2 CA  1   201 201 CA  CA  A . 
C 2 CA  1   202 202 CA  CA  A . 
D 2 CA  1   203 203 CA  CA  A . 
E 3 BEP 1   204 1   BEP BEP A . 
F 3 BEP 1   205 2   BEP BEP A . 
G 3 BEP 1   206 3   BEP BEP A . 
H 4 HOH 1   401 401 HOH WAT A . 
H 4 HOH 2   402 402 HOH WAT A . 
H 4 HOH 3   403 403 HOH WAT A . 
H 4 HOH 4   404 404 HOH WAT A . 
H 4 HOH 5   405 405 HOH WAT A . 
H 4 HOH 6   406 406 HOH WAT A . 
H 4 HOH 7   407 407 HOH WAT A . 
H 4 HOH 8   408 408 HOH WAT A . 
H 4 HOH 9   409 409 HOH WAT A . 
H 4 HOH 10  410 410 HOH WAT A . 
H 4 HOH 11  411 411 HOH WAT A . 
H 4 HOH 12  412 412 HOH WAT A . 
H 4 HOH 13  413 413 HOH WAT A . 
H 4 HOH 14  414 414 HOH WAT A . 
H 4 HOH 15  415 415 HOH WAT A . 
H 4 HOH 16  416 416 HOH WAT A . 
H 4 HOH 17  417 417 HOH WAT A . 
H 4 HOH 18  418 418 HOH WAT A . 
H 4 HOH 19  419 419 HOH WAT A . 
H 4 HOH 20  420 420 HOH WAT A . 
H 4 HOH 21  421 421 HOH WAT A . 
H 4 HOH 22  422 422 HOH WAT A . 
H 4 HOH 23  423 423 HOH WAT A . 
H 4 HOH 24  424 424 HOH WAT A . 
H 4 HOH 25  425 425 HOH WAT A . 
H 4 HOH 26  426 426 HOH WAT A . 
H 4 HOH 27  427 427 HOH WAT A . 
H 4 HOH 28  428 428 HOH WAT A . 
H 4 HOH 29  430 430 HOH WAT A . 
H 4 HOH 30  431 431 HOH WAT A . 
H 4 HOH 31  432 432 HOH WAT A . 
H 4 HOH 32  433 433 HOH WAT A . 
H 4 HOH 33  434 434 HOH WAT A . 
H 4 HOH 34  436 436 HOH WAT A . 
H 4 HOH 35  437 437 HOH WAT A . 
H 4 HOH 36  438 438 HOH WAT A . 
H 4 HOH 37  439 439 HOH WAT A . 
H 4 HOH 38  440 440 HOH WAT A . 
H 4 HOH 39  441 441 HOH WAT A . 
H 4 HOH 40  442 442 HOH WAT A . 
H 4 HOH 41  443 443 HOH WAT A . 
H 4 HOH 42  444 444 HOH WAT A . 
H 4 HOH 43  445 445 HOH WAT A . 
H 4 HOH 44  446 446 HOH WAT A . 
H 4 HOH 45  447 447 HOH WAT A . 
H 4 HOH 46  448 448 HOH WAT A . 
H 4 HOH 47  449 449 HOH WAT A . 
H 4 HOH 48  450 450 HOH WAT A . 
H 4 HOH 49  451 451 HOH WAT A . 
H 4 HOH 50  452 452 HOH WAT A . 
H 4 HOH 51  454 454 HOH WAT A . 
H 4 HOH 52  455 455 HOH WAT A . 
H 4 HOH 53  456 456 HOH WAT A . 
H 4 HOH 54  457 457 HOH WAT A . 
H 4 HOH 55  458 458 HOH WAT A . 
H 4 HOH 56  459 459 HOH WAT A . 
H 4 HOH 57  460 460 HOH WAT A . 
H 4 HOH 58  462 462 HOH WAT A . 
H 4 HOH 59  463 463 HOH WAT A . 
H 4 HOH 60  464 464 HOH WAT A . 
H 4 HOH 61  465 465 HOH WAT A . 
H 4 HOH 62  466 466 HOH WAT A . 
H 4 HOH 63  467 467 HOH WAT A . 
H 4 HOH 64  468 468 HOH WAT A . 
H 4 HOH 65  469 469 HOH WAT A . 
H 4 HOH 66  470 470 HOH WAT A . 
H 4 HOH 67  472 472 HOH WAT A . 
H 4 HOH 68  474 474 HOH WAT A . 
H 4 HOH 69  475 475 HOH WAT A . 
H 4 HOH 70  476 476 HOH WAT A . 
H 4 HOH 71  477 477 HOH WAT A . 
H 4 HOH 72  478 478 HOH WAT A . 
H 4 HOH 73  479 479 HOH WAT A . 
H 4 HOH 74  480 480 HOH WAT A . 
H 4 HOH 75  481 481 HOH WAT A . 
H 4 HOH 76  482 482 HOH WAT A . 
H 4 HOH 77  483 483 HOH WAT A . 
H 4 HOH 78  484 484 HOH WAT A . 
H 4 HOH 79  485 485 HOH WAT A . 
H 4 HOH 80  486 486 HOH WAT A . 
H 4 HOH 81  487 487 HOH WAT A . 
H 4 HOH 82  488 488 HOH WAT A . 
H 4 HOH 83  489 489 HOH WAT A . 
H 4 HOH 84  490 490 HOH WAT A . 
H 4 HOH 85  491 491 HOH WAT A . 
H 4 HOH 86  492 492 HOH WAT A . 
H 4 HOH 87  493 493 HOH WAT A . 
H 4 HOH 88  494 494 HOH WAT A . 
H 4 HOH 89  495 495 HOH WAT A . 
H 4 HOH 90  496 496 HOH WAT A . 
H 4 HOH 91  497 497 HOH WAT A . 
H 4 HOH 92  498 498 HOH WAT A . 
H 4 HOH 93  499 499 HOH WAT A . 
H 4 HOH 94  500 500 HOH WAT A . 
H 4 HOH 95  501 501 HOH WAT A . 
H 4 HOH 96  504 504 HOH WAT A . 
H 4 HOH 97  507 507 HOH WAT A . 
H 4 HOH 98  509 509 HOH WAT A . 
H 4 HOH 99  510 510 HOH WAT A . 
H 4 HOH 100 511 511 HOH WAT A . 
H 4 HOH 101 512 512 HOH WAT A . 
H 4 HOH 102 513 513 HOH WAT A . 
H 4 HOH 103 514 514 HOH WAT A . 
H 4 HOH 104 515 515 HOH WAT A . 
H 4 HOH 105 516 516 HOH WAT A . 
H 4 HOH 106 517 517 HOH WAT A . 
H 4 HOH 107 518 518 HOH WAT A . 
H 4 HOH 108 519 519 HOH WAT A . 
H 4 HOH 109 520 520 HOH WAT A . 
H 4 HOH 110 521 521 HOH WAT A . 
H 4 HOH 111 523 523 HOH WAT A . 
H 4 HOH 112 524 524 HOH WAT A . 
H 4 HOH 113 525 525 HOH WAT A . 
H 4 HOH 114 526 526 HOH WAT A . 
H 4 HOH 115 527 527 HOH WAT A . 
H 4 HOH 116 528 528 HOH WAT A . 
H 4 HOH 117 529 529 HOH WAT A . 
H 4 HOH 118 530 530 HOH WAT A . 
H 4 HOH 119 531 531 HOH WAT A . 
H 4 HOH 120 532 532 HOH WAT A . 
H 4 HOH 121 533 533 HOH WAT A . 
H 4 HOH 122 534 534 HOH WAT A . 
H 4 HOH 123 536 536 HOH WAT A . 
# 
_pdbx_struct_assembly.id                   1 
_pdbx_struct_assembly.details              author_defined_assembly 
_pdbx_struct_assembly.method_details       ? 
_pdbx_struct_assembly.oligomeric_details   monomeric 
_pdbx_struct_assembly.oligomeric_count     1 
# 
_pdbx_struct_assembly_gen.assembly_id       1 
_pdbx_struct_assembly_gen.oper_expression   1 
_pdbx_struct_assembly_gen.asym_id_list      A,B,C,D,E,F,G,H 
# 
_pdbx_struct_oper_list.id                   1 
_pdbx_struct_oper_list.type                 'identity operation' 
_pdbx_struct_oper_list.name                 1_555 
_pdbx_struct_oper_list.symmetry_operation   x,y,z 
_pdbx_struct_oper_list.matrix[1][1]         1.0000000000 
_pdbx_struct_oper_list.matrix[1][2]         0.0000000000 
_pdbx_struct_oper_list.matrix[1][3]         0.0000000000 
_pdbx_struct_oper_list.vector[1]            0.0000000000 
_pdbx_struct_oper_list.matrix[2][1]         0.0000000000 
_pdbx_struct_oper_list.matrix[2][2]         1.0000000000 
_pdbx_struct_oper_list.matrix[2][3]         0.0000000000 
_pdbx_struct_oper_list.vector[2]            0.0000000000 
_pdbx_struct_oper_list.matrix[3][1]         0.0000000000 
_pdbx_struct_oper_list.matrix[3][2]         0.0000000000 
_pdbx_struct_oper_list.matrix[3][3]         1.0000000000 
_pdbx_struct_oper_list.vector[3]            0.0000000000 
# 
loop_
_pdbx_struct_conn_angle.id 
_pdbx_struct_conn_angle.ptnr1_label_atom_id 
_pdbx_struct_conn_angle.ptnr1_label_alt_id 
_pdbx_struct_conn_angle.ptnr1_label_asym_id 
_pdbx_struct_conn_angle.ptnr1_label_comp_id 
_pdbx_struct_conn_angle.ptnr1_label_seq_id 
_pdbx_struct_conn_angle.ptnr1_auth_atom_id 
_pdbx_struct_conn_angle.ptnr1_auth_asym_id 
_pdbx_struct_conn_angle.ptnr1_auth_comp_id 
_pdbx_struct_conn_angle.ptnr1_auth_seq_id 
_pdbx_struct_conn_angle.ptnr1_PDB_ins_code 
_pdbx_struct_conn_angle.ptnr1_symmetry 
_pdbx_struct_conn_angle.ptnr2_label_atom_id 
_pdbx_struct_conn_angle.ptnr2_label_alt_id 
_pdbx_struct_conn_angle.ptnr2_label_asym_id 
_pdbx_struct_conn_angle.ptnr2_label_comp_id 
_pdbx_struct_conn_angle.ptnr2_label_seq_id 
_pdbx_struct_conn_angle.ptnr2_auth_atom_id 
_pdbx_struct_conn_angle.ptnr2_auth_asym_id 
_pdbx_struct_conn_angle.ptnr2_auth_comp_id 
_pdbx_struct_conn_angle.ptnr2_auth_seq_id 
_pdbx_struct_conn_angle.ptnr2_PDB_ins_code 
_pdbx_struct_conn_angle.ptnr2_symmetry 
_pdbx_struct_conn_angle.ptnr3_label_atom_id 
_pdbx_struct_conn_angle.ptnr3_label_alt_id 
_pdbx_struct_conn_angle.ptnr3_label_asym_id 
_pdbx_struct_conn_angle.ptnr3_label_comp_id 
_pdbx_struct_conn_angle.ptnr3_label_seq_id 
_pdbx_struct_conn_angle.ptnr3_auth_atom_id 
_pdbx_struct_conn_angle.ptnr3_auth_asym_id 
_pdbx_struct_conn_angle.ptnr3_auth_comp_id 
_pdbx_struct_conn_angle.ptnr3_auth_seq_id 
_pdbx_struct_conn_angle.ptnr3_PDB_ins_code 
_pdbx_struct_conn_angle.ptnr3_symmetry 
_pdbx_struct_conn_angle.value 
_pdbx_struct_conn_angle.value_esd 
1  OD2 ? A ASP 65  ? A ASP 65  ? 1_555 CA ? B CA . ? A CA 201 ? 1_555 OD1 ? A ASP 67  ? A ASP 67  ? 1_555 71.1  ? 
2  OD2 ? A ASP 65  ? A ASP 65  ? 1_555 CA ? B CA . ? A CA 201 ? 1_555 OG  ? A SER 69  ? A SER 69  ? 1_555 95.4  ? 
3  OD1 ? A ASP 67  ? A ASP 67  ? 1_555 CA ? B CA . ? A CA 201 ? 1_555 OG  ? A SER 69  ? A SER 69  ? 1_555 83.3  ? 
4  OD2 ? A ASP 65  ? A ASP 65  ? 1_555 CA ? B CA . ? A CA 201 ? 1_555 O   ? A THR 71  ? A THR 71  ? 1_555 90.7  ? 
5  OD1 ? A ASP 67  ? A ASP 67  ? 1_555 CA ? B CA . ? A CA 201 ? 1_555 O   ? A THR 71  ? A THR 71  ? 1_555 154.0 ? 
6  OG  ? A SER 69  ? A SER 69  ? 1_555 CA ? B CA . ? A CA 201 ? 1_555 O   ? A THR 71  ? A THR 71  ? 1_555 80.1  ? 
7  OD2 ? A ASP 65  ? A ASP 65  ? 1_555 CA ? B CA . ? A CA 201 ? 1_555 OE1 ? A GLU 76  ? A GLU 76  ? 1_555 109.4 ? 
8  OD1 ? A ASP 67  ? A ASP 67  ? 1_555 CA ? B CA . ? A CA 201 ? 1_555 OE1 ? A GLU 76  ? A GLU 76  ? 1_555 125.0 ? 
9  OG  ? A SER 69  ? A SER 69  ? 1_555 CA ? B CA . ? A CA 201 ? 1_555 OE1 ? A GLU 76  ? A GLU 76  ? 1_555 146.7 ? 
10 O   ? A THR 71  ? A THR 71  ? 1_555 CA ? B CA . ? A CA 201 ? 1_555 OE1 ? A GLU 76  ? A GLU 76  ? 1_555 77.9  ? 
11 OD2 ? A ASP 65  ? A ASP 65  ? 1_555 CA ? B CA . ? A CA 201 ? 1_555 OE2 ? A GLU 76  ? A GLU 76  ? 1_555 79.6  ? 
12 OD1 ? A ASP 67  ? A ASP 67  ? 1_555 CA ? B CA . ? A CA 201 ? 1_555 OE2 ? A GLU 76  ? A GLU 76  ? 1_555 75.2  ? 
13 OG  ? A SER 69  ? A SER 69  ? 1_555 CA ? B CA . ? A CA 201 ? 1_555 OE2 ? A GLU 76  ? A GLU 76  ? 1_555 158.4 ? 
14 O   ? A THR 71  ? A THR 71  ? 1_555 CA ? B CA . ? A CA 201 ? 1_555 OE2 ? A GLU 76  ? A GLU 76  ? 1_555 120.7 ? 
15 OE1 ? A GLU 76  ? A GLU 76  ? 1_555 CA ? B CA . ? A CA 201 ? 1_555 OE2 ? A GLU 76  ? A GLU 76  ? 1_555 52.4  ? 
16 OD2 ? A ASP 65  ? A ASP 65  ? 1_555 CA ? B CA . ? A CA 201 ? 1_555 O   ? H HOH .   ? A HOH 414 ? 1_555 165.7 ? 
17 OD1 ? A ASP 67  ? A ASP 67  ? 1_555 CA ? B CA . ? A CA 201 ? 1_555 O   ? H HOH .   ? A HOH 414 ? 1_555 95.1  ? 
18 OG  ? A SER 69  ? A SER 69  ? 1_555 CA ? B CA . ? A CA 201 ? 1_555 O   ? H HOH .   ? A HOH 414 ? 1_555 86.0  ? 
19 O   ? A THR 71  ? A THR 71  ? 1_555 CA ? B CA . ? A CA 201 ? 1_555 O   ? H HOH .   ? A HOH 414 ? 1_555 103.5 ? 
20 OE1 ? A GLU 76  ? A GLU 76  ? 1_555 CA ? B CA . ? A CA 201 ? 1_555 O   ? H HOH .   ? A HOH 414 ? 1_555 75.3  ? 
21 OE2 ? A GLU 76  ? A GLU 76  ? 1_555 CA ? B CA . ? A CA 201 ? 1_555 O   ? H HOH .   ? A HOH 414 ? 1_555 93.8  ? 
22 OD1 ? A ASP 105 ? A ASP 105 ? 1_555 CA ? C CA . ? A CA 202 ? 1_555 OD1 ? A ASN 107 ? A ASN 107 ? 1_555 77.4  ? 
23 OD1 ? A ASP 105 ? A ASP 105 ? 1_555 CA ? C CA . ? A CA 202 ? 1_555 OD1 ? A ASP 109 ? A ASP 109 ? 1_555 80.6  ? 
24 OD1 ? A ASN 107 ? A ASN 107 ? 1_555 CA ? C CA . ? A CA 202 ? 1_555 OD1 ? A ASP 109 ? A ASP 109 ? 1_555 80.1  ? 
25 OD1 ? A ASP 105 ? A ASP 105 ? 1_555 CA ? C CA . ? A CA 202 ? 1_555 O   ? A TYR 111 ? A TYR 111 ? 1_555 78.2  ? 
26 OD1 ? A ASN 107 ? A ASN 107 ? 1_555 CA ? C CA . ? A CA 202 ? 1_555 O   ? A TYR 111 ? A TYR 111 ? 1_555 150.6 ? 
27 OD1 ? A ASP 109 ? A ASP 109 ? 1_555 CA ? C CA . ? A CA 202 ? 1_555 O   ? A TYR 111 ? A TYR 111 ? 1_555 80.0  ? 
28 OD1 ? A ASP 105 ? A ASP 105 ? 1_555 CA ? C CA . ? A CA 202 ? 1_555 OE1 ? A GLU 116 ? A GLU 116 ? 1_555 122.3 ? 
29 OD1 ? A ASN 107 ? A ASN 107 ? 1_555 CA ? C CA . ? A CA 202 ? 1_555 OE1 ? A GLU 116 ? A GLU 116 ? 1_555 128.6 ? 
30 OD1 ? A ASP 109 ? A ASP 109 ? 1_555 CA ? C CA . ? A CA 202 ? 1_555 OE1 ? A GLU 116 ? A GLU 116 ? 1_555 144.2 ? 
31 O   ? A TYR 111 ? A TYR 111 ? 1_555 CA ? C CA . ? A CA 202 ? 1_555 OE1 ? A GLU 116 ? A GLU 116 ? 1_555 78.9  ? 
32 OD1 ? A ASP 105 ? A ASP 105 ? 1_555 CA ? C CA . ? A CA 202 ? 1_555 OE2 ? A GLU 116 ? A GLU 116 ? 1_555 99.7  ? 
33 OD1 ? A ASN 107 ? A ASN 107 ? 1_555 CA ? C CA . ? A CA 202 ? 1_555 OE2 ? A GLU 116 ? A GLU 116 ? 1_555 81.9  ? 
34 OD1 ? A ASP 109 ? A ASP 109 ? 1_555 CA ? C CA . ? A CA 202 ? 1_555 OE2 ? A GLU 116 ? A GLU 116 ? 1_555 161.5 ? 
35 O   ? A TYR 111 ? A TYR 111 ? 1_555 CA ? C CA . ? A CA 202 ? 1_555 OE2 ? A GLU 116 ? A GLU 116 ? 1_555 118.4 ? 
36 OE1 ? A GLU 116 ? A GLU 116 ? 1_555 CA ? C CA . ? A CA 202 ? 1_555 OE2 ? A GLU 116 ? A GLU 116 ? 1_555 50.1  ? 
37 OD1 ? A ASP 105 ? A ASP 105 ? 1_555 CA ? C CA . ? A CA 202 ? 1_555 O   ? H HOH .   ? A HOH 408 ? 1_555 161.3 ? 
38 OD1 ? A ASN 107 ? A ASN 107 ? 1_555 CA ? C CA . ? A CA 202 ? 1_555 O   ? H HOH .   ? A HOH 408 ? 1_555 87.6  ? 
39 OD1 ? A ASP 109 ? A ASP 109 ? 1_555 CA ? C CA . ? A CA 202 ? 1_555 O   ? H HOH .   ? A HOH 408 ? 1_555 85.9  ? 
40 O   ? A TYR 111 ? A TYR 111 ? 1_555 CA ? C CA . ? A CA 202 ? 1_555 O   ? H HOH .   ? A HOH 408 ? 1_555 112.2 ? 
41 OE1 ? A GLU 116 ? A GLU 116 ? 1_555 CA ? C CA . ? A CA 202 ? 1_555 O   ? H HOH .   ? A HOH 408 ? 1_555 75.9  ? 
42 OE2 ? A GLU 116 ? A GLU 116 ? 1_555 CA ? C CA . ? A CA 202 ? 1_555 O   ? H HOH .   ? A HOH 408 ? 1_555 89.0  ? 
43 OD2 ? A ASP 141 ? A ASP 141 ? 1_555 CA ? D CA . ? A CA 203 ? 1_555 OD1 ? A ASN 143 ? A ASN 143 ? 1_555 79.4  ? 
44 OD2 ? A ASP 141 ? A ASP 141 ? 1_555 CA ? D CA . ? A CA 203 ? 1_555 OD1 ? A ASP 145 ? A ASP 145 ? 1_555 78.2  ? 
45 OD1 ? A ASN 143 ? A ASN 143 ? 1_555 CA ? D CA . ? A CA 203 ? 1_555 OD1 ? A ASP 145 ? A ASP 145 ? 1_555 83.0  ? 
46 OD2 ? A ASP 141 ? A ASP 141 ? 1_555 CA ? D CA . ? A CA 203 ? 1_555 O   ? A ARG 147 ? A ARG 147 ? 1_555 82.4  ? 
47 OD1 ? A ASN 143 ? A ASN 143 ? 1_555 CA ? D CA . ? A CA 203 ? 1_555 O   ? A ARG 147 ? A ARG 147 ? 1_555 153.2 ? 
48 OD1 ? A ASP 145 ? A ASP 145 ? 1_555 CA ? D CA . ? A CA 203 ? 1_555 O   ? A ARG 147 ? A ARG 147 ? 1_555 74.1  ? 
49 OD2 ? A ASP 141 ? A ASP 141 ? 1_555 CA ? D CA . ? A CA 203 ? 1_555 OE1 ? A GLU 152 ? A GLU 152 ? 1_555 116.4 ? 
50 OD1 ? A ASN 143 ? A ASN 143 ? 1_555 CA ? D CA . ? A CA 203 ? 1_555 OE1 ? A GLU 152 ? A GLU 152 ? 1_555 125.9 ? 
51 OD1 ? A ASP 145 ? A ASP 145 ? 1_555 CA ? D CA . ? A CA 203 ? 1_555 OE1 ? A GLU 152 ? A GLU 152 ? 1_555 148.3 ? 
52 O   ? A ARG 147 ? A ARG 147 ? 1_555 CA ? D CA . ? A CA 203 ? 1_555 OE1 ? A GLU 152 ? A GLU 152 ? 1_555 79.9  ? 
53 OD2 ? A ASP 141 ? A ASP 141 ? 1_555 CA ? D CA . ? A CA 203 ? 1_555 OE2 ? A GLU 152 ? A GLU 152 ? 1_555 92.3  ? 
54 OD1 ? A ASN 143 ? A ASN 143 ? 1_555 CA ? D CA . ? A CA 203 ? 1_555 OE2 ? A GLU 152 ? A GLU 152 ? 1_555 77.8  ? 
55 OD1 ? A ASP 145 ? A ASP 145 ? 1_555 CA ? D CA . ? A CA 203 ? 1_555 OE2 ? A GLU 152 ? A GLU 152 ? 1_555 159.9 ? 
56 O   ? A ARG 147 ? A ARG 147 ? 1_555 CA ? D CA . ? A CA 203 ? 1_555 OE2 ? A GLU 152 ? A GLU 152 ? 1_555 122.6 ? 
57 OE1 ? A GLU 152 ? A GLU 152 ? 1_555 CA ? D CA . ? A CA 203 ? 1_555 OE2 ? A GLU 152 ? A GLU 152 ? 1_555 51.8  ? 
58 OD2 ? A ASP 141 ? A ASP 141 ? 1_555 CA ? D CA . ? A CA 203 ? 1_555 O   ? H HOH .   ? A HOH 413 ? 1_555 162.4 ? 
59 OD1 ? A ASN 143 ? A ASN 143 ? 1_555 CA ? D CA . ? A CA 203 ? 1_555 O   ? H HOH .   ? A HOH 413 ? 1_555 87.2  ? 
60 OD1 ? A ASP 145 ? A ASP 145 ? 1_555 CA ? D CA . ? A CA 203 ? 1_555 O   ? H HOH .   ? A HOH 413 ? 1_555 89.1  ? 
61 O   ? A ARG 147 ? A ARG 147 ? 1_555 CA ? D CA . ? A CA 203 ? 1_555 O   ? H HOH .   ? A HOH 413 ? 1_555 105.9 ? 
62 OE1 ? A GLU 152 ? A GLU 152 ? 1_555 CA ? D CA . ? A CA 203 ? 1_555 O   ? H HOH .   ? A HOH 413 ? 1_555 80.7  ? 
63 OE2 ? A GLU 152 ? A GLU 152 ? 1_555 CA ? D CA . ? A CA 203 ? 1_555 O   ? H HOH .   ? A HOH 413 ? 1_555 95.9  ? 
# 
loop_
_pdbx_audit_revision_history.ordinal 
_pdbx_audit_revision_history.data_content_type 
_pdbx_audit_revision_history.major_revision 
_pdbx_audit_revision_history.minor_revision 
_pdbx_audit_revision_history.revision_date 
1 'Structure model' 1 0 2000-05-12 
2 'Structure model' 1 1 2008-04-27 
3 'Structure model' 1 2 2011-07-13 
4 'Structure model' 1 3 2021-11-03 
5 'Structure model' 1 4 2023-08-09 
# 
_pdbx_audit_revision_details.ordinal             1 
_pdbx_audit_revision_details.revision_ordinal    1 
_pdbx_audit_revision_details.data_content_type   'Structure model' 
_pdbx_audit_revision_details.provider            repository 
_pdbx_audit_revision_details.type                'Initial release' 
_pdbx_audit_revision_details.description         ? 
_pdbx_audit_revision_details.details             ? 
# 
loop_
_pdbx_audit_revision_group.ordinal 
_pdbx_audit_revision_group.revision_ordinal 
_pdbx_audit_revision_group.data_content_type 
_pdbx_audit_revision_group.group 
1 2 'Structure model' 'Version format compliance' 
2 3 'Structure model' 'Version format compliance' 
3 4 'Structure model' 'Database references'       
4 4 'Structure model' 'Derived calculations'      
5 5 'Structure model' 'Data collection'           
6 5 'Structure model' 'Refinement description'    
# 
loop_
_pdbx_audit_revision_category.ordinal 
_pdbx_audit_revision_category.revision_ordinal 
_pdbx_audit_revision_category.data_content_type 
_pdbx_audit_revision_category.category 
1 4 'Structure model' database_2                    
2 4 'Structure model' pdbx_struct_conn_angle        
3 4 'Structure model' struct_conn                   
4 4 'Structure model' struct_ref_seq_dif            
5 4 'Structure model' struct_site                   
6 5 'Structure model' chem_comp_atom                
7 5 'Structure model' chem_comp_bond                
8 5 'Structure model' pdbx_initial_refinement_model 
# 
loop_
_pdbx_audit_revision_item.ordinal 
_pdbx_audit_revision_item.revision_ordinal 
_pdbx_audit_revision_item.data_content_type 
_pdbx_audit_revision_item.item 
1  4 'Structure model' '_database_2.pdbx_DOI'                        
2  4 'Structure model' '_database_2.pdbx_database_accession'         
3  4 'Structure model' '_pdbx_struct_conn_angle.ptnr1_auth_comp_id'  
4  4 'Structure model' '_pdbx_struct_conn_angle.ptnr1_auth_seq_id'   
5  4 'Structure model' '_pdbx_struct_conn_angle.ptnr1_label_asym_id' 
6  4 'Structure model' '_pdbx_struct_conn_angle.ptnr1_label_atom_id' 
7  4 'Structure model' '_pdbx_struct_conn_angle.ptnr1_label_comp_id' 
8  4 'Structure model' '_pdbx_struct_conn_angle.ptnr1_label_seq_id'  
9  4 'Structure model' '_pdbx_struct_conn_angle.ptnr3_auth_comp_id'  
10 4 'Structure model' '_pdbx_struct_conn_angle.ptnr3_auth_seq_id'   
11 4 'Structure model' '_pdbx_struct_conn_angle.ptnr3_label_asym_id' 
12 4 'Structure model' '_pdbx_struct_conn_angle.ptnr3_label_atom_id' 
13 4 'Structure model' '_pdbx_struct_conn_angle.ptnr3_label_comp_id' 
14 4 'Structure model' '_pdbx_struct_conn_angle.ptnr3_label_seq_id'  
15 4 'Structure model' '_pdbx_struct_conn_angle.value'               
16 4 'Structure model' '_struct_conn.pdbx_dist_value'                
17 4 'Structure model' '_struct_conn.ptnr1_auth_comp_id'             
18 4 'Structure model' '_struct_conn.ptnr1_auth_seq_id'              
19 4 'Structure model' '_struct_conn.ptnr1_label_asym_id'            
20 4 'Structure model' '_struct_conn.ptnr1_label_atom_id'            
21 4 'Structure model' '_struct_conn.ptnr1_label_comp_id'            
22 4 'Structure model' '_struct_conn.ptnr1_label_seq_id'             
23 4 'Structure model' '_struct_conn.ptnr2_auth_comp_id'             
24 4 'Structure model' '_struct_conn.ptnr2_auth_seq_id'              
25 4 'Structure model' '_struct_conn.ptnr2_label_asym_id'            
26 4 'Structure model' '_struct_conn.ptnr2_label_atom_id'            
27 4 'Structure model' '_struct_conn.ptnr2_label_comp_id'            
28 4 'Structure model' '_struct_conn.ptnr2_label_seq_id'             
29 4 'Structure model' '_struct_ref_seq_dif.details'                 
30 4 'Structure model' '_struct_site.pdbx_auth_asym_id'              
31 4 'Structure model' '_struct_site.pdbx_auth_comp_id'              
32 4 'Structure model' '_struct_site.pdbx_auth_seq_id'               
# 
loop_
_software.name 
_software.classification 
_software.version 
_software.citation_id 
_software.pdbx_ordinal 
AMoRE     phasing          . ? 1 
CNS       refinement       . ? 2 
DENZO     'data reduction' . ? 3 
SCALEPACK 'data scaling'   . ? 4 
# 
loop_
_pdbx_unobs_or_zero_occ_atoms.id 
_pdbx_unobs_or_zero_occ_atoms.PDB_model_num 
_pdbx_unobs_or_zero_occ_atoms.polymer_flag 
_pdbx_unobs_or_zero_occ_atoms.occupancy_flag 
_pdbx_unobs_or_zero_occ_atoms.auth_asym_id 
_pdbx_unobs_or_zero_occ_atoms.auth_comp_id 
_pdbx_unobs_or_zero_occ_atoms.auth_seq_id 
_pdbx_unobs_or_zero_occ_atoms.PDB_ins_code 
_pdbx_unobs_or_zero_occ_atoms.auth_atom_id 
_pdbx_unobs_or_zero_occ_atoms.label_alt_id 
_pdbx_unobs_or_zero_occ_atoms.label_asym_id 
_pdbx_unobs_or_zero_occ_atoms.label_comp_id 
_pdbx_unobs_or_zero_occ_atoms.label_seq_id 
_pdbx_unobs_or_zero_occ_atoms.label_atom_id 
1  1 Y 1 A GLN 122 ? CG  ? A GLN 122 CG  
2  1 Y 1 A GLN 122 ? CD  ? A GLN 122 CD  
3  1 Y 1 A GLN 122 ? OE1 ? A GLN 122 OE1 
4  1 Y 1 A GLN 122 ? NE2 ? A GLN 122 NE2 
5  1 Y 1 A THR 124 ? CB  ? A THR 124 CB  
6  1 Y 1 A THR 124 ? OG1 ? A THR 124 OG1 
7  1 Y 1 A THR 124 ? CG2 ? A THR 124 CG2 
8  1 Y 1 A VAL 160 ? O   ? A VAL 160 O   
9  1 Y 1 A VAL 160 ? CB  ? A VAL 160 CB  
10 1 Y 1 A VAL 160 ? CG1 ? A VAL 160 CG1 
11 1 Y 1 A VAL 160 ? CG2 ? A VAL 160 CG2 
# 
loop_
_pdbx_unobs_or_zero_occ_residues.id 
_pdbx_unobs_or_zero_occ_residues.PDB_model_num 
_pdbx_unobs_or_zero_occ_residues.polymer_flag 
_pdbx_unobs_or_zero_occ_residues.occupancy_flag 
_pdbx_unobs_or_zero_occ_residues.auth_asym_id 
_pdbx_unobs_or_zero_occ_residues.auth_comp_id 
_pdbx_unobs_or_zero_occ_residues.auth_seq_id 
_pdbx_unobs_or_zero_occ_residues.PDB_ins_code 
_pdbx_unobs_or_zero_occ_residues.label_asym_id 
_pdbx_unobs_or_zero_occ_residues.label_comp_id 
_pdbx_unobs_or_zero_occ_residues.label_seq_id 
1  1 Y 1 A MET 1   ? A MET 1   
2  1 Y 1 A ASP 2   ? A ASP 2   
3  1 Y 1 A ASP 3   ? A ASP 3   
4  1 Y 1 A ILE 4   ? A ILE 4   
5  1 Y 1 A ASP 87  ? A ASP 87  
6  1 Y 1 A ASP 88  ? A ASP 88  
7  1 Y 1 A SER 89  ? A SER 89  
8  1 Y 1 A LYS 90  ? A LYS 90  
9  1 Y 1 A GLY 91  ? A GLY 91  
10 1 Y 1 A GLY 125 ? A GLY 125 
11 1 Y 1 A GLU 126 ? A GLU 126 
12 1 Y 1 A GLU 161 ? A GLU 161 
# 
loop_
_chem_comp_atom.comp_id 
_chem_comp_atom.atom_id 
_chem_comp_atom.type_symbol 
_chem_comp_atom.pdbx_aromatic_flag 
_chem_comp_atom.pdbx_stereo_config 
_chem_comp_atom.pdbx_ordinal 
ALA N    N  N N 1   
ALA CA   C  N S 2   
ALA C    C  N N 3   
ALA O    O  N N 4   
ALA CB   C  N N 5   
ALA OXT  O  N N 6   
ALA H    H  N N 7   
ALA H2   H  N N 8   
ALA HA   H  N N 9   
ALA HB1  H  N N 10  
ALA HB2  H  N N 11  
ALA HB3  H  N N 12  
ALA HXT  H  N N 13  
ARG N    N  N N 14  
ARG CA   C  N S 15  
ARG C    C  N N 16  
ARG O    O  N N 17  
ARG CB   C  N N 18  
ARG CG   C  N N 19  
ARG CD   C  N N 20  
ARG NE   N  N N 21  
ARG CZ   C  N N 22  
ARG NH1  N  N N 23  
ARG NH2  N  N N 24  
ARG OXT  O  N N 25  
ARG H    H  N N 26  
ARG H2   H  N N 27  
ARG HA   H  N N 28  
ARG HB2  H  N N 29  
ARG HB3  H  N N 30  
ARG HG2  H  N N 31  
ARG HG3  H  N N 32  
ARG HD2  H  N N 33  
ARG HD3  H  N N 34  
ARG HE   H  N N 35  
ARG HH11 H  N N 36  
ARG HH12 H  N N 37  
ARG HH21 H  N N 38  
ARG HH22 H  N N 39  
ARG HXT  H  N N 40  
ASN N    N  N N 41  
ASN CA   C  N S 42  
ASN C    C  N N 43  
ASN O    O  N N 44  
ASN CB   C  N N 45  
ASN CG   C  N N 46  
ASN OD1  O  N N 47  
ASN ND2  N  N N 48  
ASN OXT  O  N N 49  
ASN H    H  N N 50  
ASN H2   H  N N 51  
ASN HA   H  N N 52  
ASN HB2  H  N N 53  
ASN HB3  H  N N 54  
ASN HD21 H  N N 55  
ASN HD22 H  N N 56  
ASN HXT  H  N N 57  
ASP N    N  N N 58  
ASP CA   C  N S 59  
ASP C    C  N N 60  
ASP O    O  N N 61  
ASP CB   C  N N 62  
ASP CG   C  N N 63  
ASP OD1  O  N N 64  
ASP OD2  O  N N 65  
ASP OXT  O  N N 66  
ASP H    H  N N 67  
ASP H2   H  N N 68  
ASP HA   H  N N 69  
ASP HB2  H  N N 70  
ASP HB3  H  N N 71  
ASP HD2  H  N N 72  
ASP HXT  H  N N 73  
BEP C1   C  N N 74  
BEP C2   C  N S 75  
BEP C3   C  N N 76  
BEP O1   O  N N 77  
BEP N2   N  N N 78  
BEP N3   N  N N 79  
BEP C4   C  N N 80  
BEP C5   C  N N 81  
BEP C6   C  N N 82  
BEP C7   C  N N 83  
BEP C8   C  N N 84  
BEP C9   C  N N 85  
BEP C10  C  N N 86  
BEP C11  C  N N 87  
BEP C12  C  N N 88  
BEP C13  C  Y N 89  
BEP C14  C  Y N 90  
BEP C15  C  Y N 91  
BEP C16  C  Y N 92  
BEP C17  C  Y N 93  
BEP C18  C  Y N 94  
BEP C19  C  Y N 95  
BEP C20  C  Y N 96  
BEP C21  C  Y N 97  
BEP C22  C  Y N 98  
BEP C23  C  Y N 99  
BEP C24  C  Y N 100 
BEP H11  H  N N 101 
BEP H12  H  N N 102 
BEP H21  H  N N 103 
BEP H31  H  N N 104 
BEP H32  H  N N 105 
BEP H41  H  N N 106 
BEP H42  H  N N 107 
BEP H51  H  N N 108 
BEP H61  H  N N 109 
BEP H62  H  N N 110 
BEP H63  H  N N 111 
BEP H71  H  N N 112 
BEP H72  H  N N 113 
BEP H73  H  N N 114 
BEP H81  H  N N 115 
BEP H82  H  N N 116 
BEP H91  H  N N 117 
BEP H92  H  N N 118 
BEP H101 H  N N 119 
BEP H102 H  N N 120 
BEP H111 H  N N 121 
BEP H112 H  N N 122 
BEP H121 H  N N 123 
BEP H122 H  N N 124 
BEP H141 H  N N 125 
BEP H151 H  N N 126 
BEP H161 H  N N 127 
BEP H171 H  N N 128 
BEP H181 H  N N 129 
BEP H201 H  N N 130 
BEP H211 H  N N 131 
BEP H221 H  N N 132 
BEP H231 H  N N 133 
BEP H241 H  N N 134 
CA  CA   CA N N 135 
CYS N    N  N N 136 
CYS CA   C  N R 137 
CYS C    C  N N 138 
CYS O    O  N N 139 
CYS CB   C  N N 140 
CYS SG   S  N N 141 
CYS OXT  O  N N 142 
CYS H    H  N N 143 
CYS H2   H  N N 144 
CYS HA   H  N N 145 
CYS HB2  H  N N 146 
CYS HB3  H  N N 147 
CYS HG   H  N N 148 
CYS HXT  H  N N 149 
GLN N    N  N N 150 
GLN CA   C  N S 151 
GLN C    C  N N 152 
GLN O    O  N N 153 
GLN CB   C  N N 154 
GLN CG   C  N N 155 
GLN CD   C  N N 156 
GLN OE1  O  N N 157 
GLN NE2  N  N N 158 
GLN OXT  O  N N 159 
GLN H    H  N N 160 
GLN H2   H  N N 161 
GLN HA   H  N N 162 
GLN HB2  H  N N 163 
GLN HB3  H  N N 164 
GLN HG2  H  N N 165 
GLN HG3  H  N N 166 
GLN HE21 H  N N 167 
GLN HE22 H  N N 168 
GLN HXT  H  N N 169 
GLU N    N  N N 170 
GLU CA   C  N S 171 
GLU C    C  N N 172 
GLU O    O  N N 173 
GLU CB   C  N N 174 
GLU CG   C  N N 175 
GLU CD   C  N N 176 
GLU OE1  O  N N 177 
GLU OE2  O  N N 178 
GLU OXT  O  N N 179 
GLU H    H  N N 180 
GLU H2   H  N N 181 
GLU HA   H  N N 182 
GLU HB2  H  N N 183 
GLU HB3  H  N N 184 
GLU HG2  H  N N 185 
GLU HG3  H  N N 186 
GLU HE2  H  N N 187 
GLU HXT  H  N N 188 
GLY N    N  N N 189 
GLY CA   C  N N 190 
GLY C    C  N N 191 
GLY O    O  N N 192 
GLY OXT  O  N N 193 
GLY H    H  N N 194 
GLY H2   H  N N 195 
GLY HA2  H  N N 196 
GLY HA3  H  N N 197 
GLY HXT  H  N N 198 
HOH O    O  N N 199 
HOH H1   H  N N 200 
HOH H2   H  N N 201 
ILE N    N  N N 202 
ILE CA   C  N S 203 
ILE C    C  N N 204 
ILE O    O  N N 205 
ILE CB   C  N S 206 
ILE CG1  C  N N 207 
ILE CG2  C  N N 208 
ILE CD1  C  N N 209 
ILE OXT  O  N N 210 
ILE H    H  N N 211 
ILE H2   H  N N 212 
ILE HA   H  N N 213 
ILE HB   H  N N 214 
ILE HG12 H  N N 215 
ILE HG13 H  N N 216 
ILE HG21 H  N N 217 
ILE HG22 H  N N 218 
ILE HG23 H  N N 219 
ILE HD11 H  N N 220 
ILE HD12 H  N N 221 
ILE HD13 H  N N 222 
ILE HXT  H  N N 223 
LEU N    N  N N 224 
LEU CA   C  N S 225 
LEU C    C  N N 226 
LEU O    O  N N 227 
LEU CB   C  N N 228 
LEU CG   C  N N 229 
LEU CD1  C  N N 230 
LEU CD2  C  N N 231 
LEU OXT  O  N N 232 
LEU H    H  N N 233 
LEU H2   H  N N 234 
LEU HA   H  N N 235 
LEU HB2  H  N N 236 
LEU HB3  H  N N 237 
LEU HG   H  N N 238 
LEU HD11 H  N N 239 
LEU HD12 H  N N 240 
LEU HD13 H  N N 241 
LEU HD21 H  N N 242 
LEU HD22 H  N N 243 
LEU HD23 H  N N 244 
LEU HXT  H  N N 245 
LYS N    N  N N 246 
LYS CA   C  N S 247 
LYS C    C  N N 248 
LYS O    O  N N 249 
LYS CB   C  N N 250 
LYS CG   C  N N 251 
LYS CD   C  N N 252 
LYS CE   C  N N 253 
LYS NZ   N  N N 254 
LYS OXT  O  N N 255 
LYS H    H  N N 256 
LYS H2   H  N N 257 
LYS HA   H  N N 258 
LYS HB2  H  N N 259 
LYS HB3  H  N N 260 
LYS HG2  H  N N 261 
LYS HG3  H  N N 262 
LYS HD2  H  N N 263 
LYS HD3  H  N N 264 
LYS HE2  H  N N 265 
LYS HE3  H  N N 266 
LYS HZ1  H  N N 267 
LYS HZ2  H  N N 268 
LYS HZ3  H  N N 269 
LYS HXT  H  N N 270 
MET N    N  N N 271 
MET CA   C  N S 272 
MET C    C  N N 273 
MET O    O  N N 274 
MET CB   C  N N 275 
MET CG   C  N N 276 
MET SD   S  N N 277 
MET CE   C  N N 278 
MET OXT  O  N N 279 
MET H    H  N N 280 
MET H2   H  N N 281 
MET HA   H  N N 282 
MET HB2  H  N N 283 
MET HB3  H  N N 284 
MET HG2  H  N N 285 
MET HG3  H  N N 286 
MET HE1  H  N N 287 
MET HE2  H  N N 288 
MET HE3  H  N N 289 
MET HXT  H  N N 290 
PHE N    N  N N 291 
PHE CA   C  N S 292 
PHE C    C  N N 293 
PHE O    O  N N 294 
PHE CB   C  N N 295 
PHE CG   C  Y N 296 
PHE CD1  C  Y N 297 
PHE CD2  C  Y N 298 
PHE CE1  C  Y N 299 
PHE CE2  C  Y N 300 
PHE CZ   C  Y N 301 
PHE OXT  O  N N 302 
PHE H    H  N N 303 
PHE H2   H  N N 304 
PHE HA   H  N N 305 
PHE HB2  H  N N 306 
PHE HB3  H  N N 307 
PHE HD1  H  N N 308 
PHE HD2  H  N N 309 
PHE HE1  H  N N 310 
PHE HE2  H  N N 311 
PHE HZ   H  N N 312 
PHE HXT  H  N N 313 
PRO N    N  N N 314 
PRO CA   C  N S 315 
PRO C    C  N N 316 
PRO O    O  N N 317 
PRO CB   C  N N 318 
PRO CG   C  N N 319 
PRO CD   C  N N 320 
PRO OXT  O  N N 321 
PRO H    H  N N 322 
PRO HA   H  N N 323 
PRO HB2  H  N N 324 
PRO HB3  H  N N 325 
PRO HG2  H  N N 326 
PRO HG3  H  N N 327 
PRO HD2  H  N N 328 
PRO HD3  H  N N 329 
PRO HXT  H  N N 330 
SER N    N  N N 331 
SER CA   C  N S 332 
SER C    C  N N 333 
SER O    O  N N 334 
SER CB   C  N N 335 
SER OG   O  N N 336 
SER OXT  O  N N 337 
SER H    H  N N 338 
SER H2   H  N N 339 
SER HA   H  N N 340 
SER HB2  H  N N 341 
SER HB3  H  N N 342 
SER HG   H  N N 343 
SER HXT  H  N N 344 
THR N    N  N N 345 
THR CA   C  N S 346 
THR C    C  N N 347 
THR O    O  N N 348 
THR CB   C  N R 349 
THR OG1  O  N N 350 
THR CG2  C  N N 351 
THR OXT  O  N N 352 
THR H    H  N N 353 
THR H2   H  N N 354 
THR HA   H  N N 355 
THR HB   H  N N 356 
THR HG1  H  N N 357 
THR HG21 H  N N 358 
THR HG22 H  N N 359 
THR HG23 H  N N 360 
THR HXT  H  N N 361 
TYR N    N  N N 362 
TYR CA   C  N S 363 
TYR C    C  N N 364 
TYR O    O  N N 365 
TYR CB   C  N N 366 
TYR CG   C  Y N 367 
TYR CD1  C  Y N 368 
TYR CD2  C  Y N 369 
TYR CE1  C  Y N 370 
TYR CE2  C  Y N 371 
TYR CZ   C  Y N 372 
TYR OH   O  N N 373 
TYR OXT  O  N N 374 
TYR H    H  N N 375 
TYR H2   H  N N 376 
TYR HA   H  N N 377 
TYR HB2  H  N N 378 
TYR HB3  H  N N 379 
TYR HD1  H  N N 380 
TYR HD2  H  N N 381 
TYR HE1  H  N N 382 
TYR HE2  H  N N 383 
TYR HH   H  N N 384 
TYR HXT  H  N N 385 
VAL N    N  N N 386 
VAL CA   C  N S 387 
VAL C    C  N N 388 
VAL O    O  N N 389 
VAL CB   C  N N 390 
VAL CG1  C  N N 391 
VAL CG2  C  N N 392 
VAL OXT  O  N N 393 
VAL H    H  N N 394 
VAL H2   H  N N 395 
VAL HA   H  N N 396 
VAL HB   H  N N 397 
VAL HG11 H  N N 398 
VAL HG12 H  N N 399 
VAL HG13 H  N N 400 
VAL HG21 H  N N 401 
VAL HG22 H  N N 402 
VAL HG23 H  N N 403 
VAL HXT  H  N N 404 
# 
loop_
_chem_comp_bond.comp_id 
_chem_comp_bond.atom_id_1 
_chem_comp_bond.atom_id_2 
_chem_comp_bond.value_order 
_chem_comp_bond.pdbx_aromatic_flag 
_chem_comp_bond.pdbx_stereo_config 
_chem_comp_bond.pdbx_ordinal 
ALA N   CA   sing N N 1   
ALA N   H    sing N N 2   
ALA N   H2   sing N N 3   
ALA CA  C    sing N N 4   
ALA CA  CB   sing N N 5   
ALA CA  HA   sing N N 6   
ALA C   O    doub N N 7   
ALA C   OXT  sing N N 8   
ALA CB  HB1  sing N N 9   
ALA CB  HB2  sing N N 10  
ALA CB  HB3  sing N N 11  
ALA OXT HXT  sing N N 12  
ARG N   CA   sing N N 13  
ARG N   H    sing N N 14  
ARG N   H2   sing N N 15  
ARG CA  C    sing N N 16  
ARG CA  CB   sing N N 17  
ARG CA  HA   sing N N 18  
ARG C   O    doub N N 19  
ARG C   OXT  sing N N 20  
ARG CB  CG   sing N N 21  
ARG CB  HB2  sing N N 22  
ARG CB  HB3  sing N N 23  
ARG CG  CD   sing N N 24  
ARG CG  HG2  sing N N 25  
ARG CG  HG3  sing N N 26  
ARG CD  NE   sing N N 27  
ARG CD  HD2  sing N N 28  
ARG CD  HD3  sing N N 29  
ARG NE  CZ   sing N N 30  
ARG NE  HE   sing N N 31  
ARG CZ  NH1  sing N N 32  
ARG CZ  NH2  doub N N 33  
ARG NH1 HH11 sing N N 34  
ARG NH1 HH12 sing N N 35  
ARG NH2 HH21 sing N N 36  
ARG NH2 HH22 sing N N 37  
ARG OXT HXT  sing N N 38  
ASN N   CA   sing N N 39  
ASN N   H    sing N N 40  
ASN N   H2   sing N N 41  
ASN CA  C    sing N N 42  
ASN CA  CB   sing N N 43  
ASN CA  HA   sing N N 44  
ASN C   O    doub N N 45  
ASN C   OXT  sing N N 46  
ASN CB  CG   sing N N 47  
ASN CB  HB2  sing N N 48  
ASN CB  HB3  sing N N 49  
ASN CG  OD1  doub N N 50  
ASN CG  ND2  sing N N 51  
ASN ND2 HD21 sing N N 52  
ASN ND2 HD22 sing N N 53  
ASN OXT HXT  sing N N 54  
ASP N   CA   sing N N 55  
ASP N   H    sing N N 56  
ASP N   H2   sing N N 57  
ASP CA  C    sing N N 58  
ASP CA  CB   sing N N 59  
ASP CA  HA   sing N N 60  
ASP C   O    doub N N 61  
ASP C   OXT  sing N N 62  
ASP CB  CG   sing N N 63  
ASP CB  HB2  sing N N 64  
ASP CB  HB3  sing N N 65  
ASP CG  OD1  doub N N 66  
ASP CG  OD2  sing N N 67  
ASP OD2 HD2  sing N N 68  
ASP OXT HXT  sing N N 69  
BEP C1  C2   sing N N 70  
BEP C1  O1   sing N N 71  
BEP C1  H11  sing N N 72  
BEP C1  H12  sing N N 73  
BEP C2  C3   sing N N 74  
BEP C2  N2   sing N N 75  
BEP C2  H21  sing N N 76  
BEP C3  N3   sing N N 77  
BEP C3  H31  sing N N 78  
BEP C3  H32  sing N N 79  
BEP O1  C4   sing N N 80  
BEP N2  C8   sing N N 81  
BEP N2  C11  sing N N 82  
BEP N3  C12  sing N N 83  
BEP N3  C19  sing N N 84  
BEP C4  C5   sing N N 85  
BEP C4  H41  sing N N 86  
BEP C4  H42  sing N N 87  
BEP C5  C6   sing N N 88  
BEP C5  C7   sing N N 89  
BEP C5  H51  sing N N 90  
BEP C6  H61  sing N N 91  
BEP C6  H62  sing N N 92  
BEP C6  H63  sing N N 93  
BEP C7  H71  sing N N 94  
BEP C7  H72  sing N N 95  
BEP C7  H73  sing N N 96  
BEP C8  C9   sing N N 97  
BEP C8  H81  sing N N 98  
BEP C8  H82  sing N N 99  
BEP C9  C10  sing N N 100 
BEP C9  H91  sing N N 101 
BEP C9  H92  sing N N 102 
BEP C10 C11  sing N N 103 
BEP C10 H101 sing N N 104 
BEP C10 H102 sing N N 105 
BEP C11 H111 sing N N 106 
BEP C11 H112 sing N N 107 
BEP C12 C13  sing N N 108 
BEP C12 H121 sing N N 109 
BEP C12 H122 sing N N 110 
BEP C13 C14  doub Y N 111 
BEP C13 C18  sing Y N 112 
BEP C14 C15  sing Y N 113 
BEP C14 H141 sing N N 114 
BEP C15 C16  doub Y N 115 
BEP C15 H151 sing N N 116 
BEP C16 C17  sing Y N 117 
BEP C16 H161 sing N N 118 
BEP C17 C18  doub Y N 119 
BEP C17 H171 sing N N 120 
BEP C18 H181 sing N N 121 
BEP C19 C20  doub Y N 122 
BEP C19 C24  sing Y N 123 
BEP C20 C21  sing Y N 124 
BEP C20 H201 sing N N 125 
BEP C21 C22  doub Y N 126 
BEP C21 H211 sing N N 127 
BEP C22 C23  sing Y N 128 
BEP C22 H221 sing N N 129 
BEP C23 C24  doub Y N 130 
BEP C23 H231 sing N N 131 
BEP C24 H241 sing N N 132 
CYS N   CA   sing N N 133 
CYS N   H    sing N N 134 
CYS N   H2   sing N N 135 
CYS CA  C    sing N N 136 
CYS CA  CB   sing N N 137 
CYS CA  HA   sing N N 138 
CYS C   O    doub N N 139 
CYS C   OXT  sing N N 140 
CYS CB  SG   sing N N 141 
CYS CB  HB2  sing N N 142 
CYS CB  HB3  sing N N 143 
CYS SG  HG   sing N N 144 
CYS OXT HXT  sing N N 145 
GLN N   CA   sing N N 146 
GLN N   H    sing N N 147 
GLN N   H2   sing N N 148 
GLN CA  C    sing N N 149 
GLN CA  CB   sing N N 150 
GLN CA  HA   sing N N 151 
GLN C   O    doub N N 152 
GLN C   OXT  sing N N 153 
GLN CB  CG   sing N N 154 
GLN CB  HB2  sing N N 155 
GLN CB  HB3  sing N N 156 
GLN CG  CD   sing N N 157 
GLN CG  HG2  sing N N 158 
GLN CG  HG3  sing N N 159 
GLN CD  OE1  doub N N 160 
GLN CD  NE2  sing N N 161 
GLN NE2 HE21 sing N N 162 
GLN NE2 HE22 sing N N 163 
GLN OXT HXT  sing N N 164 
GLU N   CA   sing N N 165 
GLU N   H    sing N N 166 
GLU N   H2   sing N N 167 
GLU CA  C    sing N N 168 
GLU CA  CB   sing N N 169 
GLU CA  HA   sing N N 170 
GLU C   O    doub N N 171 
GLU C   OXT  sing N N 172 
GLU CB  CG   sing N N 173 
GLU CB  HB2  sing N N 174 
GLU CB  HB3  sing N N 175 
GLU CG  CD   sing N N 176 
GLU CG  HG2  sing N N 177 
GLU CG  HG3  sing N N 178 
GLU CD  OE1  doub N N 179 
GLU CD  OE2  sing N N 180 
GLU OE2 HE2  sing N N 181 
GLU OXT HXT  sing N N 182 
GLY N   CA   sing N N 183 
GLY N   H    sing N N 184 
GLY N   H2   sing N N 185 
GLY CA  C    sing N N 186 
GLY CA  HA2  sing N N 187 
GLY CA  HA3  sing N N 188 
GLY C   O    doub N N 189 
GLY C   OXT  sing N N 190 
GLY OXT HXT  sing N N 191 
HOH O   H1   sing N N 192 
HOH O   H2   sing N N 193 
ILE N   CA   sing N N 194 
ILE N   H    sing N N 195 
ILE N   H2   sing N N 196 
ILE CA  C    sing N N 197 
ILE CA  CB   sing N N 198 
ILE CA  HA   sing N N 199 
ILE C   O    doub N N 200 
ILE C   OXT  sing N N 201 
ILE CB  CG1  sing N N 202 
ILE CB  CG2  sing N N 203 
ILE CB  HB   sing N N 204 
ILE CG1 CD1  sing N N 205 
ILE CG1 HG12 sing N N 206 
ILE CG1 HG13 sing N N 207 
ILE CG2 HG21 sing N N 208 
ILE CG2 HG22 sing N N 209 
ILE CG2 HG23 sing N N 210 
ILE CD1 HD11 sing N N 211 
ILE CD1 HD12 sing N N 212 
ILE CD1 HD13 sing N N 213 
ILE OXT HXT  sing N N 214 
LEU N   CA   sing N N 215 
LEU N   H    sing N N 216 
LEU N   H2   sing N N 217 
LEU CA  C    sing N N 218 
LEU CA  CB   sing N N 219 
LEU CA  HA   sing N N 220 
LEU C   O    doub N N 221 
LEU C   OXT  sing N N 222 
LEU CB  CG   sing N N 223 
LEU CB  HB2  sing N N 224 
LEU CB  HB3  sing N N 225 
LEU CG  CD1  sing N N 226 
LEU CG  CD2  sing N N 227 
LEU CG  HG   sing N N 228 
LEU CD1 HD11 sing N N 229 
LEU CD1 HD12 sing N N 230 
LEU CD1 HD13 sing N N 231 
LEU CD2 HD21 sing N N 232 
LEU CD2 HD22 sing N N 233 
LEU CD2 HD23 sing N N 234 
LEU OXT HXT  sing N N 235 
LYS N   CA   sing N N 236 
LYS N   H    sing N N 237 
LYS N   H2   sing N N 238 
LYS CA  C    sing N N 239 
LYS CA  CB   sing N N 240 
LYS CA  HA   sing N N 241 
LYS C   O    doub N N 242 
LYS C   OXT  sing N N 243 
LYS CB  CG   sing N N 244 
LYS CB  HB2  sing N N 245 
LYS CB  HB3  sing N N 246 
LYS CG  CD   sing N N 247 
LYS CG  HG2  sing N N 248 
LYS CG  HG3  sing N N 249 
LYS CD  CE   sing N N 250 
LYS CD  HD2  sing N N 251 
LYS CD  HD3  sing N N 252 
LYS CE  NZ   sing N N 253 
LYS CE  HE2  sing N N 254 
LYS CE  HE3  sing N N 255 
LYS NZ  HZ1  sing N N 256 
LYS NZ  HZ2  sing N N 257 
LYS NZ  HZ3  sing N N 258 
LYS OXT HXT  sing N N 259 
MET N   CA   sing N N 260 
MET N   H    sing N N 261 
MET N   H2   sing N N 262 
MET CA  C    sing N N 263 
MET CA  CB   sing N N 264 
MET CA  HA   sing N N 265 
MET C   O    doub N N 266 
MET C   OXT  sing N N 267 
MET CB  CG   sing N N 268 
MET CB  HB2  sing N N 269 
MET CB  HB3  sing N N 270 
MET CG  SD   sing N N 271 
MET CG  HG2  sing N N 272 
MET CG  HG3  sing N N 273 
MET SD  CE   sing N N 274 
MET CE  HE1  sing N N 275 
MET CE  HE2  sing N N 276 
MET CE  HE3  sing N N 277 
MET OXT HXT  sing N N 278 
PHE N   CA   sing N N 279 
PHE N   H    sing N N 280 
PHE N   H2   sing N N 281 
PHE CA  C    sing N N 282 
PHE CA  CB   sing N N 283 
PHE CA  HA   sing N N 284 
PHE C   O    doub N N 285 
PHE C   OXT  sing N N 286 
PHE CB  CG   sing N N 287 
PHE CB  HB2  sing N N 288 
PHE CB  HB3  sing N N 289 
PHE CG  CD1  doub Y N 290 
PHE CG  CD2  sing Y N 291 
PHE CD1 CE1  sing Y N 292 
PHE CD1 HD1  sing N N 293 
PHE CD2 CE2  doub Y N 294 
PHE CD2 HD2  sing N N 295 
PHE CE1 CZ   doub Y N 296 
PHE CE1 HE1  sing N N 297 
PHE CE2 CZ   sing Y N 298 
PHE CE2 HE2  sing N N 299 
PHE CZ  HZ   sing N N 300 
PHE OXT HXT  sing N N 301 
PRO N   CA   sing N N 302 
PRO N   CD   sing N N 303 
PRO N   H    sing N N 304 
PRO CA  C    sing N N 305 
PRO CA  CB   sing N N 306 
PRO CA  HA   sing N N 307 
PRO C   O    doub N N 308 
PRO C   OXT  sing N N 309 
PRO CB  CG   sing N N 310 
PRO CB  HB2  sing N N 311 
PRO CB  HB3  sing N N 312 
PRO CG  CD   sing N N 313 
PRO CG  HG2  sing N N 314 
PRO CG  HG3  sing N N 315 
PRO CD  HD2  sing N N 316 
PRO CD  HD3  sing N N 317 
PRO OXT HXT  sing N N 318 
SER N   CA   sing N N 319 
SER N   H    sing N N 320 
SER N   H2   sing N N 321 
SER CA  C    sing N N 322 
SER CA  CB   sing N N 323 
SER CA  HA   sing N N 324 
SER C   O    doub N N 325 
SER C   OXT  sing N N 326 
SER CB  OG   sing N N 327 
SER CB  HB2  sing N N 328 
SER CB  HB3  sing N N 329 
SER OG  HG   sing N N 330 
SER OXT HXT  sing N N 331 
THR N   CA   sing N N 332 
THR N   H    sing N N 333 
THR N   H2   sing N N 334 
THR CA  C    sing N N 335 
THR CA  CB   sing N N 336 
THR CA  HA   sing N N 337 
THR C   O    doub N N 338 
THR C   OXT  sing N N 339 
THR CB  OG1  sing N N 340 
THR CB  CG2  sing N N 341 
THR CB  HB   sing N N 342 
THR OG1 HG1  sing N N 343 
THR CG2 HG21 sing N N 344 
THR CG2 HG22 sing N N 345 
THR CG2 HG23 sing N N 346 
THR OXT HXT  sing N N 347 
TYR N   CA   sing N N 348 
TYR N   H    sing N N 349 
TYR N   H2   sing N N 350 
TYR CA  C    sing N N 351 
TYR CA  CB   sing N N 352 
TYR CA  HA   sing N N 353 
TYR C   O    doub N N 354 
TYR C   OXT  sing N N 355 
TYR CB  CG   sing N N 356 
TYR CB  HB2  sing N N 357 
TYR CB  HB3  sing N N 358 
TYR CG  CD1  doub Y N 359 
TYR CG  CD2  sing Y N 360 
TYR CD1 CE1  sing Y N 361 
TYR CD1 HD1  sing N N 362 
TYR CD2 CE2  doub Y N 363 
TYR CD2 HD2  sing N N 364 
TYR CE1 CZ   doub Y N 365 
TYR CE1 HE1  sing N N 366 
TYR CE2 CZ   sing Y N 367 
TYR CE2 HE2  sing N N 368 
TYR CZ  OH   sing N N 369 
TYR OH  HH   sing N N 370 
TYR OXT HXT  sing N N 371 
VAL N   CA   sing N N 372 
VAL N   H    sing N N 373 
VAL N   H2   sing N N 374 
VAL CA  C    sing N N 375 
VAL CA  CB   sing N N 376 
VAL CA  HA   sing N N 377 
VAL C   O    doub N N 378 
VAL C   OXT  sing N N 379 
VAL CB  CG1  sing N N 380 
VAL CB  CG2  sing N N 381 
VAL CB  HB   sing N N 382 
VAL CG1 HG11 sing N N 383 
VAL CG1 HG12 sing N N 384 
VAL CG1 HG13 sing N N 385 
VAL CG2 HG21 sing N N 386 
VAL CG2 HG22 sing N N 387 
VAL CG2 HG23 sing N N 388 
VAL OXT HXT  sing N N 389 
# 
loop_
_pdbx_entity_nonpoly.entity_id 
_pdbx_entity_nonpoly.name 
_pdbx_entity_nonpoly.comp_id 
2 'CALCIUM ION'                                          CA  
3 '1-ISOBUTOXY-2-PYRROLIDINO-3[N-BENZYLANILINO] PROPANE' BEP 
4 water                                                  HOH 
# 
loop_
_pdbx_initial_refinement_model.id 
_pdbx_initial_refinement_model.entity_id_list 
_pdbx_initial_refinement_model.type 
_pdbx_initial_refinement_model.source_name 
_pdbx_initial_refinement_model.accession_code 
_pdbx_initial_refinement_model.details 
1 ? 'experimental model' PDB 1AVS 'PDB ENTRIES 1AVS AND 1TN4' 
2 ? 'experimental model' PDB 1TN4 'PDB ENTRIES 1AVS AND 1TN4' 
# 
